data_5ANN
#
_entry.id   5ANN
#
_cell.length_a   74.620
_cell.length_b   205.180
_cell.length_c   145.770
_cell.angle_alpha   90.00
_cell.angle_beta   90.00
_cell.angle_gamma   90.00
#
_symmetry.space_group_name_H-M   'P 21 21 2'
#
loop_
_entity.id
_entity.type
_entity.pdbx_description
1 polymer BETA-FRUCTOFURANOSIDASE
2 branched alpha-D-mannopyranose-(1-3)-alpha-D-mannopyranose-(1-6)-[alpha-D-mannopyranose-(1-3)]beta-D-mannopyranose-(1-4)-2-acetamido-2-deoxy-beta-D-glucopyranose-(1-4)-2-acetamido-2-deoxy-beta-D-glucopyranose
3 branched alpha-D-mannopyranose-(1-2)-alpha-D-mannopyranose-(1-2)-alpha-D-mannopyranose-(1-3)-[alpha-D-mannopyranose-(1-2)-alpha-D-mannopyranose-(1-6)-[alpha-D-mannopyranose-(1-3)]alpha-D-mannopyranose-(1-6)]beta-D-mannopyranose-(1-4)-2-acetamido-2-deoxy-beta-D-glucopyranose-(1-4)-2-acetamido-2-deoxy-beta-D-glucopyranose
4 branched 2-acetamido-2-deoxy-beta-D-glucopyranose-(1-4)-2-acetamido-2-deoxy-beta-D-glucopyranose
5 non-polymer GLYCEROL
6 non-polymer 2-acetamido-2-deoxy-beta-D-glucopyranose
7 water water
#
_entity_poly.entity_id   1
_entity_poly.type   'polypeptide(L)'
_entity_poly.pdbx_seq_one_letter_code
;MIAPLLKTLPFLAAAYAAELDLPNFSALNRRQDNSTSSSAGCSLDQTVAPGNLTLCGNATLFTTFRPKARFIAPEGWMND
PMGLYQRADGSIHAGYQSHPKHIQWGNISQGAAYSSDFTSWTDFNGSEGYKTIWPSQIYDIRGVFDGSIIKEGIDGYPTI
LYTSTSFGPLGATLNEAEGTETQSLAYTTDDGASWIKLGYGAGQNPVIYEWPETNLTGFRDPYVFQSPRLEALLANTTSI
TNATGDHFATISGGVHGDGARLFLYRQHTTGEFIKWTYLGPLVTTGYKESYGEWSGNYGINFETAGVTRLNPAGAAWDNG
SDTTAVDFVTFGTEQGRADHQNHWPLWAAVDYEVRDNGSIEAVIAYSGVQDWGRSYAYASFPVEGYRQVSVGWIYEDDDN
VILAKQFGYQGAFTLFRDLFVKVVENVSPSTPGLFEQASWSTKNSTDGMSVTVTTLGQRVVPETLAAYKGNSTVSTLAPV
MLNESAAAYTPFSSQPTDRFYALTGSFEFGLNTTAKAGFRVLASEEEYTDIWFDPASENLTVVRTASSLIKSFGNDTELA
KVKLYEIVGAESKTLNLTVFVDGSVIEIYANDEVALSTRAYPWLANSTGAGLLADGTTAGDVVGVSGLELWDGLVDAWPA
RPANTSQGLVWDGPTAAMYGLFAGY
;
_entity_poly.pdbx_strand_id   A,B
#
loop_
_chem_comp.id
_chem_comp.type
_chem_comp.name
_chem_comp.formula
BMA D-saccharide, beta linking beta-D-mannopyranose 'C6 H12 O6'
GOL non-polymer GLYCEROL 'C3 H8 O3'
MAN D-saccharide, alpha linking alpha-D-mannopyranose 'C6 H12 O6'
NAG D-saccharide, beta linking 2-acetamido-2-deoxy-beta-D-glucopyranose 'C8 H15 N O6'
#
# COMPACT_ATOMS: atom_id res chain seq x y z
N CYS A 42 13.91 11.00 -39.28
CA CYS A 42 13.94 10.29 -38.00
C CYS A 42 13.18 8.96 -38.08
N SER A 43 13.92 7.88 -37.90
CA SER A 43 13.34 6.56 -37.84
C SER A 43 13.51 6.02 -36.43
N LEU A 44 12.51 5.28 -35.96
CA LEU A 44 12.54 4.67 -34.64
C LEU A 44 12.68 3.15 -34.76
N ASP A 45 13.26 2.70 -35.88
CA ASP A 45 13.47 1.28 -36.14
C ASP A 45 14.66 0.77 -35.32
N GLN A 46 14.34 0.00 -34.28
CA GLN A 46 15.35 -0.55 -33.39
C GLN A 46 15.86 -1.93 -33.83
N THR A 47 15.55 -2.32 -35.07
CA THR A 47 16.12 -3.54 -35.67
C THR A 47 17.30 -3.21 -36.59
N VAL A 48 17.51 -1.92 -36.86
CA VAL A 48 18.65 -1.46 -37.67
C VAL A 48 19.48 -0.45 -36.86
N ALA A 49 20.66 -0.09 -37.39
CA ALA A 49 21.53 0.92 -36.78
C ALA A 49 20.77 2.23 -36.54
N PRO A 50 21.12 2.95 -35.43
CA PRO A 50 20.45 4.22 -35.17
C PRO A 50 20.81 5.24 -36.23
N GLY A 51 19.84 6.02 -36.66
CA GLY A 51 20.12 7.11 -37.58
C GLY A 51 20.66 8.32 -36.84
N ASN A 52 20.36 9.50 -37.38
CA ASN A 52 20.67 10.74 -36.73
C ASN A 52 19.47 11.07 -35.86
N LEU A 53 19.57 10.68 -34.59
CA LEU A 53 18.44 10.81 -33.66
C LEU A 53 18.18 12.26 -33.21
N THR A 54 19.13 13.16 -33.48
CA THR A 54 18.96 14.61 -33.23
C THR A 54 17.88 15.26 -34.12
N LEU A 55 17.52 14.58 -35.20
CA LEU A 55 16.47 15.05 -36.10
C LEU A 55 15.08 14.67 -35.60
N CYS A 56 15.02 13.79 -34.59
CA CYS A 56 13.76 13.35 -34.01
C CYS A 56 13.11 14.47 -33.20
N GLY A 57 11.77 14.46 -33.19
CA GLY A 57 10.97 15.45 -32.47
C GLY A 57 11.06 15.32 -30.95
N ASN A 58 10.49 16.29 -30.25
CA ASN A 58 10.43 16.31 -28.79
C ASN A 58 9.69 15.10 -28.24
N ALA A 59 10.28 14.43 -27.26
CA ALA A 59 9.68 13.26 -26.59
C ALA A 59 9.34 12.07 -27.51
N THR A 60 9.91 12.06 -28.73
CA THR A 60 9.77 10.91 -29.64
C THR A 60 10.53 9.69 -29.09
N LEU A 61 11.56 9.92 -28.27
CA LEU A 61 12.26 8.84 -27.59
C LEU A 61 11.81 8.65 -26.13
N PHE A 62 10.55 9.02 -25.82
CA PHE A 62 10.07 9.03 -24.43
C PHE A 62 10.15 7.68 -23.74
N THR A 63 9.64 6.64 -24.41
CA THR A 63 9.56 5.31 -23.80
C THR A 63 10.81 4.45 -24.04
N THR A 64 11.65 4.85 -25.00
CA THR A 64 12.74 3.99 -25.51
C THR A 64 13.73 3.51 -24.44
N PHE A 65 14.14 4.42 -23.56
CA PHE A 65 15.15 4.11 -22.54
C PHE A 65 14.63 4.30 -21.11
N ARG A 66 13.32 4.49 -20.99
CA ARG A 66 12.72 4.99 -19.75
C ARG A 66 12.57 3.93 -18.66
N PRO A 67 13.07 4.22 -17.43
CA PRO A 67 12.79 3.30 -16.31
C PRO A 67 11.28 3.16 -16.07
N LYS A 68 10.87 1.94 -15.72
CA LYS A 68 9.48 1.64 -15.39
C LYS A 68 9.26 1.20 -13.93
N ALA A 69 10.32 0.73 -13.26
CA ALA A 69 10.18 0.07 -11.96
C ALA A 69 10.62 0.91 -10.74
N ARG A 70 10.77 2.22 -10.92
CA ARG A 70 11.31 3.10 -9.89
C ARG A 70 10.61 4.46 -9.88
N PHE A 71 10.99 5.28 -8.90
CA PHE A 71 10.49 6.64 -8.80
C PHE A 71 11.09 7.50 -9.92
N ILE A 72 10.21 8.21 -10.62
CA ILE A 72 10.57 9.13 -11.70
C ILE A 72 9.42 10.12 -11.87
N ALA A 73 9.75 11.36 -12.22
CA ALA A 73 8.76 12.38 -12.56
C ALA A 73 7.89 11.94 -13.76
N PRO A 74 6.65 12.46 -13.87
CA PRO A 74 5.84 12.16 -15.07
C PRO A 74 6.52 12.58 -16.38
N GLU A 75 7.25 13.70 -16.36
CA GLU A 75 7.99 14.20 -17.52
C GLU A 75 8.96 15.31 -17.12
N GLY A 76 9.81 15.72 -18.07
CA GLY A 76 10.66 16.89 -17.90
C GLY A 76 11.83 16.66 -16.97
N TRP A 77 12.36 17.75 -16.44
CA TRP A 77 13.57 17.71 -15.61
C TRP A 77 13.25 17.34 -14.17
N MET A 78 14.06 16.47 -13.58
CA MET A 78 14.08 16.26 -12.13
C MET A 78 15.52 16.16 -11.62
N ASN A 79 15.73 16.56 -10.36
CA ASN A 79 16.95 16.17 -9.65
C ASN A 79 16.65 15.68 -8.22
N ASP A 80 17.30 16.28 -7.22
CA ASP A 80 17.32 15.79 -5.82
C ASP A 80 15.97 15.40 -5.24
N PRO A 81 15.91 14.26 -4.51
CA PRO A 81 14.78 14.01 -3.61
C PRO A 81 14.70 15.10 -2.55
N MET A 82 13.50 15.40 -2.08
CA MET A 82 13.31 16.44 -1.06
C MET A 82 12.01 16.18 -0.32
N GLY A 83 11.87 16.83 0.84
CA GLY A 83 10.61 16.79 1.59
C GLY A 83 10.13 15.38 1.93
N LEU A 84 11.06 14.48 2.18
CA LEU A 84 10.72 13.10 2.46
C LEU A 84 10.18 12.94 3.88
N TYR A 85 9.03 12.27 4.01
CA TYR A 85 8.53 11.88 5.34
C TYR A 85 7.50 10.79 5.27
N GLN A 86 7.38 10.03 6.37
CA GLN A 86 6.31 9.05 6.49
C GLN A 86 5.12 9.80 7.07
N ARG A 87 4.00 9.76 6.36
CA ARG A 87 2.80 10.47 6.77
C ARG A 87 2.10 9.69 7.88
N ALA A 88 1.16 10.37 8.56
CA ALA A 88 0.39 9.79 9.67
C ALA A 88 -0.29 8.44 9.32
N ASP A 89 -0.71 8.25 8.07
CA ASP A 89 -1.34 6.98 7.67
C ASP A 89 -0.30 5.90 7.37
N GLY A 90 0.98 6.20 7.60
CA GLY A 90 2.07 5.24 7.35
C GLY A 90 2.64 5.26 5.94
N SER A 91 1.96 5.92 5.01
CA SER A 91 2.44 6.01 3.61
C SER A 91 3.69 6.92 3.51
N ILE A 92 4.42 6.82 2.40
CA ILE A 92 5.63 7.61 2.20
C ILE A 92 5.34 8.77 1.26
N HIS A 93 5.62 10.01 1.53
CA HIS A 93 5.76 11.27 0.80
C HIS A 93 7.22 11.47 0.39
N ALA A 94 7.13 11.53 -0.97
CA ALA A 94 8.40 11.85 -1.61
C ALA A 94 8.25 13.06 -2.51
N GLY A 95 9.04 14.09 -2.22
CA GLY A 95 9.16 15.25 -3.09
C GLY A 95 10.43 15.14 -3.93
N TYR A 96 10.53 16.02 -4.94
CA TYR A 96 11.72 16.09 -5.79
C TYR A 96 11.82 17.43 -6.48
N GLN A 97 13.06 17.89 -6.66
CA GLN A 97 13.35 19.06 -7.48
C GLN A 97 12.83 18.79 -8.89
N SER A 98 11.98 19.69 -9.39
CA SER A 98 11.23 19.44 -10.60
C SER A 98 11.16 20.68 -11.47
N HIS A 99 11.33 20.47 -12.78
CA HIS A 99 11.06 21.50 -13.79
C HIS A 99 10.28 20.89 -14.97
N PRO A 100 8.93 20.87 -14.88
CA PRO A 100 8.08 20.30 -15.94
C PRO A 100 8.28 20.99 -17.30
N LYS A 101 8.10 20.23 -18.37
CA LYS A 101 8.12 20.74 -19.76
C LYS A 101 9.46 21.35 -20.20
N HIS A 102 10.54 20.98 -19.49
CA HIS A 102 11.89 21.43 -19.80
C HIS A 102 12.77 20.21 -19.60
N ILE A 103 13.96 20.25 -20.18
CA ILE A 103 14.93 19.18 -19.99
C ILE A 103 16.26 19.69 -19.40
N GLN A 104 16.25 20.96 -18.99
CA GLN A 104 17.29 21.52 -18.12
C GLN A 104 16.68 22.12 -16.85
N TRP A 105 17.50 22.22 -15.82
CA TRP A 105 17.12 22.78 -14.52
C TRP A 105 16.60 24.22 -14.66
N GLY A 106 15.57 24.56 -13.90
CA GLY A 106 15.07 25.94 -13.85
C GLY A 106 13.82 26.03 -13.01
N ASN A 107 13.49 27.26 -12.58
CA ASN A 107 12.28 27.52 -11.79
C ASN A 107 12.02 26.43 -10.73
N ILE A 108 13.07 26.01 -10.06
CA ILE A 108 13.04 24.68 -9.43
C ILE A 108 11.94 24.60 -8.35
N SER A 109 11.18 23.53 -8.43
CA SER A 109 9.93 23.36 -7.70
C SER A 109 9.91 22.00 -7.01
N GLN A 110 9.02 21.82 -6.04
CA GLN A 110 8.78 20.46 -5.50
C GLN A 110 7.68 19.76 -6.26
N GLY A 111 8.06 18.70 -6.97
CA GLY A 111 7.10 17.73 -7.52
C GLY A 111 6.88 16.70 -6.42
N ALA A 112 5.72 16.06 -6.39
CA ALA A 112 5.44 15.13 -5.29
C ALA A 112 4.58 13.91 -5.65
N ALA A 113 4.82 12.82 -4.93
CA ALA A 113 4.02 11.60 -5.02
C ALA A 113 4.02 10.84 -3.70
N TYR A 114 3.21 9.79 -3.61
CA TYR A 114 3.13 9.00 -2.38
C TYR A 114 3.00 7.50 -2.68
N SER A 115 3.35 6.70 -1.67
CA SER A 115 3.39 5.25 -1.79
C SER A 115 3.18 4.59 -0.45
N SER A 116 2.54 3.44 -0.47
CA SER A 116 2.39 2.62 0.71
C SER A 116 3.52 1.63 0.91
N ASP A 117 4.41 1.50 -0.07
CA ASP A 117 5.38 0.42 -0.01
C ASP A 117 6.75 0.76 -0.64
N PHE A 118 7.02 2.06 -0.79
CA PHE A 118 8.22 2.58 -1.51
C PHE A 118 8.28 2.22 -3.01
N THR A 119 7.30 1.47 -3.50
CA THR A 119 7.47 0.75 -4.78
C THR A 119 6.43 1.14 -5.83
N SER A 120 5.16 1.13 -5.44
CA SER A 120 4.07 1.56 -6.31
C SER A 120 3.63 2.96 -5.88
N TRP A 121 3.65 3.90 -6.82
CA TRP A 121 3.50 5.33 -6.51
C TRP A 121 2.27 5.92 -7.21
N THR A 122 1.75 7.00 -6.61
CA THR A 122 0.65 7.79 -7.17
C THR A 122 1.06 9.26 -7.10
N ASP A 123 0.99 9.94 -8.25
CA ASP A 123 1.24 11.39 -8.31
C ASP A 123 0.17 12.16 -7.55
N PHE A 124 0.56 13.25 -6.88
CA PHE A 124 -0.41 14.29 -6.51
C PHE A 124 -0.87 15.00 -7.77
N ASN A 125 -2.10 15.51 -7.73
CA ASN A 125 -2.69 16.25 -8.82
C ASN A 125 -3.51 17.40 -8.24
N GLY A 126 -2.97 18.61 -8.35
CA GLY A 126 -3.62 19.81 -7.86
C GLY A 126 -3.62 20.89 -8.93
N SER A 127 -3.77 22.14 -8.50
CA SER A 127 -3.83 23.28 -9.43
C SER A 127 -2.57 23.41 -10.30
N GLU A 128 -1.41 23.01 -9.76
CA GLU A 128 -0.16 23.01 -10.51
C GLU A 128 0.30 21.61 -10.95
N GLY A 129 -0.65 20.75 -11.30
CA GLY A 129 -0.34 19.40 -11.76
C GLY A 129 0.24 18.59 -10.64
N TYR A 130 1.46 18.08 -10.84
CA TYR A 130 2.13 17.29 -9.80
C TYR A 130 3.08 18.10 -8.90
N LYS A 131 3.18 19.41 -9.12
CA LYS A 131 3.93 20.28 -8.22
C LYS A 131 3.12 20.56 -6.97
N THR A 132 3.81 20.74 -5.85
CA THR A 132 3.14 21.14 -4.60
C THR A 132 3.78 22.37 -3.95
N ILE A 133 5.02 22.70 -4.30
CA ILE A 133 5.66 23.97 -3.94
C ILE A 133 6.41 24.52 -5.17
N TRP A 134 6.34 25.83 -5.37
CA TRP A 134 6.94 26.48 -6.54
C TRP A 134 7.39 27.91 -6.18
N PRO A 135 8.38 28.46 -6.92
CA PRO A 135 8.76 29.87 -6.70
C PRO A 135 7.55 30.80 -6.76
N SER A 136 7.37 31.65 -5.75
CA SER A 136 6.17 32.51 -5.71
C SER A 136 6.37 33.86 -4.99
N GLN A 137 7.54 34.04 -4.38
CA GLN A 137 7.81 35.18 -3.51
C GLN A 137 9.19 35.73 -3.79
N ILE A 138 9.44 36.99 -3.46
CA ILE A 138 10.76 37.58 -3.67
C ILE A 138 11.90 36.71 -3.08
N TYR A 139 11.64 36.07 -1.94
CA TYR A 139 12.67 35.30 -1.23
C TYR A 139 12.96 33.93 -1.85
N ASP A 140 12.02 33.37 -2.62
CA ASP A 140 12.24 32.07 -3.27
C ASP A 140 11.97 32.03 -4.79
N ILE A 141 11.82 33.21 -5.42
CA ILE A 141 11.47 33.30 -6.85
C ILE A 141 12.51 32.66 -7.79
N ARG A 142 13.77 32.60 -7.34
CA ARG A 142 14.85 32.02 -8.13
C ARG A 142 14.88 30.48 -8.05
N GLY A 143 14.10 29.91 -7.13
CA GLY A 143 14.03 28.45 -6.99
C GLY A 143 13.70 28.03 -5.56
N VAL A 144 12.82 27.02 -5.48
CA VAL A 144 12.51 26.32 -4.24
C VAL A 144 13.47 25.14 -4.21
N PHE A 145 14.61 25.34 -3.55
CA PHE A 145 15.67 24.32 -3.46
C PHE A 145 15.27 23.26 -2.44
N ASP A 146 16.16 22.29 -2.20
CA ASP A 146 15.91 21.18 -1.28
C ASP A 146 15.41 21.64 0.10
N GLY A 147 14.59 20.79 0.70
CA GLY A 147 14.13 20.99 2.07
C GLY A 147 13.81 19.66 2.73
N SER A 148 13.63 19.70 4.05
CA SER A 148 13.35 18.50 4.83
C SER A 148 12.23 18.78 5.86
N ILE A 149 11.71 17.70 6.45
CA ILE A 149 10.43 17.75 7.16
C ILE A 149 10.55 17.76 8.68
N ILE A 150 9.88 18.74 9.28
CA ILE A 150 9.54 18.74 10.69
C ILE A 150 8.17 18.10 10.78
N LYS A 151 8.09 16.86 11.25
CA LYS A 151 6.82 16.10 11.27
C LYS A 151 5.73 16.77 12.09
N GLU A 152 6.10 17.31 13.26
CA GLU A 152 5.15 18.04 14.09
C GLU A 152 5.56 19.51 14.19
N GLY A 153 5.16 20.29 13.19
CA GLY A 153 5.63 21.67 13.04
C GLY A 153 4.58 22.73 13.35
N ILE A 154 4.47 23.70 12.46
CA ILE A 154 3.54 24.83 12.60
C ILE A 154 2.14 24.30 12.84
N ASP A 155 1.55 24.70 13.99
CA ASP A 155 0.21 24.28 14.44
C ASP A 155 0.02 22.76 14.49
N GLY A 156 1.11 22.02 14.72
CA GLY A 156 1.09 20.55 14.71
C GLY A 156 1.17 19.88 13.33
N TYR A 157 1.19 20.67 12.26
CA TYR A 157 1.22 20.12 10.88
C TYR A 157 2.63 19.79 10.37
N PRO A 158 2.76 18.81 9.44
CA PRO A 158 4.08 18.60 8.84
C PRO A 158 4.55 19.90 8.17
N THR A 159 5.82 20.20 8.34
CA THR A 159 6.39 21.50 8.01
C THR A 159 7.72 21.28 7.29
N ILE A 160 7.89 21.94 6.15
CA ILE A 160 9.13 21.85 5.41
C ILE A 160 10.01 23.07 5.71
N LEU A 161 11.27 22.81 6.03
CA LEU A 161 12.29 23.85 6.03
C LEU A 161 13.08 23.67 4.75
N TYR A 162 13.09 24.69 3.89
CA TYR A 162 13.71 24.60 2.56
C TYR A 162 14.56 25.81 2.24
N THR A 163 15.52 25.63 1.33
CA THR A 163 16.29 26.77 0.82
C THR A 163 15.48 27.59 -0.19
N SER A 164 15.15 28.81 0.22
CA SER A 164 14.49 29.80 -0.61
C SER A 164 15.57 30.64 -1.29
N THR A 165 15.58 30.62 -2.63
CA THR A 165 16.61 31.39 -3.36
C THR A 165 16.07 32.61 -4.07
N SER A 166 16.88 33.67 -4.06
CA SER A 166 16.55 34.91 -4.76
C SER A 166 17.67 35.25 -5.75
N PHE A 167 17.71 36.50 -6.20
N PHE A 167 17.71 36.50 -6.20
CA PHE A 167 18.62 36.94 -7.26
CA PHE A 167 18.62 36.95 -7.25
C PHE A 167 20.09 36.99 -6.82
C PHE A 167 20.08 36.99 -6.81
N GLY A 168 20.99 37.03 -7.80
CA GLY A 168 22.42 37.20 -7.56
C GLY A 168 23.24 35.98 -7.95
N PRO A 169 24.58 36.15 -8.08
CA PRO A 169 25.47 35.00 -8.30
C PRO A 169 25.25 33.92 -7.24
N LEU A 170 25.02 32.69 -7.67
CA LEU A 170 24.77 31.57 -6.77
C LEU A 170 25.64 30.39 -7.23
N GLY A 171 26.62 30.03 -6.41
CA GLY A 171 27.52 28.92 -6.73
C GLY A 171 28.83 28.98 -5.96
N ALA A 172 29.38 27.79 -5.69
CA ALA A 172 30.64 27.62 -4.98
C ALA A 172 31.85 28.28 -5.66
N THR A 173 31.82 28.43 -6.98
CA THR A 173 32.92 29.06 -7.72
C THR A 173 32.63 30.54 -8.03
N LEU A 174 31.48 31.05 -7.60
CA LEU A 174 31.07 32.42 -7.87
C LEU A 174 31.19 33.29 -6.62
N ASN A 175 30.91 34.58 -6.77
CA ASN A 175 30.94 35.51 -5.64
C ASN A 175 29.53 35.72 -5.10
N GLU A 176 29.02 34.69 -4.43
CA GLU A 176 27.69 34.73 -3.83
C GLU A 176 27.64 35.71 -2.66
N ALA A 177 26.50 36.37 -2.50
CA ALA A 177 26.27 37.25 -1.38
C ALA A 177 25.12 36.76 -0.53
N GLU A 178 25.12 37.20 0.73
CA GLU A 178 24.08 36.95 1.71
C GLU A 178 22.71 37.37 1.16
N GLY A 179 21.68 36.54 1.39
CA GLY A 179 20.34 36.82 0.90
C GLY A 179 19.95 36.00 -0.34
N THR A 180 20.93 35.65 -1.16
CA THR A 180 20.69 34.85 -2.36
C THR A 180 20.14 33.46 -1.99
N GLU A 181 20.68 32.87 -0.93
CA GLU A 181 20.15 31.62 -0.38
C GLU A 181 19.75 31.85 1.06
N THR A 182 18.45 31.68 1.33
CA THR A 182 17.94 31.76 2.70
C THR A 182 17.14 30.49 2.98
N GLN A 183 16.64 30.34 4.20
CA GLN A 183 15.87 29.16 4.58
C GLN A 183 14.48 29.58 5.06
N SER A 184 13.45 28.92 4.51
CA SER A 184 12.07 29.30 4.74
C SER A 184 11.19 28.13 5.16
N LEU A 185 10.03 28.44 5.75
CA LEU A 185 9.08 27.43 6.21
C LEU A 185 7.78 27.42 5.42
N ALA A 186 7.25 26.22 5.22
CA ALA A 186 5.88 26.01 4.75
C ALA A 186 5.30 24.79 5.47
N TYR A 187 3.99 24.74 5.64
CA TYR A 187 3.35 23.60 6.30
C TYR A 187 2.17 23.10 5.47
N THR A 188 1.81 21.83 5.65
CA THR A 188 0.69 21.23 4.94
C THR A 188 -0.44 20.82 5.87
N THR A 189 -1.66 21.21 5.53
CA THR A 189 -2.85 20.80 6.29
C THR A 189 -3.61 19.68 5.59
N ASP A 190 -3.12 19.24 4.43
CA ASP A 190 -3.78 18.20 3.67
C ASP A 190 -2.81 17.07 3.26
N ASP A 191 -1.87 16.74 4.14
CA ASP A 191 -0.93 15.61 3.95
C ASP A 191 -0.08 15.71 2.67
N GLY A 192 0.35 16.93 2.32
CA GLY A 192 1.25 17.12 1.19
C GLY A 192 0.60 17.40 -0.15
N ALA A 193 -0.73 17.48 -0.20
CA ALA A 193 -1.41 17.90 -1.43
C ALA A 193 -1.10 19.37 -1.76
N SER A 194 -0.92 20.20 -0.72
CA SER A 194 -0.54 21.61 -0.87
C SER A 194 0.26 22.06 0.33
N TRP A 195 1.02 23.16 0.17
CA TRP A 195 1.78 23.73 1.29
C TRP A 195 1.47 25.22 1.40
N ILE A 196 1.37 25.72 2.64
CA ILE A 196 1.19 27.14 2.90
C ILE A 196 2.50 27.69 3.47
N LYS A 197 3.09 28.64 2.75
CA LYS A 197 4.30 29.32 3.21
C LYS A 197 3.93 30.36 4.25
N LEU A 198 4.79 30.55 5.25
CA LEU A 198 4.64 31.69 6.15
C LEU A 198 4.82 32.98 5.35
N GLY A 199 4.26 34.08 5.85
CA GLY A 199 4.38 35.39 5.21
C GLY A 199 5.83 35.85 5.05
N TYR A 200 6.08 36.73 4.09
CA TYR A 200 7.38 37.39 3.99
C TYR A 200 7.48 38.47 5.05
N GLY A 201 8.59 38.49 5.78
CA GLY A 201 8.88 39.63 6.66
C GLY A 201 9.61 39.31 7.94
N ALA A 202 9.78 40.36 8.75
CA ALA A 202 10.46 40.30 10.06
C ALA A 202 9.70 39.34 10.95
N GLY A 203 10.43 38.39 11.51
CA GLY A 203 9.84 37.36 12.38
C GLY A 203 9.05 36.30 11.62
N GLN A 204 9.13 36.29 10.29
CA GLN A 204 8.46 35.29 9.45
C GLN A 204 9.47 34.77 8.39
N ASN A 205 9.02 34.48 7.18
CA ASN A 205 9.95 34.02 6.13
C ASN A 205 10.83 35.13 5.55
N PRO A 206 12.09 34.84 5.23
CA PRO A 206 12.76 33.59 5.57
C PRO A 206 13.20 33.57 7.04
N VAL A 207 13.27 32.38 7.63
CA VAL A 207 13.58 32.24 9.06
C VAL A 207 15.09 32.20 9.34
N ILE A 208 15.89 31.81 8.34
CA ILE A 208 17.36 31.83 8.46
C ILE A 208 17.91 32.54 7.23
N TYR A 209 18.65 33.63 7.45
CA TYR A 209 19.12 34.48 6.35
C TYR A 209 20.54 34.98 6.55
N GLU A 210 20.96 35.19 7.80
CA GLU A 210 22.32 35.60 8.08
C GLU A 210 23.29 34.44 7.90
N TRP A 211 24.37 34.71 7.16
CA TRP A 211 25.49 33.80 7.05
C TRP A 211 26.18 33.63 8.41
N PRO A 212 26.36 32.37 8.86
CA PRO A 212 27.01 32.13 10.15
C PRO A 212 28.52 32.40 10.13
N GLU A 213 29.11 32.37 8.95
CA GLU A 213 30.53 32.70 8.76
C GLU A 213 30.62 33.50 7.47
N THR A 214 31.74 34.19 7.28
CA THR A 214 31.95 35.05 6.09
C THR A 214 32.38 34.24 4.86
N ASN A 215 32.16 34.80 3.67
CA ASN A 215 32.66 34.23 2.41
C ASN A 215 32.26 32.77 2.16
N LEU A 216 30.97 32.49 2.31
CA LEU A 216 30.46 31.14 2.04
C LEU A 216 30.48 30.79 0.57
N THR A 217 30.78 29.52 0.30
CA THR A 217 30.67 28.95 -1.04
C THR A 217 29.25 28.47 -1.31
N GLY A 218 28.48 28.26 -0.24
CA GLY A 218 27.08 27.81 -0.34
C GLY A 218 26.40 27.85 1.02
N PHE A 219 25.07 27.79 1.01
CA PHE A 219 24.26 27.93 2.23
C PHE A 219 22.89 27.36 1.94
N ARG A 220 22.81 26.04 1.84
CA ARG A 220 21.58 25.38 1.38
C ARG A 220 21.35 23.98 1.90
N ASP A 221 20.18 23.45 1.52
CA ASP A 221 19.73 22.07 1.80
C ASP A 221 19.60 21.77 3.30
N PRO A 222 18.70 22.52 4.00
CA PRO A 222 18.56 22.31 5.44
C PRO A 222 18.07 20.90 5.75
N TYR A 223 18.75 20.27 6.70
CA TYR A 223 18.38 18.96 7.19
C TYR A 223 17.92 19.02 8.64
N VAL A 224 16.61 18.89 8.85
CA VAL A 224 16.02 18.96 10.19
C VAL A 224 15.84 17.55 10.75
N PHE A 225 16.18 17.40 12.03
CA PHE A 225 16.17 16.10 12.71
C PHE A 225 16.10 16.28 14.23
N GLN A 226 15.51 15.29 14.90
CA GLN A 226 15.57 15.16 16.35
C GLN A 226 16.77 14.28 16.68
N SER A 227 17.37 14.52 17.85
CA SER A 227 18.55 13.78 18.29
C SER A 227 18.63 13.76 19.82
N PRO A 228 18.08 12.70 20.46
CA PRO A 228 18.39 12.48 21.89
C PRO A 228 19.90 12.47 22.19
N ARG A 229 20.71 11.97 21.25
CA ARG A 229 22.17 12.00 21.37
C ARG A 229 22.71 13.41 21.51
N LEU A 230 22.37 14.31 20.57
CA LEU A 230 22.87 15.67 20.64
C LEU A 230 22.30 16.46 21.82
N GLU A 231 21.04 16.24 22.16
CA GLU A 231 20.41 16.86 23.33
C GLU A 231 21.15 16.50 24.63
N ALA A 232 21.47 15.22 24.80
CA ALA A 232 22.23 14.73 25.96
C ALA A 232 23.59 15.40 26.03
N LEU A 233 24.28 15.49 24.88
CA LEU A 233 25.61 16.09 24.82
C LEU A 233 25.63 17.58 25.14
N LEU A 234 24.57 18.29 24.79
CA LEU A 234 24.52 19.75 24.92
C LEU A 234 23.82 20.25 26.20
N ALA A 235 23.19 19.32 26.92
CA ALA A 235 22.37 19.65 28.09
C ALA A 235 23.13 20.48 29.14
N ASN A 236 24.43 20.25 29.27
CA ASN A 236 25.25 21.01 30.20
C ASN A 236 25.64 22.42 29.78
N THR A 237 25.39 22.76 28.52
CA THR A 237 25.86 24.02 27.92
C THR A 237 24.73 24.96 27.45
N THR A 238 23.49 24.59 27.72
CA THR A 238 22.34 25.35 27.21
C THR A 238 22.27 26.78 27.75
N SER A 239 22.91 27.03 28.90
CA SER A 239 23.07 28.39 29.44
C SER A 239 23.92 29.30 28.57
N ILE A 240 24.87 28.71 27.84
CA ILE A 240 25.76 29.51 26.99
C ILE A 240 25.03 30.06 25.74
N THR A 241 24.06 29.29 25.23
CA THR A 241 23.42 29.57 23.94
C THR A 241 21.93 29.91 24.04
N ASN A 242 21.29 29.46 25.14
CA ASN A 242 19.84 29.55 25.35
C ASN A 242 18.98 28.70 24.41
N ALA A 243 19.63 27.89 23.58
CA ALA A 243 18.93 27.02 22.61
C ALA A 243 18.60 25.68 23.27
N THR A 244 17.31 25.39 23.39
CA THR A 244 16.83 24.21 24.13
C THR A 244 15.77 23.39 23.38
N GLY A 245 15.51 23.73 22.12
CA GLY A 245 14.54 23.00 21.28
C GLY A 245 14.92 21.54 21.02
N ASP A 246 13.93 20.76 20.63
CA ASP A 246 14.14 19.34 20.34
C ASP A 246 14.45 19.03 18.85
N HIS A 247 14.55 20.08 18.03
CA HIS A 247 15.00 19.92 16.63
C HIS A 247 16.31 20.60 16.37
N PHE A 248 17.15 19.93 15.59
CA PHE A 248 18.40 20.48 15.08
C PHE A 248 18.26 20.63 13.57
N ALA A 249 19.06 21.51 12.99
CA ALA A 249 19.13 21.62 11.54
C ALA A 249 20.55 21.89 11.10
N THR A 250 21.00 21.14 10.10
CA THR A 250 22.26 21.46 9.43
C THR A 250 21.98 22.22 8.15
N ILE A 251 22.91 23.08 7.78
CA ILE A 251 22.91 23.75 6.49
C ILE A 251 24.28 23.50 5.85
N SER A 252 24.24 23.09 4.58
CA SER A 252 25.43 22.69 3.82
C SER A 252 26.08 23.86 3.09
N GLY A 253 27.40 23.91 3.17
CA GLY A 253 28.18 24.91 2.47
C GLY A 253 29.68 24.70 2.58
N GLY A 254 30.38 25.81 2.77
CA GLY A 254 31.84 25.85 2.86
C GLY A 254 32.29 27.29 2.86
N VAL A 255 33.60 27.50 2.83
CA VAL A 255 34.23 28.83 2.90
C VAL A 255 35.24 28.93 1.77
N HIS A 256 35.23 30.04 1.04
CA HIS A 256 36.09 30.23 -0.14
C HIS A 256 37.56 29.97 0.18
N GLY A 257 38.19 29.11 -0.63
CA GLY A 257 39.59 28.73 -0.46
C GLY A 257 39.94 27.89 0.75
N ASP A 258 38.95 27.53 1.58
CA ASP A 258 39.22 26.87 2.87
C ASP A 258 38.39 25.60 3.17
N GLY A 259 37.78 25.01 2.15
CA GLY A 259 37.05 23.76 2.30
C GLY A 259 35.58 23.87 2.66
N ALA A 260 34.95 22.70 2.75
CA ALA A 260 33.52 22.58 3.02
C ALA A 260 33.18 22.68 4.50
N ARG A 261 31.92 23.03 4.76
CA ARG A 261 31.39 23.14 6.11
C ARG A 261 29.97 22.62 6.17
N LEU A 262 29.67 21.91 7.25
CA LEU A 262 28.30 21.64 7.60
C LEU A 262 28.01 22.43 8.86
N PHE A 263 27.06 23.37 8.78
CA PHE A 263 26.73 24.26 9.88
C PHE A 263 25.59 23.72 10.72
N LEU A 264 25.75 23.74 12.05
CA LEU A 264 24.71 23.22 12.95
C LEU A 264 23.92 24.32 13.63
N TYR A 265 22.59 24.19 13.54
CA TYR A 265 21.63 25.06 14.23
C TYR A 265 20.81 24.21 15.17
N ARG A 266 20.34 24.83 16.25
CA ARG A 266 19.35 24.18 17.11
C ARG A 266 18.16 25.12 17.22
N GLN A 267 16.98 24.54 17.09
CA GLN A 267 15.71 25.19 17.37
C GLN A 267 15.79 25.81 18.76
N HIS A 268 15.46 26.86 18.82
CA HIS A 268 15.70 27.65 20.00
C HIS A 268 14.75 27.39 21.17
N THR A 269 13.53 27.21 20.93
CA THR A 269 12.52 26.81 21.91
C THR A 269 11.60 25.75 21.31
N THR A 270 11.37 24.66 22.06
CA THR A 270 10.43 23.59 21.68
C THR A 270 9.05 24.16 21.37
N GLY A 271 8.44 23.64 20.30
CA GLY A 271 7.12 24.07 19.87
C GLY A 271 7.10 25.40 19.14
N GLU A 272 8.28 25.99 18.92
CA GLU A 272 8.39 27.25 18.18
C GLU A 272 9.40 27.12 17.05
N PHE A 273 9.04 27.64 15.87
CA PHE A 273 9.73 27.24 14.63
C PHE A 273 10.38 28.39 13.85
N ILE A 274 10.21 29.61 14.35
CA ILE A 274 10.84 30.78 13.73
C ILE A 274 12.33 30.92 14.08
N LYS A 275 12.65 30.75 15.37
CA LYS A 275 14.01 31.02 15.87
C LYS A 275 14.89 29.78 15.90
N TRP A 276 15.98 29.84 15.13
CA TRP A 276 16.98 28.77 15.01
C TRP A 276 18.32 29.40 15.35
N THR A 277 19.01 28.82 16.34
CA THR A 277 20.25 29.38 16.86
C THR A 277 21.44 28.63 16.31
N TYR A 278 22.34 29.37 15.66
CA TYR A 278 23.56 28.81 15.12
C TYR A 278 24.49 28.43 16.26
N LEU A 279 24.91 27.16 16.29
CA LEU A 279 25.84 26.69 17.31
C LEU A 279 27.27 26.76 16.84
N GLY A 280 27.54 26.19 15.68
CA GLY A 280 28.90 26.15 15.15
C GLY A 280 28.98 25.16 14.00
N PRO A 281 30.15 25.07 13.35
CA PRO A 281 30.35 24.10 12.28
C PRO A 281 30.41 22.70 12.87
N LEU A 282 29.58 21.82 12.32
CA LEU A 282 29.53 20.41 12.72
C LEU A 282 30.65 19.63 12.04
N VAL A 283 30.78 19.79 10.72
CA VAL A 283 31.82 19.12 9.95
C VAL A 283 32.63 20.19 9.23
N THR A 284 33.95 20.10 9.36
CA THR A 284 34.90 20.99 8.72
C THR A 284 35.90 20.10 8.02
N THR A 285 36.05 20.29 6.71
CA THR A 285 37.03 19.54 5.91
C THR A 285 37.86 20.53 5.11
N GLY A 286 39.02 20.07 4.63
CA GLY A 286 39.96 20.91 3.89
C GLY A 286 39.64 21.03 2.40
N TYR A 287 40.13 22.12 1.79
CA TYR A 287 40.01 22.38 0.35
C TYR A 287 40.53 21.21 -0.48
N LYS A 288 39.61 20.54 -1.18
CA LYS A 288 39.91 19.32 -1.96
C LYS A 288 40.69 18.23 -1.18
N GLU A 289 40.49 18.20 0.15
CA GLU A 289 41.03 17.17 1.02
C GLU A 289 40.44 15.81 0.64
N SER A 290 41.30 14.78 0.61
CA SER A 290 40.86 13.41 0.43
C SER A 290 41.34 12.54 1.58
N TYR A 291 40.42 11.72 2.07
CA TYR A 291 40.72 10.79 3.13
C TYR A 291 41.39 9.53 2.55
N GLY A 292 41.30 9.36 1.23
CA GLY A 292 41.98 8.29 0.51
C GLY A 292 41.17 7.65 -0.61
N GLU A 293 41.72 6.57 -1.16
CA GLU A 293 41.17 5.80 -2.29
C GLU A 293 39.75 5.23 -2.06
N TRP A 294 39.40 5.02 -0.79
CA TRP A 294 38.11 4.45 -0.41
C TRP A 294 37.06 5.52 -0.04
N SER A 295 37.41 6.80 -0.19
CA SER A 295 36.63 7.86 0.45
C SER A 295 36.30 9.08 -0.42
N GLY A 296 36.51 8.96 -1.73
CA GLY A 296 36.27 10.07 -2.66
C GLY A 296 37.11 11.29 -2.31
N ASN A 297 36.51 12.47 -2.45
CA ASN A 297 37.17 13.73 -2.17
C ASN A 297 36.17 14.69 -1.53
N TYR A 298 36.62 15.42 -0.51
CA TYR A 298 35.77 16.37 0.21
C TYR A 298 35.47 17.68 -0.54
N GLY A 299 36.10 17.88 -1.69
CA GLY A 299 35.84 19.02 -2.59
C GLY A 299 35.95 20.37 -1.92
N ILE A 300 35.09 21.31 -2.33
CA ILE A 300 35.17 22.71 -1.87
C ILE A 300 33.90 23.19 -1.16
N ASN A 301 32.83 22.39 -1.27
CA ASN A 301 31.51 22.79 -0.81
C ASN A 301 30.65 21.55 -0.58
N PHE A 302 29.92 21.53 0.53
CA PHE A 302 28.92 20.49 0.79
C PHE A 302 27.57 20.84 0.20
N GLU A 303 26.89 19.82 -0.29
CA GLU A 303 25.48 19.90 -0.68
C GLU A 303 24.73 18.71 -0.05
N THR A 304 23.43 18.92 0.20
CA THR A 304 22.50 17.86 0.68
C THR A 304 22.93 17.00 1.86
N ALA A 305 23.67 17.57 2.81
CA ALA A 305 24.09 16.80 3.98
C ALA A 305 22.93 16.41 4.91
N GLY A 306 23.04 15.23 5.52
CA GLY A 306 22.13 14.76 6.57
C GLY A 306 22.88 14.17 7.76
N VAL A 307 22.19 14.05 8.90
CA VAL A 307 22.75 13.52 10.14
C VAL A 307 21.85 12.41 10.65
N THR A 308 22.45 11.27 10.97
CA THR A 308 21.69 10.13 11.47
C THR A 308 22.48 9.37 12.55
N ARG A 309 21.82 8.41 13.17
CA ARG A 309 22.44 7.54 14.18
C ARG A 309 21.85 6.16 13.95
N LEU A 310 22.74 5.19 13.80
CA LEU A 310 22.35 3.84 13.40
C LEU A 310 22.97 2.78 14.30
N ASN A 311 22.32 1.62 14.35
CA ASN A 311 22.89 0.42 14.98
C ASN A 311 22.75 -0.75 13.98
N PRO A 312 23.18 -1.99 14.36
CA PRO A 312 23.06 -3.09 13.38
C PRO A 312 21.65 -3.33 12.80
N ALA A 313 20.61 -3.04 13.57
CA ALA A 313 19.22 -3.25 13.12
C ALA A 313 18.65 -2.15 12.22
N GLY A 314 19.20 -0.94 12.28
CA GLY A 314 18.66 0.21 11.54
C GLY A 314 18.91 1.51 12.27
N ALA A 315 17.86 2.30 12.45
CA ALA A 315 17.96 3.60 13.12
C ALA A 315 18.07 3.43 14.65
N ALA A 316 18.91 4.24 15.27
CA ALA A 316 19.09 4.22 16.72
C ALA A 316 18.67 5.56 17.31
N TRP A 317 17.81 5.53 18.33
CA TRP A 317 17.29 6.75 18.95
C TRP A 317 17.70 6.93 20.44
N ASP A 318 18.77 6.26 20.84
CA ASP A 318 19.34 6.38 22.19
C ASP A 318 20.16 7.66 22.35
N ASN A 319 20.46 8.02 23.60
CA ASN A 319 21.25 9.22 23.94
C ASN A 319 22.78 9.03 23.92
N GLY A 320 23.23 7.86 23.49
CA GLY A 320 24.64 7.49 23.58
C GLY A 320 24.84 6.18 24.33
N SER A 321 23.82 5.76 25.08
CA SER A 321 23.85 4.56 25.92
C SER A 321 23.97 3.24 25.16
N ASP A 322 23.54 3.22 23.89
CA ASP A 322 23.69 2.04 23.06
C ASP A 322 25.10 1.98 22.48
N THR A 323 25.90 1.04 22.99
CA THR A 323 27.31 0.84 22.59
C THR A 323 27.46 0.35 21.14
N THR A 324 26.40 -0.24 20.58
CA THR A 324 26.41 -0.77 19.21
C THR A 324 26.05 0.31 18.16
N ALA A 325 25.63 1.48 18.64
CA ALA A 325 25.21 2.58 17.75
C ALA A 325 26.36 3.49 17.32
N VAL A 326 26.26 4.02 16.11
CA VAL A 326 27.29 4.88 15.51
C VAL A 326 26.61 6.12 14.93
N ASP A 327 27.22 7.27 15.15
CA ASP A 327 26.77 8.51 14.52
C ASP A 327 27.34 8.64 13.11
N PHE A 328 26.49 9.00 12.16
CA PHE A 328 26.88 9.15 10.76
C PHE A 328 26.45 10.50 10.20
N VAL A 329 27.27 11.04 9.32
CA VAL A 329 26.88 12.18 8.49
C VAL A 329 26.92 11.68 7.05
N THR A 330 25.93 12.04 6.23
CA THR A 330 25.99 11.82 4.78
C THR A 330 26.06 13.19 4.12
N PHE A 331 26.76 13.29 2.99
CA PHE A 331 26.95 14.58 2.33
C PHE A 331 27.45 14.46 0.91
N GLY A 332 26.97 15.36 0.05
CA GLY A 332 27.51 15.52 -1.27
C GLY A 332 28.63 16.55 -1.24
N THR A 333 29.66 16.33 -2.05
CA THR A 333 30.75 17.31 -2.17
C THR A 333 30.87 17.67 -3.64
N GLU A 334 31.28 18.91 -3.92
CA GLU A 334 31.48 19.35 -5.30
C GLU A 334 32.86 19.95 -5.56
N GLN A 335 33.24 19.90 -6.84
CA GLN A 335 34.53 20.34 -7.40
C GLN A 335 35.78 19.59 -6.89
N GLY A 336 35.59 18.37 -6.40
CA GLY A 336 36.72 17.49 -6.03
C GLY A 336 36.83 16.24 -6.89
N ARG A 337 36.12 16.22 -8.02
CA ARG A 337 36.11 15.10 -8.96
C ARG A 337 36.27 15.63 -10.39
N ALA A 338 37.12 14.95 -11.17
CA ALA A 338 37.39 15.32 -12.57
C ALA A 338 36.19 15.08 -13.50
N ASP A 339 35.44 14.02 -13.21
CA ASP A 339 34.19 13.68 -13.91
C ASP A 339 33.03 13.57 -12.93
N HIS A 340 31.77 12.80 -13.34
CA HIS A 340 30.57 12.66 -12.49
C HIS A 340 30.10 14.01 -11.93
N GLN A 341 29.98 14.95 -13.03
CA GLN A 341 29.63 16.36 -12.79
C GLN A 341 30.27 16.94 -11.51
N ASN A 342 31.57 16.63 -11.35
CA ASN A 342 32.42 17.08 -10.23
C ASN A 342 31.94 16.68 -8.82
N HIS A 343 31.24 15.55 -8.70
CA HIS A 343 30.36 15.26 -7.55
C HIS A 343 30.56 13.92 -6.85
N TRP A 344 30.72 13.96 -5.53
CA TRP A 344 30.81 12.75 -4.69
C TRP A 344 29.67 12.69 -3.68
N PRO A 345 28.86 11.61 -3.68
CA PRO A 345 27.95 11.37 -2.55
C PRO A 345 28.64 10.52 -1.48
N LEU A 346 28.96 11.14 -0.35
CA LEU A 346 29.80 10.53 0.66
C LEU A 346 29.05 10.30 1.97
N TRP A 347 29.70 9.54 2.86
CA TRP A 347 29.26 9.38 4.25
C TRP A 347 30.49 9.29 5.15
N ALA A 348 30.32 9.63 6.42
CA ALA A 348 31.38 9.46 7.41
C ALA A 348 30.80 9.07 8.74
N ALA A 349 31.48 8.14 9.42
CA ALA A 349 31.20 7.86 10.82
C ALA A 349 31.90 8.93 11.63
N VAL A 350 31.21 9.47 12.62
CA VAL A 350 31.73 10.60 13.39
C VAL A 350 31.67 10.36 14.90
N ASP A 351 32.61 10.96 15.62
CA ASP A 351 32.54 11.05 17.08
C ASP A 351 32.36 12.51 17.50
N TYR A 352 31.28 12.78 18.22
CA TYR A 352 30.96 14.14 18.62
C TYR A 352 31.79 14.58 19.82
N GLU A 353 32.31 15.80 19.74
CA GLU A 353 32.93 16.49 20.88
C GLU A 353 32.13 17.75 21.17
N VAL A 354 31.98 18.09 22.45
CA VAL A 354 31.30 19.33 22.85
C VAL A 354 32.34 20.43 22.99
N ARG A 355 32.12 21.53 22.28
CA ARG A 355 32.97 22.71 22.39
C ARG A 355 32.57 23.56 23.59
N ASP A 356 33.51 24.38 24.08
CA ASP A 356 33.25 25.29 25.20
C ASP A 356 32.13 26.30 24.93
N ASN A 357 31.93 26.67 23.67
CA ASN A 357 30.84 27.60 23.33
C ASN A 357 29.45 26.97 23.14
N GLY A 358 29.30 25.72 23.57
CA GLY A 358 28.01 25.02 23.50
C GLY A 358 27.63 24.57 22.11
N SER A 359 28.62 24.14 21.34
CA SER A 359 28.43 23.60 19.99
C SER A 359 29.05 22.19 19.87
N ILE A 360 28.89 21.57 18.70
CA ILE A 360 29.35 20.19 18.48
C ILE A 360 30.34 20.10 17.32
N GLU A 361 31.49 19.47 17.58
CA GLU A 361 32.39 19.12 16.50
C GLU A 361 32.22 17.63 16.22
N ALA A 362 31.86 17.30 14.99
CA ALA A 362 31.79 15.92 14.55
C ALA A 362 33.12 15.53 13.93
N VAL A 363 33.89 14.74 14.67
CA VAL A 363 35.21 14.33 14.22
C VAL A 363 35.08 13.06 13.40
N ILE A 364 35.56 13.10 12.16
CA ILE A 364 35.48 11.96 11.25
C ILE A 364 36.36 10.80 11.75
N ALA A 365 35.73 9.65 12.00
CA ALA A 365 36.44 8.43 12.43
C ALA A 365 36.87 7.59 11.24
N TYR A 366 35.97 7.47 10.27
CA TYR A 366 36.24 6.85 8.98
C TYR A 366 35.17 7.33 7.97
N SER A 367 35.47 7.17 6.68
CA SER A 367 34.77 7.92 5.65
C SER A 367 34.66 7.09 4.39
N GLY A 368 33.43 6.97 3.86
CA GLY A 368 33.19 6.18 2.67
C GLY A 368 32.36 6.88 1.62
N VAL A 369 31.86 6.08 0.68
CA VAL A 369 31.14 6.53 -0.49
C VAL A 369 29.76 5.86 -0.48
N GLN A 370 28.81 6.69 -0.75
CA GLN A 370 27.46 6.11 -0.68
C GLN A 370 27.00 5.54 -2.03
N ASP A 371 27.46 6.02 -3.09
CA ASP A 371 27.29 5.44 -4.42
C ASP A 371 28.45 5.89 -5.30
N TRP A 372 29.02 4.95 -6.04
CA TRP A 372 30.25 5.22 -6.82
C TRP A 372 30.02 5.70 -8.25
N GLY A 373 28.76 5.80 -8.66
CA GLY A 373 28.45 6.08 -10.06
C GLY A 373 27.75 7.41 -10.28
N ARG A 374 26.83 7.42 -11.23
CA ARG A 374 26.19 8.65 -11.68
C ARG A 374 24.97 9.02 -10.83
N SER A 375 25.19 9.11 -9.52
CA SER A 375 24.13 9.49 -8.60
C SER A 375 24.65 10.50 -7.59
N TYR A 376 23.73 11.22 -6.96
CA TYR A 376 24.06 12.32 -6.06
C TYR A 376 22.83 12.68 -5.21
N ALA A 377 23.04 13.54 -4.21
CA ALA A 377 21.97 14.19 -3.45
C ALA A 377 21.09 13.16 -2.73
N TYR A 378 21.75 12.32 -1.95
CA TYR A 378 21.07 11.36 -1.11
C TYR A 378 20.40 12.07 0.06
N ALA A 379 19.11 11.82 0.21
CA ALA A 379 18.35 12.26 1.35
C ALA A 379 17.96 11.03 2.16
N SER A 380 17.97 11.15 3.49
CA SER A 380 17.50 10.07 4.34
C SER A 380 16.44 10.58 5.32
N PHE A 381 15.59 9.67 5.78
CA PHE A 381 14.46 10.03 6.62
C PHE A 381 14.04 8.87 7.52
N PRO A 382 13.49 9.17 8.73
CA PRO A 382 13.08 8.08 9.61
C PRO A 382 11.79 7.40 9.16
N VAL A 383 11.74 6.09 9.34
CA VAL A 383 10.59 5.26 9.00
C VAL A 383 10.28 4.36 10.20
N GLU A 384 8.99 4.15 10.48
CA GLU A 384 8.52 3.23 11.55
C GLU A 384 9.30 1.93 11.65
N GLY A 385 9.45 1.46 12.89
CA GLY A 385 10.15 0.20 13.15
C GLY A 385 11.64 0.41 13.16
N TYR A 386 12.05 1.61 13.57
CA TYR A 386 13.46 1.94 13.81
C TYR A 386 14.28 1.84 12.51
N ARG A 387 13.79 2.50 11.48
CA ARG A 387 14.45 2.49 10.18
C ARG A 387 14.89 3.90 9.80
N GLN A 388 15.93 3.98 8.99
CA GLN A 388 16.47 5.17 8.35
C GLN A 388 16.61 4.80 6.86
N VAL A 389 15.81 5.44 6.03
CA VAL A 389 15.72 5.12 4.61
C VAL A 389 16.33 6.24 3.80
N SER A 390 17.23 5.88 2.89
CA SER A 390 17.98 6.82 2.06
C SER A 390 17.64 6.59 0.58
N VAL A 391 17.63 7.67 -0.20
CA VAL A 391 17.33 7.63 -1.63
C VAL A 391 18.05 8.81 -2.28
N GLY A 392 18.53 8.63 -3.51
CA GLY A 392 19.24 9.68 -4.23
C GLY A 392 18.72 9.88 -5.63
N TRP A 393 19.43 10.71 -6.39
CA TRP A 393 19.08 11.09 -7.76
C TRP A 393 20.09 10.47 -8.72
N ILE A 394 19.59 9.73 -9.71
CA ILE A 394 20.42 9.22 -10.81
C ILE A 394 20.23 10.12 -12.01
N TYR A 395 21.26 10.87 -12.38
CA TYR A 395 21.19 11.71 -13.57
C TYR A 395 21.41 10.86 -14.84
N GLU A 396 21.09 11.44 -16.00
CA GLU A 396 21.36 10.77 -17.29
C GLU A 396 22.86 10.79 -17.61
N ASP A 397 23.25 10.13 -18.71
CA ASP A 397 24.62 10.23 -19.21
C ASP A 397 24.58 10.84 -20.62
N ASP A 398 24.09 12.07 -20.67
CA ASP A 398 23.99 12.87 -21.88
C ASP A 398 24.38 14.32 -21.53
N ASP A 399 25.59 14.48 -21.03
CA ASP A 399 26.09 15.76 -20.51
C ASP A 399 26.15 16.91 -21.52
N ASN A 400 26.23 16.57 -22.82
CA ASN A 400 26.22 17.60 -23.86
C ASN A 400 24.81 17.94 -24.35
N VAL A 401 23.80 17.31 -23.73
CA VAL A 401 22.38 17.63 -23.93
C VAL A 401 22.00 17.39 -25.39
N ILE A 402 22.43 16.24 -25.91
CA ILE A 402 22.30 15.94 -27.33
C ILE A 402 20.94 15.33 -27.64
N LEU A 403 20.46 14.43 -26.79
CA LEU A 403 19.15 13.77 -27.00
C LEU A 403 18.11 14.03 -25.90
N ALA A 404 18.41 14.97 -25.01
CA ALA A 404 17.50 15.34 -23.91
C ALA A 404 16.11 15.74 -24.38
N LYS A 405 16.02 16.59 -25.40
CA LYS A 405 14.74 17.04 -25.96
C LYS A 405 13.96 15.87 -26.55
N GLN A 406 14.68 14.97 -27.22
CA GLN A 406 14.12 13.75 -27.79
C GLN A 406 13.59 12.80 -26.72
N PHE A 407 14.30 12.69 -25.58
CA PHE A 407 13.77 12.01 -24.40
C PHE A 407 12.45 12.66 -23.93
N GLY A 408 12.44 13.98 -23.80
CA GLY A 408 11.35 14.69 -23.15
C GLY A 408 11.33 14.62 -21.62
N TYR A 409 12.42 14.12 -21.04
CA TYR A 409 12.60 14.03 -19.58
C TYR A 409 14.08 13.84 -19.28
N GLN A 410 14.46 14.09 -18.02
CA GLN A 410 15.80 13.84 -17.53
C GLN A 410 15.71 13.43 -16.06
N GLY A 411 16.32 12.30 -15.70
CA GLY A 411 16.52 11.93 -14.30
C GLY A 411 15.57 10.89 -13.73
N ALA A 412 16.04 10.18 -12.71
CA ALA A 412 15.22 9.27 -11.89
C ALA A 412 15.81 9.19 -10.48
N PHE A 413 15.08 8.55 -9.57
CA PHE A 413 15.62 8.22 -8.24
C PHE A 413 16.42 6.92 -8.34
N THR A 414 17.29 6.72 -7.36
CA THR A 414 17.81 5.38 -7.01
C THR A 414 16.66 4.58 -6.42
N LEU A 415 16.93 3.33 -6.04
CA LEU A 415 16.00 2.62 -5.17
C LEU A 415 16.11 3.18 -3.75
N PHE A 416 15.08 2.96 -2.94
CA PHE A 416 15.08 3.34 -1.53
C PHE A 416 15.90 2.31 -0.75
N ARG A 417 16.78 2.78 0.12
CA ARG A 417 17.74 1.91 0.78
C ARG A 417 17.63 2.02 2.29
N ASP A 418 17.49 0.88 2.97
CA ASP A 418 17.64 0.85 4.42
C ASP A 418 19.10 1.06 4.80
N LEU A 419 19.33 2.00 5.71
CA LEU A 419 20.64 2.21 6.31
C LEU A 419 20.72 1.51 7.68
N PHE A 420 21.90 0.98 7.98
CA PHE A 420 22.14 0.22 9.22
C PHE A 420 23.66 0.13 9.41
N VAL A 421 24.09 -0.28 10.61
CA VAL A 421 25.51 -0.54 10.86
C VAL A 421 25.82 -1.96 10.42
N LYS A 422 26.62 -2.10 9.36
CA LYS A 422 27.05 -3.41 8.90
C LYS A 422 28.19 -3.91 9.79
N VAL A 423 28.01 -5.09 10.36
CA VAL A 423 28.98 -5.71 11.26
C VAL A 423 29.42 -7.04 10.66
N VAL A 424 30.72 -7.18 10.41
CA VAL A 424 31.27 -8.46 9.93
C VAL A 424 32.13 -9.06 11.04
N GLU A 425 31.72 -10.22 11.53
CA GLU A 425 32.43 -10.89 12.62
C GLU A 425 33.45 -11.90 12.12
N ASN A 426 34.39 -12.23 13.00
CA ASN A 426 35.41 -13.26 12.75
C ASN A 426 36.19 -13.02 11.47
N VAL A 427 36.56 -11.77 11.24
CA VAL A 427 37.38 -11.39 10.09
C VAL A 427 38.83 -11.79 10.36
N SER A 428 39.42 -12.41 9.35
CA SER A 428 40.84 -12.76 9.33
C SER A 428 41.76 -11.54 9.30
N PRO A 429 42.70 -11.45 10.27
CA PRO A 429 43.70 -10.39 10.31
C PRO A 429 44.60 -10.33 9.07
N SER A 430 44.61 -11.39 8.27
CA SER A 430 45.39 -11.40 7.04
C SER A 430 44.64 -10.83 5.81
N THR A 431 43.41 -10.35 6.00
CA THR A 431 42.68 -9.64 4.94
C THR A 431 43.55 -8.47 4.45
N PRO A 432 43.90 -8.44 3.14
CA PRO A 432 44.76 -7.37 2.64
C PRO A 432 44.20 -5.97 2.94
N GLY A 433 45.06 -5.12 3.49
CA GLY A 433 44.72 -3.73 3.81
C GLY A 433 43.69 -3.48 4.90
N LEU A 434 43.43 -4.51 5.71
CA LEU A 434 42.36 -4.46 6.73
C LEU A 434 42.53 -3.37 7.78
N PHE A 435 43.78 -3.11 8.17
CA PHE A 435 44.07 -2.18 9.28
C PHE A 435 44.29 -0.74 8.83
N GLU A 436 44.17 -0.50 7.52
CA GLU A 436 44.05 0.85 7.00
C GLU A 436 42.81 1.55 7.56
N GLN A 437 41.75 0.76 7.84
CA GLN A 437 40.49 1.26 8.45
C GLN A 437 39.94 2.51 7.71
N ALA A 438 39.94 2.45 6.38
CA ALA A 438 39.67 3.62 5.55
C ALA A 438 38.19 4.03 5.61
N SER A 439 37.30 3.12 5.26
CA SER A 439 35.85 3.36 5.32
C SER A 439 35.14 2.30 6.16
N TRP A 440 35.87 1.78 7.14
CA TRP A 440 35.40 0.81 8.12
C TRP A 440 36.22 0.98 9.39
N SER A 441 35.73 0.40 10.48
CA SER A 441 36.45 0.35 11.74
C SER A 441 36.78 -1.11 12.05
N THR A 442 37.93 -1.34 12.70
CA THR A 442 38.30 -2.67 13.17
C THR A 442 38.43 -2.69 14.69
N LYS A 443 37.97 -3.79 15.28
CA LYS A 443 38.17 -4.08 16.71
C LYS A 443 38.69 -5.50 16.87
N ASN A 444 39.87 -5.63 17.47
CA ASN A 444 40.49 -6.92 17.72
C ASN A 444 39.80 -7.70 18.82
N SER A 445 39.71 -9.02 18.62
CA SER A 445 39.41 -9.93 19.71
C SER A 445 40.51 -9.84 20.78
N THR A 446 40.17 -10.24 22.01
CA THR A 446 41.11 -10.29 23.14
C THR A 446 42.45 -10.94 22.77
N ASP A 447 42.40 -12.07 22.09
CA ASP A 447 43.61 -12.81 21.74
C ASP A 447 44.31 -12.31 20.46
N GLY A 448 43.70 -11.33 19.80
CA GLY A 448 44.25 -10.75 18.56
C GLY A 448 44.24 -11.66 17.33
N MET A 449 43.49 -12.76 17.39
CA MET A 449 43.39 -13.75 16.30
C MET A 449 42.24 -13.49 15.31
N SER A 450 41.26 -12.68 15.72
CA SER A 450 40.14 -12.30 14.84
C SER A 450 39.78 -10.82 15.00
N VAL A 451 39.07 -10.30 14.00
CA VAL A 451 38.68 -8.88 13.94
C VAL A 451 37.16 -8.75 13.72
N THR A 452 36.54 -7.80 14.41
CA THR A 452 35.18 -7.37 14.09
C THR A 452 35.28 -6.10 13.22
N VAL A 453 34.68 -6.17 12.03
CA VAL A 453 34.63 -5.01 11.12
C VAL A 453 33.27 -4.34 11.24
N THR A 454 33.29 -3.02 11.34
CA THR A 454 32.08 -2.20 11.39
C THR A 454 32.12 -1.20 10.24
N THR A 455 31.01 -1.07 9.52
CA THR A 455 30.89 -0.07 8.43
C THR A 455 29.42 0.35 8.25
N LEU A 456 29.18 1.34 7.38
CA LEU A 456 27.83 1.69 6.97
C LEU A 456 27.27 0.63 6.01
N GLY A 457 26.12 0.07 6.37
CA GLY A 457 25.43 -0.86 5.49
C GLY A 457 24.32 -0.18 4.70
N GLN A 458 24.08 -0.68 3.49
CA GLN A 458 22.99 -0.22 2.61
C GLN A 458 22.36 -1.44 1.96
N ARG A 459 21.03 -1.53 2.03
CA ARG A 459 20.30 -2.58 1.34
C ARG A 459 18.99 -2.00 0.82
N VAL A 460 18.55 -2.46 -0.35
CA VAL A 460 17.25 -2.08 -0.91
C VAL A 460 16.17 -2.45 0.10
N VAL A 461 15.22 -1.52 0.33
CA VAL A 461 14.11 -1.78 1.26
C VAL A 461 13.39 -3.10 0.91
N PRO A 462 13.03 -3.90 1.94
CA PRO A 462 12.47 -5.24 1.66
C PRO A 462 11.13 -5.23 0.93
N GLU A 463 10.34 -4.16 1.11
CA GLU A 463 9.07 -4.02 0.41
C GLU A 463 9.29 -4.03 -1.12
N THR A 464 10.36 -3.37 -1.59
CA THR A 464 10.70 -3.31 -3.01
C THR A 464 11.16 -4.67 -3.54
N LEU A 465 12.07 -5.31 -2.79
CA LEU A 465 12.56 -6.66 -3.16
C LEU A 465 11.42 -7.68 -3.24
N ALA A 466 10.54 -7.68 -2.23
CA ALA A 466 9.38 -8.58 -2.22
C ALA A 466 8.43 -8.30 -3.40
N ALA A 467 8.11 -7.04 -3.64
CA ALA A 467 7.21 -6.67 -4.73
C ALA A 467 7.83 -6.99 -6.09
N TYR A 468 9.11 -6.66 -6.28
CA TYR A 468 9.87 -6.99 -7.49
C TYR A 468 9.83 -8.50 -7.78
N LYS A 469 10.20 -9.29 -6.78
CA LYS A 469 10.25 -10.76 -6.94
C LYS A 469 8.87 -11.33 -7.27
N GLY A 470 7.87 -10.96 -6.48
CA GLY A 470 6.53 -11.52 -6.62
C GLY A 470 5.80 -11.18 -7.91
N ASN A 471 6.15 -10.05 -8.52
CA ASN A 471 5.57 -9.63 -9.80
C ASN A 471 6.37 -10.08 -11.03
N SER A 472 7.60 -10.56 -10.81
CA SER A 472 8.46 -11.04 -11.88
C SER A 472 8.24 -12.51 -12.23
N THR A 473 8.65 -12.89 -13.44
CA THR A 473 8.93 -14.29 -13.74
C THR A 473 10.32 -14.57 -13.15
N VAL A 474 10.36 -15.46 -12.17
CA VAL A 474 11.58 -15.78 -11.44
C VAL A 474 12.20 -17.07 -12.01
N SER A 475 13.48 -17.01 -12.35
CA SER A 475 14.23 -18.18 -12.77
C SER A 475 15.38 -18.39 -11.80
N THR A 476 15.32 -19.50 -11.09
CA THR A 476 16.39 -19.92 -10.18
C THR A 476 17.36 -20.74 -11.02
N LEU A 477 18.59 -20.26 -11.13
CA LEU A 477 19.57 -20.85 -12.06
C LEU A 477 20.54 -21.77 -11.33
N ALA A 478 20.95 -22.84 -12.02
CA ALA A 478 21.91 -23.82 -11.48
C ALA A 478 23.26 -23.15 -11.20
N PRO A 479 23.99 -23.58 -10.14
CA PRO A 479 25.33 -23.01 -9.92
C PRO A 479 26.27 -23.29 -11.09
N VAL A 480 27.22 -22.37 -11.32
CA VAL A 480 28.17 -22.46 -12.44
C VAL A 480 29.59 -22.31 -11.89
N MET A 481 30.47 -23.25 -12.25
CA MET A 481 31.90 -23.12 -11.96
C MET A 481 32.56 -22.47 -13.15
N LEU A 482 33.22 -21.34 -12.92
CA LEU A 482 33.94 -20.69 -13.99
C LEU A 482 35.39 -21.14 -13.96
N ASN A 483 35.79 -21.92 -14.96
CA ASN A 483 37.12 -22.52 -15.02
C ASN A 483 37.77 -22.35 -16.41
N GLU A 484 38.67 -23.27 -16.78
CA GLU A 484 39.35 -23.23 -18.09
C GLU A 484 38.38 -23.30 -19.29
N SER A 485 37.22 -23.91 -19.08
CA SER A 485 36.22 -24.08 -20.15
C SER A 485 35.22 -22.92 -20.31
N ALA A 486 35.30 -21.93 -19.41
CA ALA A 486 34.39 -20.77 -19.43
C ALA A 486 34.67 -19.86 -20.62
N ALA A 487 33.65 -19.56 -21.42
CA ALA A 487 33.74 -18.50 -22.41
C ALA A 487 33.85 -17.14 -21.68
N ALA A 488 34.26 -16.11 -22.41
CA ALA A 488 34.30 -14.75 -21.85
C ALA A 488 32.90 -14.36 -21.35
N TYR A 489 31.89 -14.72 -22.13
CA TYR A 489 30.48 -14.46 -21.84
C TYR A 489 29.63 -15.73 -21.99
N THR A 490 28.88 -16.04 -20.94
CA THR A 490 27.96 -17.18 -20.91
C THR A 490 26.55 -16.69 -20.59
N PRO A 491 25.65 -16.64 -21.60
CA PRO A 491 24.27 -16.24 -21.32
C PRO A 491 23.59 -17.14 -20.27
N PHE A 492 22.73 -16.56 -19.43
CA PHE A 492 21.94 -17.37 -18.49
C PHE A 492 21.01 -18.32 -19.25
N SER A 493 20.72 -19.48 -18.64
CA SER A 493 19.81 -20.47 -19.23
C SER A 493 18.38 -19.94 -19.42
N SER A 494 17.97 -18.96 -18.62
CA SER A 494 16.77 -18.17 -18.90
C SER A 494 17.17 -16.74 -19.15
N GLN A 495 16.46 -16.10 -20.08
CA GLN A 495 16.81 -14.76 -20.53
C GLN A 495 15.72 -13.76 -20.20
N PRO A 496 16.10 -12.49 -19.95
CA PRO A 496 15.12 -11.41 -19.79
C PRO A 496 14.24 -11.24 -21.04
N THR A 497 13.07 -10.61 -20.88
CA THR A 497 12.18 -10.38 -22.02
C THR A 497 12.11 -8.89 -22.43
N ASP A 498 12.73 -8.02 -21.63
CA ASP A 498 12.69 -6.56 -21.84
C ASP A 498 13.79 -5.96 -20.96
N ARG A 499 13.79 -4.64 -20.81
CA ARG A 499 14.85 -3.90 -20.10
C ARG A 499 14.54 -3.67 -18.62
N PHE A 500 13.81 -4.60 -18.00
CA PHE A 500 13.36 -4.44 -16.61
C PHE A 500 13.53 -5.76 -15.88
N TYR A 501 14.66 -5.88 -15.21
CA TYR A 501 14.99 -7.12 -14.52
C TYR A 501 15.99 -6.94 -13.41
N ALA A 502 16.07 -7.95 -12.54
CA ALA A 502 17.10 -8.00 -11.51
C ALA A 502 17.87 -9.31 -11.58
N LEU A 503 19.14 -9.23 -11.21
CA LEU A 503 20.02 -10.40 -11.14
C LEU A 503 20.64 -10.44 -9.79
N THR A 504 20.82 -11.66 -9.27
CA THR A 504 21.68 -11.85 -8.13
C THR A 504 22.63 -13.04 -8.29
N GLY A 505 23.78 -12.95 -7.61
CA GLY A 505 24.77 -14.02 -7.63
C GLY A 505 25.81 -13.91 -6.53
N SER A 506 26.28 -15.07 -6.07
CA SER A 506 27.40 -15.18 -5.13
C SER A 506 28.63 -15.72 -5.86
N PHE A 507 29.68 -14.91 -5.90
CA PHE A 507 30.91 -15.23 -6.62
C PHE A 507 31.99 -15.60 -5.61
N GLU A 508 32.38 -16.87 -5.59
CA GLU A 508 33.39 -17.38 -4.66
C GLU A 508 34.77 -17.43 -5.35
N PHE A 509 35.72 -16.68 -4.78
CA PHE A 509 37.06 -16.55 -5.34
C PHE A 509 38.07 -17.18 -4.40
N GLY A 510 39.13 -17.74 -4.98
CA GLY A 510 40.32 -18.14 -4.20
C GLY A 510 40.98 -16.93 -3.57
N LEU A 511 41.63 -17.13 -2.42
CA LEU A 511 42.28 -16.04 -1.70
C LEU A 511 43.40 -15.33 -2.46
N ASN A 512 44.01 -16.01 -3.42
CA ASN A 512 45.07 -15.40 -4.24
C ASN A 512 44.72 -15.36 -5.71
N THR A 513 43.43 -15.26 -6.00
CA THR A 513 42.93 -15.20 -7.37
C THR A 513 43.47 -14.01 -8.15
N THR A 514 43.61 -14.19 -9.46
CA THR A 514 43.82 -13.09 -10.38
C THR A 514 42.74 -13.14 -11.45
N ALA A 515 41.73 -13.98 -11.24
CA ALA A 515 40.60 -14.09 -12.16
C ALA A 515 39.62 -12.93 -11.95
N LYS A 516 38.87 -12.61 -13.00
CA LYS A 516 37.78 -11.65 -12.92
C LYS A 516 36.48 -12.33 -13.31
N ALA A 517 35.40 -11.97 -12.64
CA ALA A 517 34.06 -12.44 -12.99
C ALA A 517 33.01 -11.35 -12.74
N GLY A 518 31.84 -11.54 -13.35
CA GLY A 518 30.73 -10.62 -13.15
C GLY A 518 29.53 -10.94 -14.02
N PHE A 519 28.80 -9.89 -14.37
CA PHE A 519 27.56 -9.98 -15.11
C PHE A 519 27.63 -9.09 -16.33
N ARG A 520 27.16 -9.62 -17.45
CA ARG A 520 26.89 -8.82 -18.64
C ARG A 520 25.39 -8.62 -18.71
N VAL A 521 24.97 -7.37 -18.93
CA VAL A 521 23.55 -7.01 -18.99
C VAL A 521 23.25 -6.15 -20.21
N LEU A 522 21.97 -5.98 -20.53
CA LEU A 522 21.52 -5.24 -21.72
C LEU A 522 22.30 -5.64 -22.98
N ALA A 523 22.33 -6.94 -23.22
CA ALA A 523 23.28 -7.53 -24.17
C ALA A 523 22.64 -8.15 -25.40
N SER A 524 23.17 -7.76 -26.56
CA SER A 524 23.02 -8.50 -27.80
C SER A 524 24.45 -8.71 -28.31
N GLU A 525 24.62 -9.25 -29.52
CA GLU A 525 25.96 -9.41 -30.12
C GLU A 525 26.73 -8.09 -30.21
N GLU A 526 26.03 -7.00 -30.54
CA GLU A 526 26.70 -5.72 -30.82
C GLU A 526 26.71 -4.71 -29.69
N GLU A 527 25.78 -4.86 -28.74
CA GLU A 527 25.66 -3.91 -27.61
C GLU A 527 25.58 -4.67 -26.31
N TYR A 528 26.28 -4.17 -25.29
CA TYR A 528 26.32 -4.83 -23.99
C TYR A 528 27.08 -4.01 -22.97
N THR A 529 26.77 -4.26 -21.70
CA THR A 529 27.36 -3.56 -20.58
C THR A 529 27.94 -4.59 -19.63
N ASP A 530 29.23 -4.44 -19.32
CA ASP A 530 29.97 -5.44 -18.58
C ASP A 530 30.27 -4.97 -17.18
N ILE A 531 29.81 -5.76 -16.20
CA ILE A 531 30.05 -5.47 -14.79
C ILE A 531 31.07 -6.50 -14.27
N TRP A 532 32.29 -6.03 -13.99
CA TRP A 532 33.40 -6.90 -13.61
C TRP A 532 33.78 -6.68 -12.16
N PHE A 533 34.10 -7.76 -11.46
CA PHE A 533 34.86 -7.59 -10.24
C PHE A 533 36.23 -8.26 -10.36
N ASP A 534 37.25 -7.56 -9.85
CA ASP A 534 38.66 -7.96 -9.96
C ASP A 534 39.26 -7.95 -8.56
N PRO A 535 39.15 -9.10 -7.83
CA PRO A 535 39.59 -9.17 -6.44
C PRO A 535 41.04 -8.74 -6.22
N ALA A 536 41.93 -9.04 -7.18
CA ALA A 536 43.35 -8.69 -7.07
C ALA A 536 43.58 -7.19 -6.91
N SER A 537 42.79 -6.38 -7.62
CA SER A 537 42.84 -4.91 -7.50
C SER A 537 41.79 -4.31 -6.54
N GLU A 538 40.82 -5.14 -6.14
CA GLU A 538 39.66 -4.73 -5.31
C GLU A 538 38.71 -3.79 -6.05
N ASN A 539 38.74 -3.87 -7.39
CA ASN A 539 37.99 -2.96 -8.24
C ASN A 539 36.76 -3.61 -8.84
N LEU A 540 35.62 -2.97 -8.63
CA LEU A 540 34.39 -3.29 -9.34
C LEU A 540 34.25 -2.26 -10.43
N THR A 541 34.20 -2.71 -11.68
CA THR A 541 34.09 -1.80 -12.83
C THR A 541 32.83 -2.07 -13.64
N VAL A 542 32.34 -1.01 -14.31
CA VAL A 542 31.29 -1.15 -15.31
C VAL A 542 31.87 -0.59 -16.61
N VAL A 543 32.11 -1.50 -17.55
CA VAL A 543 32.74 -1.18 -18.83
C VAL A 543 31.64 -0.96 -19.85
N ARG A 544 31.67 0.23 -20.46
CA ARG A 544 30.56 0.72 -21.27
C ARG A 544 30.96 1.13 -22.68
N THR A 545 32.15 0.70 -23.12
CA THR A 545 32.65 0.94 -24.48
C THR A 545 31.71 0.41 -25.55
N ALA A 546 31.01 -0.67 -25.23
CA ALA A 546 30.01 -1.26 -26.13
C ALA A 546 28.54 -1.08 -25.69
N SER A 547 28.27 -0.30 -24.63
CA SER A 547 26.90 -0.12 -24.11
C SER A 547 25.84 0.27 -25.16
N SER A 548 26.23 1.11 -26.11
CA SER A 548 25.32 1.60 -27.12
C SER A 548 25.99 1.94 -28.43
N LEU A 549 25.26 1.69 -29.52
CA LEU A 549 25.65 2.16 -30.86
C LEU A 549 25.51 3.67 -31.00
N ILE A 550 24.69 4.29 -30.14
CA ILE A 550 24.51 5.75 -30.14
C ILE A 550 25.71 6.36 -29.43
N LYS A 551 26.47 7.16 -30.17
CA LYS A 551 27.80 7.59 -29.73
C LYS A 551 27.83 8.79 -28.78
N SER A 552 26.74 9.55 -28.76
CA SER A 552 26.66 10.76 -27.93
C SER A 552 26.54 10.49 -26.42
N PHE A 553 26.08 9.30 -26.03
CA PHE A 553 25.97 8.93 -24.61
C PHE A 553 27.33 8.61 -23.98
N GLY A 554 27.46 8.84 -22.67
CA GLY A 554 28.70 8.56 -21.96
C GLY A 554 29.11 7.10 -22.07
N ASN A 555 30.41 6.85 -22.14
CA ASN A 555 30.93 5.50 -22.29
C ASN A 555 32.15 5.19 -21.43
N ASP A 556 32.43 6.10 -20.49
CA ASP A 556 33.54 5.94 -19.57
C ASP A 556 33.25 4.81 -18.59
N THR A 557 34.33 4.18 -18.10
CA THR A 557 34.26 3.05 -17.18
C THR A 557 33.94 3.54 -15.76
N GLU A 558 32.91 2.94 -15.15
CA GLU A 558 32.59 3.21 -13.75
C GLU A 558 33.50 2.37 -12.86
N LEU A 559 33.80 2.88 -11.68
CA LEU A 559 34.66 2.18 -10.72
C LEU A 559 34.18 2.34 -9.27
N ALA A 560 34.06 1.20 -8.59
CA ALA A 560 33.88 1.15 -7.13
C ALA A 560 34.99 0.32 -6.51
N LYS A 561 35.38 0.67 -5.28
CA LYS A 561 36.24 -0.18 -4.47
C LYS A 561 35.36 -1.07 -3.59
N VAL A 562 35.72 -2.36 -3.48
CA VAL A 562 34.99 -3.32 -2.64
C VAL A 562 36.00 -4.12 -1.82
N LYS A 563 35.86 -4.07 -0.50
CA LYS A 563 36.72 -4.85 0.38
C LYS A 563 36.07 -6.19 0.70
N LEU A 564 36.67 -7.27 0.22
CA LEU A 564 36.20 -8.60 0.59
C LEU A 564 36.85 -8.98 1.93
N TYR A 565 36.08 -8.86 3.00
CA TYR A 565 36.55 -9.22 4.33
C TYR A 565 36.63 -10.73 4.41
N GLU A 566 37.85 -11.22 4.58
CA GLU A 566 38.11 -12.66 4.63
C GLU A 566 37.76 -13.19 6.00
N ILE A 567 37.09 -14.33 6.04
CA ILE A 567 36.63 -14.91 7.30
C ILE A 567 37.66 -15.93 7.81
N VAL A 568 37.92 -15.93 9.11
CA VAL A 568 38.84 -16.89 9.77
C VAL A 568 38.46 -18.32 9.40
N GLY A 569 39.45 -19.08 8.92
CA GLY A 569 39.24 -20.48 8.54
C GLY A 569 38.74 -20.70 7.12
N ALA A 570 38.31 -19.63 6.44
CA ALA A 570 37.83 -19.74 5.06
C ALA A 570 39.00 -19.83 4.10
N GLU A 571 38.82 -20.62 3.04
CA GLU A 571 39.85 -20.78 2.02
C GLU A 571 39.41 -20.12 0.71
N SER A 572 38.42 -19.24 0.85
CA SER A 572 37.88 -18.46 -0.26
C SER A 572 37.35 -17.13 0.23
N LYS A 573 37.00 -16.25 -0.70
CA LYS A 573 36.37 -14.96 -0.40
C LYS A 573 35.19 -14.73 -1.38
N THR A 574 34.09 -14.19 -0.86
CA THR A 574 32.82 -14.15 -1.60
C THR A 574 32.29 -12.73 -1.86
N LEU A 575 31.92 -12.48 -3.12
CA LEU A 575 31.21 -11.28 -3.52
C LEU A 575 29.75 -11.61 -3.81
N ASN A 576 28.83 -11.00 -3.05
CA ASN A 576 27.41 -11.03 -3.36
C ASN A 576 27.00 -9.83 -4.20
N LEU A 577 26.69 -10.07 -5.46
CA LEU A 577 26.34 -9.03 -6.43
C LEU A 577 24.87 -9.08 -6.78
N THR A 578 24.21 -7.93 -6.67
CA THR A 578 22.82 -7.75 -7.10
C THR A 578 22.77 -6.58 -8.10
N VAL A 579 22.15 -6.84 -9.26
CA VAL A 579 22.07 -5.84 -10.31
C VAL A 579 20.61 -5.62 -10.71
N PHE A 580 20.19 -4.36 -10.67
CA PHE A 580 18.88 -3.93 -11.16
C PHE A 580 19.03 -3.23 -12.51
N VAL A 581 18.29 -3.73 -13.49
CA VAL A 581 18.24 -3.15 -14.82
C VAL A 581 16.85 -2.60 -15.04
N ASP A 582 16.75 -1.30 -15.34
CA ASP A 582 15.46 -0.60 -15.37
C ASP A 582 15.47 0.49 -16.43
N GLY A 583 15.09 0.12 -17.66
CA GLY A 583 15.18 1.02 -18.81
C GLY A 583 16.63 1.24 -19.11
N SER A 584 17.12 2.42 -18.76
CA SER A 584 18.53 2.79 -18.91
C SER A 584 19.34 2.70 -17.63
N VAL A 585 18.66 2.59 -16.47
CA VAL A 585 19.37 2.52 -15.18
C VAL A 585 19.98 1.14 -14.97
N ILE A 586 21.25 1.12 -14.58
CA ILE A 586 21.88 -0.09 -14.06
C ILE A 586 22.31 0.28 -12.64
N GLU A 587 21.71 -0.39 -11.66
CA GLU A 587 21.99 -0.11 -10.24
C GLU A 587 22.55 -1.35 -9.56
N ILE A 588 23.79 -1.23 -9.08
CA ILE A 588 24.56 -2.37 -8.59
C ILE A 588 24.75 -2.28 -7.08
N TYR A 589 24.48 -3.40 -6.40
CA TYR A 589 24.72 -3.56 -4.95
C TYR A 589 25.68 -4.73 -4.68
N ALA A 590 26.68 -4.48 -3.85
CA ALA A 590 27.62 -5.53 -3.45
C ALA A 590 27.69 -5.62 -1.94
N ASN A 591 27.47 -6.54 -1.60
CA ASN A 591 27.58 -7.04 -0.22
C ASN A 591 26.79 -6.26 0.83
N ASP A 592 25.71 -5.74 0.58
CA ASP A 592 24.92 -4.82 1.42
C ASP A 592 25.76 -3.63 1.92
N GLU A 593 26.64 -3.14 1.04
CA GLU A 593 27.64 -2.18 1.42
C GLU A 593 27.94 -1.19 0.30
N VAL A 594 28.27 -1.72 -0.88
CA VAL A 594 28.76 -0.91 -1.99
C VAL A 594 27.64 -0.75 -3.03
N ALA A 595 27.41 0.49 -3.45
CA ALA A 595 26.40 0.79 -4.47
C ALA A 595 27.03 1.56 -5.63
N LEU A 596 26.60 1.24 -6.85
CA LEU A 596 27.05 1.95 -8.03
C LEU A 596 25.88 2.04 -9.01
N SER A 597 25.47 3.27 -9.29
CA SER A 597 24.39 3.53 -10.22
C SER A 597 24.97 4.09 -11.52
N THR A 598 24.55 3.55 -12.66
CA THR A 598 25.01 4.08 -13.95
C THR A 598 23.90 4.00 -15.02
N ARG A 599 24.25 4.36 -16.26
CA ARG A 599 23.32 4.42 -17.37
C ARG A 599 23.88 3.70 -18.61
N ALA A 600 23.00 3.00 -19.31
CA ALA A 600 23.31 2.40 -20.61
C ALA A 600 22.11 2.57 -21.51
N TYR A 601 22.35 2.99 -22.75
CA TYR A 601 21.27 3.28 -23.68
C TYR A 601 21.41 2.50 -25.00
N PRO A 602 21.45 1.14 -24.96
CA PRO A 602 21.54 0.44 -26.26
C PRO A 602 20.35 0.76 -27.16
N TRP A 603 20.61 0.85 -28.45
CA TRP A 603 19.55 1.17 -29.41
C TRP A 603 18.72 -0.07 -29.80
N LEU A 604 19.39 -1.20 -29.97
CA LEU A 604 18.72 -2.38 -30.55
C LEU A 604 17.67 -2.98 -29.60
N ALA A 605 16.52 -3.32 -30.17
CA ALA A 605 15.41 -3.94 -29.45
C ALA A 605 15.82 -5.20 -28.68
N ASN A 606 16.78 -5.94 -29.22
CA ASN A 606 17.22 -7.19 -28.60
C ASN A 606 18.46 -7.08 -27.69
N SER A 607 18.92 -5.86 -27.43
CA SER A 607 20.01 -5.67 -26.47
C SER A 607 19.47 -5.70 -25.03
N THR A 608 18.94 -6.86 -24.64
CA THR A 608 18.27 -7.05 -23.36
C THR A 608 18.85 -8.24 -22.59
N GLY A 609 19.70 -9.02 -23.25
CA GLY A 609 20.25 -10.25 -22.68
C GLY A 609 21.16 -10.07 -21.48
N ALA A 610 21.36 -11.15 -20.74
CA ALA A 610 22.23 -11.16 -19.58
C ALA A 610 22.91 -12.51 -19.35
N GLY A 611 24.07 -12.49 -18.70
CA GLY A 611 24.76 -13.71 -18.35
C GLY A 611 26.03 -13.46 -17.56
N LEU A 612 26.85 -14.50 -17.47
CA LEU A 612 28.08 -14.46 -16.66
C LEU A 612 29.30 -14.03 -17.46
N LEU A 613 30.16 -13.25 -16.79
CA LEU A 613 31.43 -12.85 -17.35
C LEU A 613 32.57 -13.57 -16.63
N ALA A 614 33.60 -13.92 -17.39
CA ALA A 614 34.76 -14.64 -16.86
C ALA A 614 36.02 -14.21 -17.62
N ASP A 615 37.09 -13.96 -16.85
CA ASP A 615 38.38 -13.61 -17.42
C ASP A 615 39.50 -14.18 -16.57
N GLY A 616 40.39 -14.93 -17.23
CA GLY A 616 41.51 -15.57 -16.56
C GLY A 616 41.11 -16.65 -15.57
N THR A 617 39.92 -17.24 -15.74
CA THR A 617 39.54 -18.43 -14.98
C THR A 617 40.20 -19.66 -15.64
N THR A 618 40.80 -20.50 -14.81
CA THR A 618 41.54 -21.67 -15.28
C THR A 618 41.13 -22.91 -14.49
N ALA A 619 41.79 -24.04 -14.75
CA ALA A 619 41.62 -25.26 -13.95
C ALA A 619 42.02 -25.03 -12.49
N GLY A 620 43.03 -24.19 -12.27
CA GLY A 620 43.54 -23.90 -10.93
C GLY A 620 42.86 -22.72 -10.25
N ASP A 621 42.49 -21.71 -11.06
CA ASP A 621 41.91 -20.46 -10.56
C ASP A 621 40.43 -20.42 -10.99
N VAL A 622 39.60 -20.97 -10.11
CA VAL A 622 38.19 -21.22 -10.41
C VAL A 622 37.34 -20.19 -9.64
N VAL A 623 36.29 -19.71 -10.30
CA VAL A 623 35.28 -18.86 -9.65
C VAL A 623 33.97 -19.64 -9.56
N GLY A 624 33.55 -19.92 -8.32
CA GLY A 624 32.30 -20.62 -8.07
C GLY A 624 31.18 -19.60 -8.00
N VAL A 625 30.17 -19.77 -8.85
CA VAL A 625 29.01 -18.87 -8.86
C VAL A 625 27.80 -19.67 -8.41
N SER A 626 27.14 -19.19 -7.36
CA SER A 626 25.93 -19.82 -6.82
C SER A 626 24.91 -18.77 -6.39
N GLY A 627 23.75 -19.22 -5.91
CA GLY A 627 22.64 -18.33 -5.54
C GLY A 627 22.16 -17.47 -6.71
N LEU A 628 22.24 -18.03 -7.92
CA LEU A 628 21.91 -17.31 -9.14
C LEU A 628 20.41 -17.27 -9.39
N GLU A 629 19.92 -16.07 -9.70
CA GLU A 629 18.49 -15.85 -9.88
C GLU A 629 18.24 -14.65 -10.79
N LEU A 630 17.32 -14.83 -11.74
CA LEU A 630 16.85 -13.75 -12.59
C LEU A 630 15.40 -13.43 -12.22
N TRP A 631 15.11 -12.13 -12.06
CA TRP A 631 13.74 -11.65 -11.90
C TRP A 631 13.36 -10.86 -13.13
N ASP A 632 12.51 -11.42 -14.00
CA ASP A 632 12.13 -10.72 -15.21
C ASP A 632 10.79 -9.96 -15.08
N GLY A 633 10.85 -8.65 -15.28
CA GLY A 633 9.64 -7.82 -15.30
C GLY A 633 9.58 -6.75 -14.23
N LEU A 634 9.98 -7.09 -13.01
CA LEU A 634 9.90 -6.21 -11.83
C LEU A 634 8.46 -5.72 -11.61
N VAL A 635 8.29 -4.45 -11.23
CA VAL A 635 6.97 -3.88 -10.94
C VAL A 635 6.76 -2.64 -11.81
N ASP A 636 5.54 -2.44 -12.28
CA ASP A 636 5.15 -1.18 -12.89
C ASP A 636 4.97 -0.18 -11.73
N ALA A 637 5.97 0.70 -11.52
CA ALA A 637 5.99 1.60 -10.36
C ALA A 637 4.91 2.71 -10.39
N TRP A 638 4.40 3.02 -11.58
CA TRP A 638 3.41 4.07 -11.75
C TRP A 638 2.14 3.57 -12.48
N PRO A 639 1.35 2.70 -11.80
CA PRO A 639 0.26 2.02 -12.50
C PRO A 639 -0.80 2.95 -13.10
N ALA A 640 -1.02 4.12 -12.50
CA ALA A 640 -2.00 5.07 -13.05
C ALA A 640 -1.50 5.86 -14.26
N ARG A 641 -0.18 5.89 -14.48
CA ARG A 641 0.37 6.64 -15.60
C ARG A 641 0.25 5.86 -16.91
N PRO A 642 -0.18 6.53 -18.01
CA PRO A 642 0.00 5.89 -19.32
C PRO A 642 1.50 5.76 -19.66
N ALA A 643 1.84 5.02 -20.71
CA ALA A 643 3.24 4.83 -21.13
C ALA A 643 3.92 6.18 -21.46
N ASN A 644 3.19 7.06 -22.12
CA ASN A 644 3.70 8.38 -22.52
C ASN A 644 3.01 9.48 -21.73
N THR A 645 3.70 10.01 -20.73
CA THR A 645 3.19 11.10 -19.90
C THR A 645 3.82 12.46 -20.25
N SER A 646 4.46 12.55 -21.41
CA SER A 646 4.95 13.84 -21.91
C SER A 646 3.79 14.83 -22.10
N GLN A 647 4.04 16.10 -21.80
CA GLN A 647 3.10 17.17 -22.07
C GLN A 647 3.72 18.18 -23.05
N GLY A 648 4.69 17.72 -23.82
CA GLY A 648 5.48 18.59 -24.68
C GLY A 648 6.53 19.39 -23.92
N LEU A 649 7.38 20.06 -24.68
CA LEU A 649 8.43 20.91 -24.11
C LEU A 649 8.22 22.34 -24.53
N VAL A 650 8.60 23.27 -23.67
CA VAL A 650 8.44 24.70 -23.96
C VAL A 650 9.77 25.44 -23.85
N TRP A 651 9.84 26.60 -24.48
CA TRP A 651 10.98 27.49 -24.38
C TRP A 651 10.58 28.75 -23.62
N ASP A 652 11.45 29.18 -22.71
CA ASP A 652 11.24 30.41 -21.94
C ASP A 652 11.28 31.68 -22.80
N GLY A 653 11.84 31.59 -24.00
CA GLY A 653 11.96 32.75 -24.88
C GLY A 653 13.22 33.55 -24.61
N PRO A 654 13.36 34.71 -25.28
CA PRO A 654 14.58 35.54 -25.18
C PRO A 654 14.89 36.08 -23.76
N THR A 655 13.88 36.20 -22.89
CA THR A 655 14.12 36.70 -21.52
C THR A 655 14.95 35.77 -20.64
N ALA A 656 15.04 34.48 -21.01
CA ALA A 656 15.85 33.53 -20.22
C ALA A 656 17.29 34.00 -20.12
N ALA A 657 17.88 34.40 -21.25
CA ALA A 657 19.26 34.91 -21.30
C ALA A 657 19.36 36.28 -20.64
N MET A 658 18.27 37.05 -20.68
CA MET A 658 18.24 38.36 -20.02
C MET A 658 18.31 38.23 -18.50
N TYR A 659 17.51 37.33 -17.94
CA TYR A 659 17.53 37.09 -16.49
C TYR A 659 18.79 36.35 -16.08
N GLY A 660 19.26 35.44 -16.93
CA GLY A 660 20.50 34.70 -16.71
C GLY A 660 20.45 33.64 -15.60
N LEU A 661 19.23 33.25 -15.20
CA LEU A 661 19.04 32.33 -14.09
C LEU A 661 18.91 30.88 -14.53
N PHE A 662 18.21 30.67 -15.64
CA PHE A 662 17.88 29.33 -16.11
C PHE A 662 18.25 29.22 -17.59
N ALA A 663 18.68 28.03 -18.03
CA ALA A 663 18.98 27.79 -19.45
C ALA A 663 17.81 28.22 -20.35
N GLY A 664 16.59 27.95 -19.92
CA GLY A 664 15.39 28.37 -20.64
C GLY A 664 14.65 27.27 -21.37
N TYR A 665 15.21 26.06 -21.37
CA TYR A 665 14.64 24.92 -22.09
C TYR A 665 14.77 23.64 -21.26
N CYS B 42 -21.80 7.99 35.88
CA CYS B 42 -21.14 7.07 34.93
C CYS B 42 -19.75 6.59 35.37
N SER B 43 -19.68 5.31 35.73
CA SER B 43 -18.39 4.66 36.03
C SER B 43 -17.91 3.85 34.83
N LEU B 44 -16.64 4.06 34.50
CA LEU B 44 -15.98 3.35 33.40
C LEU B 44 -14.97 2.32 33.93
N ASP B 45 -15.17 1.92 35.20
CA ASP B 45 -14.33 0.92 35.85
C ASP B 45 -14.66 -0.47 35.32
N GLN B 46 -13.77 -0.98 34.47
CA GLN B 46 -13.93 -2.29 33.85
C GLN B 46 -13.31 -3.44 34.67
N THR B 47 -12.92 -3.15 35.92
CA THR B 47 -12.41 -4.19 36.83
C THR B 47 -13.52 -4.74 37.75
N VAL B 48 -14.69 -4.09 37.70
CA VAL B 48 -15.87 -4.51 38.47
C VAL B 48 -17.08 -4.60 37.54
N ALA B 49 -18.15 -5.25 38.01
CA ALA B 49 -19.42 -5.37 37.27
C ALA B 49 -19.95 -4.00 36.77
N PRO B 50 -20.57 -3.95 35.56
CA PRO B 50 -21.02 -2.65 35.03
C PRO B 50 -22.19 -2.06 35.82
N GLY B 51 -22.17 -0.75 35.98
CA GLY B 51 -23.30 -0.02 36.58
C GLY B 51 -24.38 0.20 35.54
N ASN B 52 -25.09 1.32 35.68
CA ASN B 52 -26.10 1.75 34.72
C ASN B 52 -25.44 2.63 33.65
N LEU B 53 -25.11 2.02 32.51
CA LEU B 53 -24.33 2.71 31.48
C LEU B 53 -25.15 3.73 30.67
N THR B 54 -26.47 3.69 30.78
CA THR B 54 -27.35 4.71 30.16
C THR B 54 -27.16 6.11 30.76
N LEU B 55 -26.55 6.18 31.94
CA LEU B 55 -26.21 7.46 32.58
C LEU B 55 -24.94 8.09 32.00
N CYS B 56 -24.20 7.32 31.20
CA CYS B 56 -22.98 7.80 30.55
C CYS B 56 -23.28 8.80 29.43
N GLY B 57 -22.38 9.77 29.23
CA GLY B 57 -22.55 10.79 28.19
C GLY B 57 -22.31 10.25 26.79
N ASN B 58 -22.54 11.10 25.80
CA ASN B 58 -22.32 10.76 24.39
C ASN B 58 -20.87 10.39 24.11
N ALA B 59 -20.67 9.26 23.45
CA ALA B 59 -19.33 8.82 23.01
C ALA B 59 -18.34 8.55 24.16
N THR B 60 -18.86 8.41 25.39
CA THR B 60 -18.02 8.06 26.54
C THR B 60 -17.59 6.60 26.44
N LEU B 61 -18.34 5.80 25.68
CA LEU B 61 -17.98 4.40 25.42
C LEU B 61 -17.43 4.18 23.99
N PHE B 62 -16.80 5.21 23.42
CA PHE B 62 -16.31 5.17 22.03
C PHE B 62 -15.28 4.07 21.78
N THR B 63 -14.22 4.02 22.60
CA THR B 63 -13.15 3.02 22.42
C THR B 63 -13.44 1.64 23.02
N THR B 64 -14.44 1.56 23.91
CA THR B 64 -14.68 0.37 24.75
C THR B 64 -14.86 -0.93 23.97
N PHE B 65 -15.70 -0.90 22.93
CA PHE B 65 -16.04 -2.11 22.17
C PHE B 65 -15.65 -2.00 20.69
N ARG B 66 -14.85 -0.99 20.37
CA ARG B 66 -14.68 -0.53 19.00
C ARG B 66 -13.68 -1.39 18.22
N PRO B 67 -14.09 -1.92 17.04
CA PRO B 67 -13.13 -2.62 16.17
C PRO B 67 -11.96 -1.72 15.79
N LYS B 68 -10.75 -2.29 15.71
CA LYS B 68 -9.54 -1.54 15.35
C LYS B 68 -8.90 -2.05 14.05
N ALA B 69 -9.23 -3.28 13.65
CA ALA B 69 -8.50 -3.96 12.58
C ALA B 69 -9.26 -4.07 11.26
N ARG B 70 -10.33 -3.29 11.12
CA ARG B 70 -11.20 -3.38 9.94
C ARG B 70 -11.72 -2.01 9.50
N PHE B 71 -12.40 -1.99 8.35
CA PHE B 71 -13.05 -0.81 7.83
C PHE B 71 -14.23 -0.41 8.74
N ILE B 72 -14.20 0.85 9.17
CA ILE B 72 -15.24 1.46 9.99
C ILE B 72 -15.18 2.97 9.73
N ALA B 73 -16.32 3.65 9.77
CA ALA B 73 -16.40 5.11 9.68
C ALA B 73 -15.65 5.77 10.84
N PRO B 74 -15.20 7.04 10.69
CA PRO B 74 -14.57 7.71 11.85
C PRO B 74 -15.50 7.83 13.06
N GLU B 75 -16.79 8.00 12.83
CA GLU B 75 -17.77 8.17 13.92
C GLU B 75 -19.17 8.08 13.33
N GLY B 76 -20.18 8.02 14.20
CA GLY B 76 -21.57 8.10 13.78
C GLY B 76 -22.09 6.84 13.11
N TRP B 77 -23.18 7.03 12.35
CA TRP B 77 -23.90 5.93 11.73
C TRP B 77 -23.24 5.51 10.42
N MET B 78 -23.11 4.20 10.22
CA MET B 78 -22.81 3.67 8.88
C MET B 78 -23.67 2.44 8.57
N ASN B 79 -23.96 2.22 7.28
CA ASN B 79 -24.44 0.91 6.84
C ASN B 79 -23.73 0.42 5.57
N ASP B 80 -24.47 0.06 4.53
CA ASP B 80 -23.96 -0.66 3.34
C ASP B 80 -22.68 -0.08 2.73
N PRO B 81 -21.75 -0.97 2.34
CA PRO B 81 -20.69 -0.58 1.40
C PRO B 81 -21.29 -0.11 0.07
N MET B 82 -20.61 0.81 -0.60
CA MET B 82 -21.09 1.37 -1.87
C MET B 82 -19.92 1.96 -2.65
N GLY B 83 -20.16 2.22 -3.93
CA GLY B 83 -19.18 2.84 -4.81
C GLY B 83 -17.81 2.16 -4.82
N LEU B 84 -17.78 0.84 -4.65
CA LEU B 84 -16.52 0.09 -4.60
C LEU B 84 -15.88 -0.01 -5.98
N TYR B 85 -14.61 0.38 -6.08
CA TYR B 85 -13.81 0.16 -7.31
C TYR B 85 -12.31 0.19 -7.05
N GLN B 86 -11.58 -0.53 -7.90
CA GLN B 86 -10.13 -0.42 -7.91
C GLN B 86 -9.77 0.74 -8.80
N ARG B 87 -9.03 1.70 -8.23
CA ARG B 87 -8.62 2.92 -8.93
C ARG B 87 -7.47 2.62 -9.90
N ALA B 88 -7.21 3.57 -10.81
CA ALA B 88 -6.19 3.43 -11.85
C ALA B 88 -4.80 3.12 -11.26
N ASP B 89 -4.52 3.63 -10.07
CA ASP B 89 -3.26 3.34 -9.39
C ASP B 89 -3.20 1.98 -8.66
N GLY B 90 -4.26 1.19 -8.79
CA GLY B 90 -4.32 -0.13 -8.14
C GLY B 90 -4.89 -0.11 -6.72
N SER B 91 -5.06 1.08 -6.14
CA SER B 91 -5.61 1.17 -4.78
C SER B 91 -7.13 0.89 -4.79
N ILE B 92 -7.69 0.66 -3.60
CA ILE B 92 -9.10 0.32 -3.47
C ILE B 92 -9.85 1.51 -2.92
N HIS B 93 -10.91 2.09 -3.43
CA HIS B 93 -12.00 3.00 -3.08
C HIS B 93 -13.18 2.18 -2.59
N ALA B 94 -13.29 2.59 -1.32
CA ALA B 94 -14.48 2.07 -0.67
C ALA B 94 -15.36 3.19 -0.16
N GLY B 95 -16.61 3.20 -0.64
CA GLY B 95 -17.65 4.06 -0.09
C GLY B 95 -18.54 3.32 0.90
N TYR B 96 -19.36 4.08 1.62
CA TYR B 96 -20.34 3.53 2.57
C TYR B 96 -21.46 4.50 2.87
N GLN B 97 -22.66 3.95 3.08
CA GLN B 97 -23.80 4.70 3.58
C GLN B 97 -23.43 5.27 4.94
N SER B 98 -23.56 6.58 5.09
CA SER B 98 -22.99 7.30 6.22
C SER B 98 -23.91 8.40 6.72
N HIS B 99 -24.03 8.51 8.04
CA HIS B 99 -24.70 9.65 8.68
C HIS B 99 -23.87 10.14 9.88
N PRO B 100 -22.91 11.06 9.63
CA PRO B 100 -22.04 11.59 10.70
C PRO B 100 -22.82 12.24 11.86
N LYS B 101 -22.27 12.17 13.06
CA LYS B 101 -22.81 12.86 14.25
C LYS B 101 -24.23 12.41 14.67
N HIS B 102 -24.63 11.23 14.17
CA HIS B 102 -25.91 10.61 14.51
C HIS B 102 -25.63 9.12 14.76
N ILE B 103 -26.52 8.46 15.49
CA ILE B 103 -26.40 7.00 15.70
C ILE B 103 -27.58 6.21 15.15
N GLN B 104 -28.46 6.92 14.44
CA GLN B 104 -29.47 6.30 13.59
C GLN B 104 -29.33 6.83 12.16
N TRP B 105 -29.87 6.05 11.23
CA TRP B 105 -29.86 6.34 9.79
C TRP B 105 -30.53 7.67 9.46
N GLY B 106 -30.05 8.34 8.42
CA GLY B 106 -30.66 9.56 7.94
C GLY B 106 -29.74 10.33 7.01
N ASN B 107 -30.31 11.28 6.28
CA ASN B 107 -29.58 12.10 5.30
C ASN B 107 -28.51 11.29 4.56
N ILE B 108 -28.85 10.07 4.18
CA ILE B 108 -27.82 9.07 3.92
C ILE B 108 -26.89 9.53 2.78
N SER B 109 -25.59 9.45 3.05
CA SER B 109 -24.56 10.00 2.18
C SER B 109 -23.49 8.93 1.94
N GLN B 110 -22.60 9.20 0.98
CA GLN B 110 -21.42 8.36 0.81
C GLN B 110 -20.24 8.92 1.60
N GLY B 111 -19.82 8.17 2.62
CA GLY B 111 -18.51 8.36 3.22
C GLY B 111 -17.53 7.53 2.41
N ALA B 112 -16.25 7.91 2.41
CA ALA B 112 -15.26 7.21 1.58
C ALA B 112 -13.85 7.17 2.17
N ALA B 113 -13.11 6.13 1.77
CA ALA B 113 -11.72 5.94 2.17
C ALA B 113 -11.03 5.11 1.10
N TYR B 114 -9.69 5.07 1.15
CA TYR B 114 -8.92 4.28 0.18
C TYR B 114 -7.83 3.45 0.87
N SER B 115 -7.38 2.42 0.18
CA SER B 115 -6.37 1.48 0.68
C SER B 115 -5.59 0.84 -0.46
N SER B 116 -4.30 0.62 -0.21
CA SER B 116 -3.46 -0.12 -1.14
C SER B 116 -3.51 -1.63 -0.97
N ASP B 117 -4.10 -2.09 0.13
CA ASP B 117 -4.01 -3.51 0.49
C ASP B 117 -5.26 -4.11 1.16
N PHE B 118 -6.41 -3.46 0.98
CA PHE B 118 -7.69 -3.81 1.66
C PHE B 118 -7.67 -3.65 3.19
N THR B 119 -6.53 -3.28 3.77
CA THR B 119 -6.28 -3.52 5.19
C THR B 119 -5.97 -2.25 5.99
N SER B 120 -5.05 -1.44 5.45
CA SER B 120 -4.70 -0.16 6.06
C SER B 120 -5.36 0.93 5.23
N TRP B 121 -6.18 1.73 5.88
CA TRP B 121 -7.06 2.67 5.18
C TRP B 121 -6.77 4.12 5.52
N THR B 122 -7.09 5.01 4.57
CA THR B 122 -6.97 6.45 4.76
C THR B 122 -8.29 7.14 4.37
N ASP B 123 -8.84 7.94 5.29
CA ASP B 123 -10.07 8.71 5.01
C ASP B 123 -9.81 9.78 3.95
N PHE B 124 -10.78 10.00 3.07
CA PHE B 124 -10.85 11.26 2.32
C PHE B 124 -11.19 12.38 3.27
N ASN B 125 -10.68 13.57 2.98
CA ASN B 125 -10.95 14.78 3.76
C ASN B 125 -11.14 15.95 2.80
N GLY B 126 -12.40 16.34 2.62
CA GLY B 126 -12.77 17.44 1.74
C GLY B 126 -13.65 18.43 2.46
N SER B 127 -14.38 19.24 1.70
CA SER B 127 -15.26 20.27 2.25
C SER B 127 -16.32 19.71 3.21
N GLU B 128 -16.77 18.47 2.96
CA GLU B 128 -17.71 17.77 3.83
C GLU B 128 -17.07 16.66 4.68
N GLY B 129 -15.85 16.91 5.16
CA GLY B 129 -15.12 15.93 5.98
C GLY B 129 -14.84 14.67 5.18
N TYR B 130 -15.34 13.54 5.67
CA TYR B 130 -15.09 12.26 4.98
C TYR B 130 -16.18 11.85 3.98
N LYS B 131 -17.23 12.68 3.86
CA LYS B 131 -18.28 12.50 2.85
C LYS B 131 -17.80 12.90 1.47
N THR B 132 -18.27 12.19 0.44
CA THR B 132 -17.97 12.58 -0.94
C THR B 132 -19.19 12.75 -1.85
N ILE B 133 -20.34 12.18 -1.44
CA ILE B 133 -21.65 12.45 -2.07
C ILE B 133 -22.67 12.61 -0.95
N TRP B 134 -23.63 13.52 -1.11
CA TRP B 134 -24.63 13.83 -0.07
C TRP B 134 -25.92 14.32 -0.73
N PRO B 135 -27.09 14.14 -0.07
CA PRO B 135 -28.32 14.75 -0.61
C PRO B 135 -28.12 16.24 -0.92
N SER B 136 -28.48 16.67 -2.14
CA SER B 136 -28.28 18.06 -2.56
C SER B 136 -29.30 18.59 -3.58
N GLN B 137 -30.16 17.69 -4.08
CA GLN B 137 -31.04 17.99 -5.20
C GLN B 137 -32.43 17.42 -4.91
N ILE B 138 -33.46 17.98 -5.54
CA ILE B 138 -34.84 17.46 -5.35
C ILE B 138 -34.95 15.94 -5.56
N TYR B 139 -34.17 15.41 -6.51
CA TYR B 139 -34.23 13.99 -6.84
C TYR B 139 -33.51 13.06 -5.85
N ASP B 140 -32.56 13.60 -5.06
CA ASP B 140 -31.83 12.80 -4.07
C ASP B 140 -31.80 13.36 -2.64
N ILE B 141 -32.61 14.39 -2.37
CA ILE B 141 -32.62 15.06 -1.07
C ILE B 141 -32.99 14.15 0.12
N ARG B 142 -33.75 13.10 -0.15
CA ARG B 142 -34.18 12.17 0.89
C ARG B 142 -33.09 11.15 1.24
N GLY B 143 -32.03 11.09 0.42
CA GLY B 143 -30.91 10.20 0.67
C GLY B 143 -30.21 9.78 -0.61
N VAL B 144 -28.88 9.70 -0.53
CA VAL B 144 -28.05 9.12 -1.57
C VAL B 144 -27.87 7.66 -1.16
N PHE B 145 -28.72 6.79 -1.70
CA PHE B 145 -28.71 5.36 -1.41
C PHE B 145 -27.54 4.69 -2.16
N ASP B 146 -27.44 3.36 -2.06
CA ASP B 146 -26.33 2.59 -2.64
C ASP B 146 -26.17 2.85 -4.12
N GLY B 147 -24.93 2.70 -4.58
CA GLY B 147 -24.61 2.77 -6.01
C GLY B 147 -23.34 2.01 -6.32
N SER B 148 -23.09 1.81 -7.61
CA SER B 148 -21.94 1.04 -8.06
C SER B 148 -21.25 1.75 -9.22
N ILE B 149 -20.05 1.29 -9.55
CA ILE B 149 -19.14 2.06 -10.41
C ILE B 149 -19.07 1.56 -11.85
N ILE B 150 -19.22 2.49 -12.79
CA ILE B 150 -18.83 2.33 -14.18
C ILE B 150 -17.42 2.90 -14.26
N LYS B 151 -16.42 2.03 -14.41
CA LYS B 151 -15.02 2.46 -14.31
C LYS B 151 -14.62 3.47 -15.40
N GLU B 152 -15.11 3.24 -16.61
CA GLU B 152 -14.86 4.12 -17.74
C GLU B 152 -16.19 4.74 -18.16
N GLY B 153 -16.57 5.82 -17.48
CA GLY B 153 -17.90 6.38 -17.63
C GLY B 153 -17.90 7.73 -18.35
N ILE B 154 -18.64 8.68 -17.78
CA ILE B 154 -18.79 10.02 -18.34
C ILE B 154 -17.42 10.65 -18.60
N ASP B 155 -17.20 11.04 -19.86
CA ASP B 155 -15.92 11.61 -20.34
C ASP B 155 -14.70 10.74 -20.01
N GLY B 156 -14.92 9.43 -19.87
CA GLY B 156 -13.87 8.49 -19.48
C GLY B 156 -13.59 8.36 -17.97
N TYR B 157 -14.29 9.14 -17.15
CA TYR B 157 -14.06 9.15 -15.71
C TYR B 157 -14.87 8.07 -14.96
N PRO B 158 -14.35 7.60 -13.79
CA PRO B 158 -15.16 6.69 -12.98
C PRO B 158 -16.50 7.36 -12.65
N THR B 159 -17.58 6.59 -12.77
CA THR B 159 -18.94 7.11 -12.71
C THR B 159 -19.77 6.20 -11.81
N ILE B 160 -20.50 6.81 -10.88
CA ILE B 160 -21.39 6.05 -10.00
C ILE B 160 -22.83 6.13 -10.53
N LEU B 161 -23.50 4.97 -10.60
CA LEU B 161 -24.94 4.91 -10.78
C LEU B 161 -25.50 4.55 -9.41
N TYR B 162 -26.31 5.46 -8.86
CA TYR B 162 -26.82 5.34 -7.50
C TYR B 162 -28.31 5.61 -7.40
N THR B 163 -28.94 5.07 -6.36
CA THR B 163 -30.33 5.37 -6.08
C THR B 163 -30.51 6.74 -5.41
N SER B 164 -31.11 7.64 -6.17
CA SER B 164 -31.47 8.97 -5.72
C SER B 164 -32.89 8.93 -5.18
N THR B 165 -33.07 9.29 -3.91
CA THR B 165 -34.39 9.24 -3.31
C THR B 165 -34.98 10.64 -3.01
N SER B 166 -36.29 10.76 -3.23
CA SER B 166 -37.04 11.98 -2.90
C SER B 166 -38.15 11.64 -1.90
N PHE B 167 -39.13 12.52 -1.78
N PHE B 167 -39.12 12.55 -1.75
CA PHE B 167 -40.21 12.41 -0.80
CA PHE B 167 -40.21 12.44 -0.76
C PHE B 167 -41.19 11.26 -1.08
C PHE B 167 -41.19 11.30 -1.07
N GLY B 168 -41.94 10.90 -0.04
CA GLY B 168 -43.03 9.93 -0.17
C GLY B 168 -42.78 8.68 0.66
N PRO B 169 -43.84 7.86 0.87
CA PRO B 169 -43.63 6.57 1.52
C PRO B 169 -42.58 5.73 0.77
N LEU B 170 -41.59 5.23 1.51
CA LEU B 170 -40.53 4.41 0.94
C LEU B 170 -40.39 3.16 1.80
N GLY B 171 -40.61 2.00 1.19
CA GLY B 171 -40.53 0.72 1.91
C GLY B 171 -41.35 -0.39 1.30
N ALA B 172 -40.87 -1.62 1.50
CA ALA B 172 -41.49 -2.83 0.96
C ALA B 172 -42.89 -3.12 1.52
N THR B 173 -43.14 -2.69 2.75
CA THR B 173 -44.48 -2.84 3.38
C THR B 173 -45.36 -1.60 3.24
N LEU B 174 -44.83 -0.56 2.58
CA LEU B 174 -45.54 0.71 2.42
C LEU B 174 -46.11 0.88 1.00
N ASN B 175 -46.84 1.96 0.79
CA ASN B 175 -47.44 2.27 -0.51
C ASN B 175 -46.56 3.27 -1.28
N GLU B 176 -45.40 2.79 -1.73
CA GLU B 176 -44.43 3.62 -2.47
C GLU B 176 -44.97 3.96 -3.86
N ALA B 177 -44.67 5.17 -4.34
CA ALA B 177 -45.00 5.58 -5.69
C ALA B 177 -43.74 5.83 -6.51
N GLU B 178 -43.91 5.79 -7.82
CA GLU B 178 -42.88 6.14 -8.80
C GLU B 178 -42.28 7.52 -8.51
N GLY B 179 -40.96 7.63 -8.60
CA GLY B 179 -40.27 8.90 -8.37
C GLY B 179 -39.57 9.01 -7.02
N THR B 180 -40.13 8.32 -6.03
CA THR B 180 -39.53 8.29 -4.69
C THR B 180 -38.12 7.67 -4.73
N GLU B 181 -37.96 6.64 -5.55
CA GLU B 181 -36.66 6.03 -5.78
C GLU B 181 -36.37 6.07 -7.27
N THR B 182 -35.32 6.80 -7.64
CA THR B 182 -34.86 6.87 -9.02
C THR B 182 -33.36 6.54 -9.05
N GLN B 183 -32.77 6.47 -10.25
CA GLN B 183 -31.35 6.15 -10.43
C GLN B 183 -30.66 7.31 -11.14
N SER B 184 -29.56 7.78 -10.56
CA SER B 184 -28.84 8.97 -11.03
C SER B 184 -27.35 8.70 -11.22
N LEU B 185 -26.70 9.59 -11.99
CA LEU B 185 -25.28 9.49 -12.26
C LEU B 185 -24.45 10.64 -11.68
N ALA B 186 -23.25 10.29 -11.24
CA ALA B 186 -22.21 11.26 -10.89
C ALA B 186 -20.85 10.70 -11.29
N TYR B 187 -19.89 11.58 -11.59
CA TYR B 187 -18.54 11.14 -11.97
C TYR B 187 -17.48 11.87 -11.17
N THR B 188 -16.30 11.25 -11.03
CA THR B 188 -15.17 11.83 -10.31
C THR B 188 -14.00 12.13 -11.26
N THR B 189 -13.48 13.36 -11.18
CA THR B 189 -12.29 13.73 -11.97
C THR B 189 -11.04 13.75 -11.10
N ASP B 190 -11.21 13.39 -9.84
CA ASP B 190 -10.10 13.41 -8.88
C ASP B 190 -10.02 12.12 -8.06
N ASP B 191 -10.30 10.98 -8.71
CA ASP B 191 -10.12 9.67 -8.08
C ASP B 191 -10.92 9.45 -6.78
N GLY B 192 -12.12 10.03 -6.72
CA GLY B 192 -13.02 9.83 -5.58
C GLY B 192 -12.94 10.85 -4.45
N ALA B 193 -12.12 11.89 -4.60
CA ALA B 193 -12.10 12.99 -3.61
C ALA B 193 -13.42 13.77 -3.66
N SER B 194 -14.00 13.87 -4.86
CA SER B 194 -15.28 14.53 -5.05
C SER B 194 -16.03 13.93 -6.23
N TRP B 195 -17.34 14.16 -6.30
CA TRP B 195 -18.18 13.66 -7.39
C TRP B 195 -19.03 14.80 -7.94
N ILE B 196 -19.15 14.83 -9.27
CA ILE B 196 -19.99 15.81 -9.95
C ILE B 196 -21.22 15.10 -10.50
N LYS B 197 -22.39 15.52 -10.01
CA LYS B 197 -23.66 14.97 -10.47
C LYS B 197 -24.01 15.60 -11.80
N LEU B 198 -24.62 14.81 -12.68
CA LEU B 198 -25.25 15.37 -13.89
C LEU B 198 -26.36 16.31 -13.47
N GLY B 199 -26.69 17.28 -14.32
CA GLY B 199 -27.78 18.22 -14.04
C GLY B 199 -29.13 17.55 -13.85
N TYR B 200 -30.04 18.23 -13.16
CA TYR B 200 -31.41 17.72 -13.07
C TYR B 200 -32.16 18.09 -14.35
N GLY B 201 -32.89 17.12 -14.89
CA GLY B 201 -33.81 17.42 -16.00
C GLY B 201 -33.92 16.37 -17.08
N ALA B 202 -34.68 16.72 -18.12
CA ALA B 202 -34.92 15.85 -19.27
C ALA B 202 -33.61 15.49 -19.95
N GLY B 203 -33.37 14.19 -20.11
CA GLY B 203 -32.15 13.68 -20.73
C GLY B 203 -30.93 13.77 -19.82
N GLN B 204 -31.17 14.07 -18.54
CA GLN B 204 -30.11 14.12 -17.54
C GLN B 204 -30.56 13.37 -16.29
N ASN B 205 -30.15 13.79 -15.08
CA ASN B 205 -30.59 13.14 -13.84
C ASN B 205 -32.07 13.40 -13.51
N PRO B 206 -32.79 12.40 -12.99
CA PRO B 206 -32.31 11.01 -12.88
C PRO B 206 -32.42 10.29 -14.22
N VAL B 207 -31.53 9.34 -14.47
CA VAL B 207 -31.48 8.64 -15.77
C VAL B 207 -32.45 7.45 -15.85
N ILE B 208 -32.81 6.87 -14.71
CA ILE B 208 -33.82 5.81 -14.66
C ILE B 208 -34.86 6.19 -13.61
N TYR B 209 -36.12 6.34 -14.04
CA TYR B 209 -37.18 6.84 -13.17
C TYR B 209 -38.51 6.09 -13.32
N GLU B 210 -38.77 5.55 -14.50
CA GLU B 210 -39.97 4.75 -14.72
C GLU B 210 -39.83 3.36 -14.12
N TRP B 211 -40.85 2.92 -13.40
CA TRP B 211 -40.94 1.56 -12.89
C TRP B 211 -41.09 0.60 -14.07
N PRO B 212 -40.24 -0.45 -14.13
CA PRO B 212 -40.34 -1.40 -15.24
C PRO B 212 -41.57 -2.33 -15.15
N GLU B 213 -42.10 -2.51 -13.95
CA GLU B 213 -43.32 -3.27 -13.70
C GLU B 213 -44.14 -2.49 -12.68
N THR B 214 -45.41 -2.85 -12.52
CA THR B 214 -46.32 -2.12 -11.61
C THR B 214 -46.23 -2.60 -10.16
N ASN B 215 -46.71 -1.78 -9.23
CA ASN B 215 -46.81 -2.17 -7.81
C ASN B 215 -45.49 -2.71 -7.21
N LEU B 216 -44.39 -2.00 -7.45
CA LEU B 216 -43.08 -2.39 -6.88
C LEU B 216 -43.02 -2.23 -5.37
N THR B 217 -42.31 -3.16 -4.74
CA THR B 217 -42.00 -3.10 -3.32
C THR B 217 -40.72 -2.30 -3.07
N GLY B 218 -39.89 -2.19 -4.11
CA GLY B 218 -38.59 -1.50 -4.02
C GLY B 218 -38.00 -1.30 -5.41
N PHE B 219 -37.05 -0.38 -5.51
CA PHE B 219 -36.49 0.02 -6.81
C PHE B 219 -35.15 0.71 -6.57
N ARG B 220 -34.16 -0.07 -6.15
CA ARG B 220 -32.91 0.50 -5.64
C ARG B 220 -31.67 -0.39 -5.76
N ASP B 221 -30.53 0.20 -5.38
CA ASP B 221 -29.21 -0.44 -5.32
C ASP B 221 -28.73 -0.95 -6.69
N PRO B 222 -28.58 -0.02 -7.68
CA PRO B 222 -28.17 -0.46 -9.03
C PRO B 222 -26.77 -1.09 -9.03
N TYR B 223 -26.64 -2.22 -9.71
CA TYR B 223 -25.38 -2.91 -9.84
C TYR B 223 -24.96 -2.92 -11.30
N VAL B 224 -23.94 -2.13 -11.63
CA VAL B 224 -23.48 -2.03 -13.01
C VAL B 224 -22.30 -2.97 -13.23
N PHE B 225 -22.35 -3.71 -14.33
CA PHE B 225 -21.29 -4.70 -14.65
C PHE B 225 -21.17 -4.93 -16.14
N GLN B 226 -19.97 -5.31 -16.56
CA GLN B 226 -19.74 -5.80 -17.91
C GLN B 226 -19.88 -7.32 -17.88
N SER B 227 -20.31 -7.90 -18.99
CA SER B 227 -20.54 -9.33 -19.10
C SER B 227 -20.42 -9.80 -20.54
N PRO B 228 -19.23 -10.28 -20.95
CA PRO B 228 -19.11 -10.99 -22.22
C PRO B 228 -20.10 -12.16 -22.32
N ARG B 229 -20.37 -12.84 -21.19
CA ARG B 229 -21.37 -13.91 -21.11
C ARG B 229 -22.76 -13.44 -21.57
N LEU B 230 -23.29 -12.40 -20.92
CA LEU B 230 -24.62 -11.90 -21.28
C LEU B 230 -24.66 -11.29 -22.68
N GLU B 231 -23.57 -10.65 -23.11
CA GLU B 231 -23.46 -10.11 -24.47
C GLU B 231 -23.56 -11.22 -25.53
N ALA B 232 -22.82 -12.32 -25.32
CA ALA B 232 -22.87 -13.50 -26.19
C ALA B 232 -24.28 -14.06 -26.29
N LEU B 233 -24.93 -14.21 -25.13
CA LEU B 233 -26.29 -14.77 -25.06
C LEU B 233 -27.35 -13.89 -25.72
N LEU B 234 -27.16 -12.58 -25.65
CA LEU B 234 -28.16 -11.63 -26.18
C LEU B 234 -27.89 -11.15 -27.59
N ALA B 235 -26.74 -11.51 -28.16
CA ALA B 235 -26.32 -11.08 -29.51
C ALA B 235 -27.36 -11.37 -30.59
N ASN B 236 -28.00 -12.55 -30.49
CA ASN B 236 -29.20 -13.02 -31.23
C ASN B 236 -30.38 -12.07 -31.31
N THR B 237 -30.51 -11.22 -30.29
CA THR B 237 -31.75 -10.51 -30.01
C THR B 237 -31.65 -8.99 -30.09
N THR B 238 -30.44 -8.46 -30.37
CA THR B 238 -30.22 -7.01 -30.38
C THR B 238 -31.09 -6.24 -31.38
N SER B 239 -31.56 -6.94 -32.43
CA SER B 239 -32.57 -6.40 -33.36
C SER B 239 -33.93 -6.12 -32.72
N ILE B 240 -34.30 -6.91 -31.72
CA ILE B 240 -35.58 -6.77 -31.00
C ILE B 240 -35.58 -5.55 -30.06
N THR B 241 -34.51 -5.37 -29.29
CA THR B 241 -34.47 -4.35 -28.23
C THR B 241 -33.66 -3.10 -28.57
N ASN B 242 -32.74 -3.23 -29.53
CA ASN B 242 -31.76 -2.20 -29.91
C ASN B 242 -30.71 -1.85 -28.83
N ALA B 243 -30.70 -2.58 -27.72
CA ALA B 243 -29.73 -2.36 -26.65
C ALA B 243 -28.44 -3.12 -26.97
N THR B 244 -27.37 -2.37 -27.25
CA THR B 244 -26.09 -2.96 -27.71
C THR B 244 -24.87 -2.56 -26.86
N GLY B 245 -25.10 -1.91 -25.73
CA GLY B 245 -24.01 -1.45 -24.86
C GLY B 245 -23.25 -2.58 -24.17
N ASP B 246 -22.05 -2.26 -23.69
CA ASP B 246 -21.20 -3.22 -22.99
C ASP B 246 -21.39 -3.22 -21.46
N HIS B 247 -22.32 -2.41 -20.96
CA HIS B 247 -22.66 -2.42 -19.54
C HIS B 247 -24.09 -2.87 -19.32
N PHE B 248 -24.28 -3.66 -18.28
CA PHE B 248 -25.60 -4.07 -17.81
C PHE B 248 -25.80 -3.48 -16.43
N ALA B 249 -27.06 -3.32 -16.01
CA ALA B 249 -27.35 -2.94 -14.64
C ALA B 249 -28.55 -3.70 -14.10
N THR B 250 -28.42 -4.18 -12.88
CA THR B 250 -29.57 -4.70 -12.17
C THR B 250 -30.08 -3.66 -11.18
N ILE B 251 -31.40 -3.63 -11.00
CA ILE B 251 -32.02 -2.86 -9.91
C ILE B 251 -32.84 -3.81 -9.04
N SER B 252 -32.69 -3.67 -7.72
CA SER B 252 -33.30 -4.59 -6.75
C SER B 252 -34.68 -4.13 -6.28
N GLY B 253 -35.59 -5.10 -6.21
CA GLY B 253 -36.94 -4.85 -5.72
C GLY B 253 -37.80 -6.08 -5.59
N GLY B 254 -39.06 -5.92 -6.01
CA GLY B 254 -40.07 -6.97 -5.94
C GLY B 254 -41.44 -6.43 -6.30
N VAL B 255 -42.45 -7.28 -6.20
CA VAL B 255 -43.83 -6.93 -6.57
C VAL B 255 -44.73 -7.26 -5.38
N HIS B 256 -45.59 -6.30 -5.01
CA HIS B 256 -46.47 -6.44 -3.84
C HIS B 256 -47.27 -7.75 -3.86
N GLY B 257 -47.22 -8.46 -2.73
CA GLY B 257 -47.86 -9.77 -2.57
C GLY B 257 -47.33 -10.90 -3.45
N ASP B 258 -46.30 -10.63 -4.26
CA ASP B 258 -45.84 -11.62 -5.24
C ASP B 258 -44.33 -11.94 -5.26
N GLY B 259 -43.59 -11.52 -4.23
CA GLY B 259 -42.18 -11.89 -4.10
C GLY B 259 -41.20 -10.89 -4.70
N ALA B 260 -39.92 -11.20 -4.57
CA ALA B 260 -38.83 -10.31 -4.95
C ALA B 260 -38.47 -10.40 -6.44
N ARG B 261 -37.88 -9.33 -6.96
CA ARG B 261 -37.42 -9.26 -8.35
C ARG B 261 -36.07 -8.59 -8.43
N LEU B 262 -35.24 -9.11 -9.32
CA LEU B 262 -34.07 -8.41 -9.78
C LEU B 262 -34.30 -8.04 -11.23
N PHE B 263 -34.38 -6.74 -11.50
CA PHE B 263 -34.65 -6.21 -12.84
C PHE B 263 -33.35 -5.98 -13.59
N LEU B 264 -33.32 -6.44 -14.84
CA LEU B 264 -32.13 -6.29 -15.69
C LEU B 264 -32.30 -5.22 -16.77
N TYR B 265 -31.34 -4.29 -16.77
CA TYR B 265 -31.22 -3.24 -17.79
C TYR B 265 -29.94 -3.47 -18.57
N ARG B 266 -29.93 -3.03 -19.82
CA ARG B 266 -28.70 -2.97 -20.60
C ARG B 266 -28.52 -1.56 -21.12
N GLN B 267 -27.30 -1.06 -20.99
CA GLN B 267 -26.88 0.21 -21.60
C GLN B 267 -27.22 0.14 -23.09
N HIS B 268 -27.70 1.04 -23.40
CA HIS B 268 -28.33 1.04 -24.71
C HIS B 268 -27.33 1.26 -25.84
N THR B 269 -26.37 2.07 -25.71
CA THR B 269 -25.27 2.32 -26.65
C THR B 269 -23.95 2.45 -25.91
N THR B 270 -22.94 1.73 -26.38
CA THR B 270 -21.55 1.83 -25.90
C THR B 270 -21.09 3.29 -25.90
N GLY B 271 -20.43 3.69 -24.81
CA GLY B 271 -19.91 5.05 -24.65
C GLY B 271 -20.94 6.12 -24.33
N GLU B 272 -22.20 5.72 -24.15
CA GLU B 272 -23.28 6.63 -23.77
C GLU B 272 -23.97 6.12 -22.52
N PHE B 273 -24.23 7.02 -21.56
CA PHE B 273 -24.59 6.59 -20.20
C PHE B 273 -25.94 7.07 -19.67
N ILE B 274 -26.66 7.80 -20.52
CA ILE B 274 -27.98 8.30 -20.17
C ILE B 274 -29.07 7.24 -20.35
N LYS B 275 -29.08 6.58 -21.51
CA LYS B 275 -30.16 5.65 -21.84
C LYS B 275 -29.84 4.22 -21.43
N TRP B 276 -30.70 3.66 -20.58
CA TRP B 276 -30.63 2.28 -20.12
C TRP B 276 -31.95 1.60 -20.47
N THR B 277 -31.86 0.49 -21.21
CA THR B 277 -33.05 -0.20 -21.70
C THR B 277 -33.36 -1.39 -20.80
N TYR B 278 -34.57 -1.37 -20.23
CA TYR B 278 -35.08 -2.50 -19.45
C TYR B 278 -35.31 -3.70 -20.36
N LEU B 279 -34.70 -4.82 -20.00
CA LEU B 279 -34.86 -6.07 -20.74
C LEU B 279 -35.97 -6.92 -20.15
N GLY B 280 -35.87 -7.20 -18.86
CA GLY B 280 -36.84 -8.03 -18.17
C GLY B 280 -36.33 -8.44 -16.79
N PRO B 281 -37.14 -9.19 -16.03
CA PRO B 281 -36.74 -9.68 -14.70
C PRO B 281 -35.66 -10.75 -14.85
N LEU B 282 -34.56 -10.58 -14.14
CA LEU B 282 -33.46 -11.54 -14.17
C LEU B 282 -33.71 -12.64 -13.16
N VAL B 283 -34.03 -12.26 -11.93
CA VAL B 283 -34.35 -13.22 -10.87
C VAL B 283 -35.76 -12.93 -10.38
N THR B 284 -36.56 -14.00 -10.32
CA THR B 284 -37.93 -13.96 -9.81
C THR B 284 -38.06 -15.05 -8.75
N THR B 285 -38.42 -14.64 -7.54
CA THR B 285 -38.67 -15.59 -6.45
C THR B 285 -40.06 -15.34 -5.87
N GLY B 286 -40.58 -16.32 -5.14
CA GLY B 286 -41.93 -16.24 -4.59
C GLY B 286 -42.00 -15.56 -3.25
N TYR B 287 -43.20 -15.06 -2.93
CA TYR B 287 -43.51 -14.41 -1.66
C TYR B 287 -43.12 -15.29 -0.48
N LYS B 288 -42.09 -14.85 0.23
CA LYS B 288 -41.52 -15.57 1.39
C LYS B 288 -41.16 -17.04 1.10
N GLU B 289 -40.85 -17.34 -0.16
CA GLU B 289 -40.37 -18.65 -0.59
C GLU B 289 -39.00 -18.94 0.05
N SER B 290 -38.82 -20.18 0.50
CA SER B 290 -37.51 -20.66 0.92
C SER B 290 -37.08 -21.81 0.00
N TYR B 291 -35.82 -21.76 -0.41
CA TYR B 291 -35.21 -22.83 -1.18
C TYR B 291 -34.88 -24.01 -0.26
N GLY B 292 -34.86 -23.77 1.05
CA GLY B 292 -34.58 -24.81 2.04
C GLY B 292 -33.75 -24.36 3.23
N GLU B 293 -33.47 -25.31 4.11
CA GLU B 293 -32.73 -25.10 5.37
C GLU B 293 -31.31 -24.53 5.20
N TRP B 294 -30.70 -24.79 4.04
CA TRP B 294 -29.33 -24.35 3.75
C TRP B 294 -29.30 -23.02 2.97
N SER B 295 -30.46 -22.38 2.85
CA SER B 295 -30.66 -21.34 1.85
C SER B 295 -31.39 -20.07 2.31
N GLY B 296 -31.61 -19.94 3.62
CA GLY B 296 -32.35 -18.80 4.17
C GLY B 296 -33.76 -18.67 3.59
N ASN B 297 -34.18 -17.44 3.33
CA ASN B 297 -35.52 -17.16 2.80
C ASN B 297 -35.47 -16.00 1.82
N TYR B 298 -36.20 -16.13 0.71
CA TYR B 298 -36.20 -15.11 -0.33
C TYR B 298 -37.03 -13.85 -0.01
N GLY B 299 -37.74 -13.87 1.12
CA GLY B 299 -38.51 -12.71 1.60
C GLY B 299 -39.50 -12.11 0.61
N ILE B 300 -39.66 -10.78 0.68
CA ILE B 300 -40.67 -10.06 -0.12
C ILE B 300 -40.07 -9.03 -1.10
N ASN B 301 -38.77 -8.76 -0.94
CA ASN B 301 -38.09 -7.68 -1.64
C ASN B 301 -36.59 -7.91 -1.61
N PHE B 302 -35.93 -7.71 -2.76
CA PHE B 302 -34.47 -7.73 -2.83
C PHE B 302 -33.85 -6.38 -2.54
N GLU B 303 -32.70 -6.41 -1.89
CA GLU B 303 -31.86 -5.24 -1.67
C GLU B 303 -30.42 -5.63 -2.05
N THR B 304 -29.64 -4.65 -2.50
CA THR B 304 -28.19 -4.80 -2.76
C THR B 304 -27.73 -5.95 -3.67
N ALA B 305 -28.53 -6.34 -4.65
CA ALA B 305 -28.15 -7.47 -5.50
C ALA B 305 -26.96 -7.21 -6.43
N GLY B 306 -26.18 -8.26 -6.69
CA GLY B 306 -25.05 -8.23 -7.63
C GLY B 306 -25.01 -9.44 -8.56
N VAL B 307 -24.29 -9.29 -9.68
CA VAL B 307 -24.16 -10.35 -10.67
C VAL B 307 -22.67 -10.53 -10.97
N THR B 308 -22.20 -11.77 -10.89
CA THR B 308 -20.80 -12.07 -11.21
C THR B 308 -20.67 -13.41 -11.95
N ARG B 309 -19.44 -13.72 -12.37
CA ARG B 309 -19.13 -14.99 -13.01
C ARG B 309 -17.77 -15.44 -12.49
N LEU B 310 -17.73 -16.65 -11.97
CA LEU B 310 -16.54 -17.15 -11.29
C LEU B 310 -16.08 -18.49 -11.84
N ASN B 311 -14.80 -18.79 -11.61
CA ASN B 311 -14.25 -20.12 -11.83
C ASN B 311 -13.38 -20.50 -10.61
N PRO B 312 -12.75 -21.71 -10.57
CA PRO B 312 -11.96 -22.06 -9.37
C PRO B 312 -10.91 -21.04 -8.91
N ALA B 313 -10.31 -20.29 -9.84
CA ALA B 313 -9.25 -19.32 -9.51
C ALA B 313 -9.77 -17.94 -9.02
N GLY B 314 -11.01 -17.60 -9.33
CA GLY B 314 -11.57 -16.28 -8.99
C GLY B 314 -12.58 -15.81 -10.00
N ALA B 315 -12.44 -14.58 -10.47
CA ALA B 315 -13.35 -14.02 -11.47
C ALA B 315 -13.11 -14.60 -12.86
N ALA B 316 -14.20 -14.89 -13.58
CA ALA B 316 -14.12 -15.38 -14.95
C ALA B 316 -14.80 -14.40 -15.91
N TRP B 317 -14.08 -14.01 -16.95
CA TRP B 317 -14.58 -13.01 -17.92
C TRP B 317 -14.79 -13.60 -19.33
N ASP B 318 -14.95 -14.92 -19.38
CA ASP B 318 -15.23 -15.64 -20.62
C ASP B 318 -16.71 -15.50 -21.01
N ASN B 319 -17.03 -15.85 -22.26
CA ASN B 319 -18.39 -15.71 -22.77
C ASN B 319 -19.30 -16.94 -22.60
N GLY B 320 -18.84 -17.91 -21.81
CA GLY B 320 -19.50 -19.20 -21.70
C GLY B 320 -18.57 -20.35 -22.07
N SER B 321 -17.50 -20.03 -22.80
CA SER B 321 -16.50 -20.99 -23.28
C SER B 321 -15.72 -21.73 -22.18
N ASP B 322 -15.56 -21.08 -21.03
CA ASP B 322 -14.92 -21.71 -19.87
C ASP B 322 -15.90 -22.63 -19.14
N THR B 323 -15.62 -23.92 -19.29
CA THR B 323 -16.39 -25.03 -18.74
C THR B 323 -16.47 -25.07 -17.23
N THR B 324 -15.45 -24.51 -16.58
CA THR B 324 -15.29 -24.53 -15.13
C THR B 324 -15.95 -23.31 -14.46
N ALA B 325 -16.44 -22.39 -15.28
CA ALA B 325 -17.01 -21.13 -14.77
C ALA B 325 -18.50 -21.27 -14.45
N VAL B 326 -18.94 -20.58 -13.40
CA VAL B 326 -20.33 -20.59 -12.93
C VAL B 326 -20.84 -19.16 -12.76
N ASP B 327 -22.05 -18.91 -13.25
CA ASP B 327 -22.75 -17.64 -13.06
C ASP B 327 -23.40 -17.57 -11.69
N PHE B 328 -23.16 -16.48 -10.98
CA PHE B 328 -23.72 -16.26 -9.65
C PHE B 328 -24.45 -14.94 -9.55
N VAL B 329 -25.50 -14.92 -8.74
CA VAL B 329 -26.12 -13.68 -8.28
C VAL B 329 -26.06 -13.65 -6.75
N THR B 330 -25.82 -12.47 -6.19
CA THR B 330 -25.98 -12.26 -4.75
C THR B 330 -27.13 -11.29 -4.54
N PHE B 331 -27.77 -11.36 -3.38
CA PHE B 331 -28.90 -10.49 -3.05
C PHE B 331 -29.23 -10.52 -1.56
N GLY B 332 -29.67 -9.40 -1.05
CA GLY B 332 -30.14 -9.25 0.28
C GLY B 332 -31.64 -9.41 0.15
N THR B 333 -32.27 -10.05 1.09
CA THR B 333 -33.70 -10.23 1.11
C THR B 333 -34.26 -9.72 2.43
N GLU B 334 -35.45 -9.19 2.35
CA GLU B 334 -36.10 -8.67 3.53
C GLU B 334 -37.51 -9.19 3.77
N GLN B 335 -37.84 -9.29 5.03
CA GLN B 335 -39.12 -9.75 5.56
C GLN B 335 -39.40 -11.23 5.37
N GLY B 336 -38.36 -12.06 5.50
CA GLY B 336 -38.41 -13.50 5.38
C GLY B 336 -37.63 -14.09 6.54
N ARG B 337 -37.39 -13.28 7.56
CA ARG B 337 -36.64 -13.70 8.74
C ARG B 337 -37.30 -13.23 10.02
N ALA B 338 -37.40 -14.12 10.96
CA ALA B 338 -38.02 -13.82 12.24
C ALA B 338 -37.23 -12.85 13.08
N ASP B 339 -35.97 -12.67 12.72
CA ASP B 339 -35.05 -11.77 13.36
C ASP B 339 -33.98 -11.34 12.34
N HIS B 340 -32.54 -10.85 12.95
CA HIS B 340 -31.53 -10.25 12.07
C HIS B 340 -32.19 -9.24 11.16
N GLN B 341 -32.91 -8.30 11.80
CA GLN B 341 -33.44 -7.14 11.15
C GLN B 341 -34.23 -7.57 9.92
N ASN B 342 -34.84 -8.74 10.06
CA ASN B 342 -35.63 -9.38 9.04
C ASN B 342 -34.82 -9.71 7.74
N HIS B 343 -33.52 -9.92 7.88
CA HIS B 343 -32.62 -10.03 6.74
C HIS B 343 -31.68 -11.17 6.43
N TRP B 344 -31.65 -11.53 5.17
CA TRP B 344 -30.77 -12.56 4.69
C TRP B 344 -29.86 -12.08 3.54
N PRO B 345 -28.49 -12.22 3.77
CA PRO B 345 -27.63 -11.96 2.63
C PRO B 345 -27.33 -13.30 1.96
N LEU B 346 -27.91 -13.43 0.80
CA LEU B 346 -27.87 -14.62 0.03
C LEU B 346 -27.11 -14.61 -1.27
N TRP B 347 -27.00 -15.79 -1.84
CA TRP B 347 -26.38 -16.01 -3.14
C TRP B 347 -26.99 -17.23 -3.87
N ALA B 348 -27.00 -17.21 -5.21
CA ALA B 348 -27.47 -18.35 -5.99
C ALA B 348 -26.60 -18.55 -7.22
N ALA B 349 -26.30 -19.81 -7.53
CA ALA B 349 -25.74 -20.16 -8.83
C ALA B 349 -26.90 -20.23 -9.80
N VAL B 350 -26.70 -19.68 -10.99
CA VAL B 350 -27.79 -19.55 -11.96
C VAL B 350 -27.41 -20.07 -13.34
N ASP B 351 -28.40 -20.62 -14.04
CA ASP B 351 -28.27 -20.94 -15.46
C ASP B 351 -29.12 -19.94 -16.25
N TYR B 352 -28.46 -19.19 -17.14
CA TYR B 352 -29.14 -18.18 -17.94
C TYR B 352 -29.89 -18.78 -19.12
N GLU B 353 -31.10 -18.27 -19.35
CA GLU B 353 -31.91 -18.61 -20.52
C GLU B 353 -32.36 -17.32 -21.21
N VAL B 354 -32.34 -17.35 -22.54
CA VAL B 354 -32.74 -16.22 -23.35
C VAL B 354 -34.25 -16.30 -23.62
N ARG B 355 -34.97 -15.24 -23.25
CA ARG B 355 -36.40 -15.10 -23.55
C ARG B 355 -36.61 -14.58 -24.97
N ASP B 356 -37.81 -14.82 -25.52
CA ASP B 356 -38.17 -14.39 -26.89
C ASP B 356 -38.12 -12.88 -27.10
N ASN B 357 -38.44 -12.12 -26.04
CA ASN B 357 -38.34 -10.66 -26.10
C ASN B 357 -36.94 -10.06 -25.90
N GLY B 358 -35.92 -10.91 -25.88
CA GLY B 358 -34.54 -10.47 -25.78
C GLY B 358 -34.12 -10.06 -24.37
N SER B 359 -34.60 -10.80 -23.37
CA SER B 359 -34.19 -10.63 -21.99
C SER B 359 -33.61 -11.95 -21.46
N ILE B 360 -33.11 -11.94 -20.22
CA ILE B 360 -32.45 -13.11 -19.62
C ILE B 360 -33.18 -13.55 -18.36
N GLU B 361 -33.56 -14.82 -18.32
CA GLU B 361 -34.04 -15.44 -17.08
C GLU B 361 -32.88 -16.19 -16.43
N ALA B 362 -32.61 -15.84 -15.18
CA ALA B 362 -31.59 -16.54 -14.39
C ALA B 362 -32.30 -17.60 -13.55
N VAL B 363 -32.11 -18.86 -13.94
CA VAL B 363 -32.78 -20.00 -13.28
C VAL B 363 -31.85 -20.48 -12.16
N ILE B 364 -32.32 -20.40 -10.92
CA ILE B 364 -31.54 -20.81 -9.74
C ILE B 364 -31.22 -22.33 -9.76
N ALA B 365 -29.92 -22.65 -9.83
CA ALA B 365 -29.43 -24.03 -9.86
C ALA B 365 -29.18 -24.57 -8.45
N TYR B 366 -28.61 -23.72 -7.60
CA TYR B 366 -28.51 -23.97 -6.15
C TYR B 366 -28.40 -22.62 -5.45
N SER B 367 -28.61 -22.61 -4.15
CA SER B 367 -28.84 -21.36 -3.45
C SER B 367 -28.31 -21.44 -2.03
N GLY B 368 -27.54 -20.42 -1.64
CA GLY B 368 -26.88 -20.39 -0.35
C GLY B 368 -26.91 -19.05 0.36
N VAL B 369 -26.08 -18.94 1.39
CA VAL B 369 -26.08 -17.81 2.32
C VAL B 369 -24.64 -17.26 2.35
N GLN B 370 -24.63 -16.15 2.17
CA GLN B 370 -23.30 -15.55 2.08
C GLN B 370 -22.70 -15.19 3.45
N ASP B 371 -23.48 -14.94 4.54
CA ASP B 371 -23.11 -14.83 5.96
C ASP B 371 -24.35 -15.11 6.78
N TRP B 372 -24.19 -15.92 7.83
CA TRP B 372 -25.31 -16.42 8.63
C TRP B 372 -25.65 -15.58 9.87
N GLY B 373 -24.88 -14.51 10.11
CA GLY B 373 -25.04 -13.70 11.30
C GLY B 373 -25.57 -12.30 11.06
N ARG B 374 -25.08 -11.37 11.88
CA ARG B 374 -25.58 -9.99 11.91
C ARG B 374 -24.95 -9.08 10.85
N SER B 375 -24.97 -9.55 9.60
CA SER B 375 -24.41 -8.80 8.49
C SER B 375 -25.35 -8.84 7.29
N TYR B 376 -25.16 -7.88 6.38
CA TYR B 376 -26.10 -7.65 5.30
C TYR B 376 -25.44 -6.76 4.26
N ALA B 377 -26.08 -6.67 3.09
CA ALA B 377 -25.73 -5.68 2.07
C ALA B 377 -24.32 -5.88 1.53
N TYR B 378 -24.07 -7.11 1.06
CA TYR B 378 -22.79 -7.46 0.46
C TYR B 378 -22.69 -6.84 -0.91
N ALA B 379 -21.59 -6.16 -1.14
CA ALA B 379 -21.27 -5.61 -2.44
C ALA B 379 -20.02 -6.32 -2.94
N SER B 380 -19.97 -6.60 -4.24
CA SER B 380 -18.79 -7.21 -4.83
C SER B 380 -18.32 -6.39 -6.03
N PHE B 381 -17.02 -6.48 -6.32
CA PHE B 381 -16.39 -5.66 -7.36
C PHE B 381 -15.15 -6.35 -7.94
N PRO B 382 -14.86 -6.09 -9.25
CA PRO B 382 -13.71 -6.72 -9.89
C PRO B 382 -12.37 -6.15 -9.43
N VAL B 383 -11.40 -7.03 -9.23
CA VAL B 383 -10.03 -6.65 -8.83
C VAL B 383 -9.00 -7.32 -9.77
N GLU B 384 -7.94 -6.57 -10.08
CA GLU B 384 -6.82 -7.05 -10.91
C GLU B 384 -6.39 -8.47 -10.60
N GLY B 385 -6.00 -9.18 -11.65
CA GLY B 385 -5.55 -10.57 -11.52
C GLY B 385 -6.73 -11.53 -11.42
N TYR B 386 -7.83 -11.18 -12.09
CA TYR B 386 -9.01 -12.03 -12.21
C TYR B 386 -9.64 -12.37 -10.84
N ARG B 387 -9.93 -11.32 -10.08
CA ARG B 387 -10.52 -11.45 -8.75
C ARG B 387 -11.87 -10.77 -8.69
N GLN B 388 -12.72 -11.24 -7.80
CA GLN B 388 -13.99 -10.68 -7.49
C GLN B 388 -14.03 -10.64 -5.95
N VAL B 389 -14.10 -9.44 -5.42
CA VAL B 389 -13.97 -9.21 -3.98
C VAL B 389 -15.29 -8.71 -3.43
N SER B 390 -15.70 -9.29 -2.31
CA SER B 390 -16.98 -9.04 -1.68
C SER B 390 -16.76 -8.50 -0.27
N VAL B 391 -17.63 -7.57 0.15
CA VAL B 391 -17.60 -7.01 1.50
C VAL B 391 -19.01 -6.62 1.90
N GLY B 392 -19.33 -6.78 3.18
CA GLY B 392 -20.66 -6.45 3.71
C GLY B 392 -20.62 -5.55 4.92
N TRP B 393 -21.80 -5.29 5.48
CA TRP B 393 -21.95 -4.43 6.64
C TRP B 393 -22.32 -5.27 7.86
N ILE B 394 -21.55 -5.14 8.94
CA ILE B 394 -21.92 -5.76 10.23
C ILE B 394 -22.57 -4.70 11.12
N TYR B 395 -23.86 -4.87 11.38
CA TYR B 395 -24.59 -3.98 12.28
C TYR B 395 -24.30 -4.32 13.75
N GLU B 396 -24.67 -3.43 14.67
CA GLU B 396 -24.51 -3.69 16.10
C GLU B 396 -25.55 -4.70 16.61
N ASP B 397 -25.45 -5.07 17.88
CA ASP B 397 -26.51 -5.85 18.50
C ASP B 397 -27.09 -5.09 19.70
N ASP B 398 -27.69 -3.95 19.36
CA ASP B 398 -28.33 -3.04 20.32
C ASP B 398 -29.61 -2.51 19.66
N ASP B 399 -30.48 -3.42 19.23
CA ASP B 399 -31.68 -3.09 18.43
C ASP B 399 -32.68 -2.12 19.09
N ASN B 400 -32.65 -2.03 20.42
CA ASN B 400 -33.50 -1.06 21.14
C ASN B 400 -32.82 0.29 21.36
N VAL B 401 -31.60 0.44 20.81
CA VAL B 401 -30.85 1.71 20.77
C VAL B 401 -30.58 2.21 22.21
N ILE B 402 -30.09 1.30 23.05
CA ILE B 402 -29.94 1.58 24.50
C ILE B 402 -28.61 2.27 24.80
N LEU B 403 -27.54 1.84 24.13
CA LEU B 403 -26.22 2.42 24.37
C LEU B 403 -25.56 3.05 23.12
N ALA B 404 -26.34 3.21 22.05
CA ALA B 404 -25.83 3.74 20.79
C ALA B 404 -25.23 5.14 20.94
N LYS B 405 -25.92 6.02 21.66
CA LYS B 405 -25.43 7.37 21.94
C LYS B 405 -24.13 7.36 22.74
N GLN B 406 -24.05 6.44 23.70
CA GLN B 406 -22.85 6.23 24.52
C GLN B 406 -21.67 5.72 23.68
N PHE B 407 -21.96 4.86 22.69
CA PHE B 407 -20.95 4.45 21.69
C PHE B 407 -20.43 5.65 20.90
N GLY B 408 -21.37 6.47 20.41
CA GLY B 408 -21.05 7.57 19.51
C GLY B 408 -20.81 7.13 18.06
N TYR B 409 -21.16 5.88 17.76
CA TYR B 409 -21.05 5.32 16.39
C TYR B 409 -21.92 4.04 16.32
N GLN B 410 -22.28 3.64 15.10
CA GLN B 410 -22.91 2.34 14.83
C GLN B 410 -22.35 1.73 13.54
N GLY B 411 -21.94 0.46 13.61
CA GLY B 411 -21.60 -0.34 12.42
C GLY B 411 -20.14 -0.44 12.03
N ALA B 412 -19.84 -1.48 11.25
CA ALA B 412 -18.52 -1.71 10.61
C ALA B 412 -18.73 -2.54 9.35
N PHE B 413 -17.67 -2.69 8.56
CA PHE B 413 -17.66 -3.66 7.46
C PHE B 413 -17.31 -5.05 8.00
N THR B 414 -17.61 -6.07 7.20
CA THR B 414 -16.96 -7.38 7.34
C THR B 414 -15.52 -7.22 6.85
N LEU B 415 -14.75 -8.30 6.87
CA LEU B 415 -13.50 -8.34 6.12
C LEU B 415 -13.80 -8.43 4.62
N PHE B 416 -12.81 -8.09 3.79
CA PHE B 416 -12.94 -8.24 2.34
C PHE B 416 -12.66 -9.68 1.97
N ARG B 417 -13.47 -10.21 1.05
CA ARG B 417 -13.48 -11.64 0.77
C ARG B 417 -13.32 -11.90 -0.71
N ASP B 418 -12.32 -12.71 -1.06
CA ASP B 418 -12.22 -13.24 -2.42
C ASP B 418 -13.31 -14.27 -2.67
N LEU B 419 -14.03 -14.09 -3.77
CA LEU B 419 -14.98 -15.07 -4.25
C LEU B 419 -14.34 -15.94 -5.32
N PHE B 420 -14.73 -17.22 -5.34
CA PHE B 420 -14.22 -18.21 -6.29
C PHE B 420 -15.16 -19.41 -6.28
N VAL B 421 -15.03 -20.29 -7.27
CA VAL B 421 -15.78 -21.56 -7.28
C VAL B 421 -14.99 -22.57 -6.45
N LYS B 422 -15.52 -22.93 -5.29
CA LYS B 422 -14.97 -23.99 -4.47
C LYS B 422 -15.35 -25.34 -5.09
N VAL B 423 -14.34 -26.13 -5.41
CA VAL B 423 -14.52 -27.47 -5.99
C VAL B 423 -13.90 -28.49 -5.03
N VAL B 424 -14.71 -29.46 -4.60
CA VAL B 424 -14.24 -30.55 -3.74
C VAL B 424 -14.32 -31.84 -4.56
N GLU B 425 -13.16 -32.46 -4.75
CA GLU B 425 -13.05 -33.70 -5.51
C GLU B 425 -13.14 -34.92 -4.60
N ASN B 426 -13.49 -36.08 -5.20
CA ASN B 426 -13.52 -37.38 -4.51
C ASN B 426 -14.33 -37.40 -3.21
N VAL B 427 -15.51 -36.79 -3.25
CA VAL B 427 -16.43 -36.80 -2.12
C VAL B 427 -17.15 -38.16 -2.10
N SER B 428 -17.26 -38.73 -0.91
CA SER B 428 -17.97 -39.98 -0.67
C SER B 428 -19.49 -39.83 -0.83
N PRO B 429 -20.11 -40.68 -1.68
CA PRO B 429 -21.55 -40.69 -1.93
C PRO B 429 -22.39 -40.90 -0.69
N SER B 430 -21.78 -41.35 0.39
CA SER B 430 -22.48 -41.57 1.64
C SER B 430 -22.37 -40.41 2.64
N THR B 431 -21.81 -39.27 2.20
CA THR B 431 -21.90 -38.01 2.95
C THR B 431 -23.39 -37.77 3.19
N PRO B 432 -23.82 -37.66 4.48
CA PRO B 432 -25.26 -37.48 4.76
C PRO B 432 -25.82 -36.21 4.11
N GLY B 433 -27.02 -36.31 3.55
CA GLY B 433 -27.75 -35.16 2.98
C GLY B 433 -27.13 -34.55 1.74
N LEU B 434 -26.16 -35.24 1.14
CA LEU B 434 -25.39 -34.68 0.02
C LEU B 434 -26.26 -34.36 -1.20
N PHE B 435 -27.39 -35.06 -1.34
CA PHE B 435 -28.25 -34.94 -2.52
C PHE B 435 -29.56 -34.19 -2.28
N GLU B 436 -29.66 -33.57 -1.10
CA GLU B 436 -30.76 -32.67 -0.74
C GLU B 436 -30.63 -31.32 -1.49
N GLN B 437 -31.76 -30.65 -1.67
CA GLN B 437 -31.77 -29.34 -2.31
C GLN B 437 -31.11 -28.33 -1.36
N ALA B 438 -29.91 -27.88 -1.73
CA ALA B 438 -29.11 -27.03 -0.83
C ALA B 438 -28.20 -26.05 -1.59
N SER B 439 -27.00 -25.80 -1.06
CA SER B 439 -26.13 -24.74 -1.58
C SER B 439 -24.95 -25.21 -2.43
N TRP B 440 -25.06 -26.40 -3.00
CA TRP B 440 -24.01 -26.97 -3.85
C TRP B 440 -24.57 -27.77 -5.02
N SER B 441 -23.67 -28.08 -5.96
CA SER B 441 -23.93 -28.95 -7.08
C SER B 441 -23.16 -30.25 -6.89
N THR B 442 -23.72 -31.35 -7.40
CA THR B 442 -23.03 -32.65 -7.36
C THR B 442 -22.92 -33.23 -8.76
N LYS B 443 -21.73 -33.73 -9.09
CA LYS B 443 -21.54 -34.50 -10.30
C LYS B 443 -20.95 -35.84 -9.93
N ASN B 444 -21.74 -36.90 -10.17
CA ASN B 444 -21.34 -38.28 -9.94
C ASN B 444 -20.26 -38.72 -10.91
N SER B 445 -19.27 -39.46 -10.41
CA SER B 445 -18.36 -40.20 -11.29
C SER B 445 -19.15 -41.24 -12.10
N THR B 446 -18.63 -41.65 -13.25
CA THR B 446 -19.30 -42.65 -14.09
C THR B 446 -19.58 -43.96 -13.32
N ASP B 447 -18.64 -44.37 -12.47
CA ASP B 447 -18.78 -45.58 -11.65
C ASP B 447 -19.62 -45.43 -10.37
N GLY B 448 -20.07 -44.20 -10.09
CA GLY B 448 -20.92 -43.89 -8.93
C GLY B 448 -20.26 -43.96 -7.56
N MET B 449 -18.94 -44.22 -7.53
CA MET B 449 -18.21 -44.39 -6.28
C MET B 449 -17.71 -43.06 -5.68
N SER B 450 -17.75 -41.98 -6.47
CA SER B 450 -17.30 -40.66 -5.99
C SER B 450 -18.12 -39.51 -6.58
N VAL B 451 -18.07 -38.37 -5.89
CA VAL B 451 -18.80 -37.17 -6.32
C VAL B 451 -17.86 -35.95 -6.35
N THR B 452 -18.03 -35.11 -7.37
CA THR B 452 -17.42 -33.78 -7.39
C THR B 452 -18.46 -32.77 -6.90
N VAL B 453 -18.11 -32.05 -5.83
CA VAL B 453 -18.95 -31.01 -5.26
C VAL B 453 -18.48 -29.63 -5.75
N THR B 454 -19.43 -28.84 -6.23
CA THR B 454 -19.20 -27.46 -6.65
C THR B 454 -20.08 -26.53 -5.82
N THR B 455 -19.47 -25.48 -5.26
CA THR B 455 -20.18 -24.45 -4.49
C THR B 455 -19.48 -23.07 -4.56
N LEU B 456 -20.07 -22.04 -3.94
CA LEU B 456 -19.40 -20.74 -3.83
C LEU B 456 -18.36 -20.77 -2.74
N GLY B 457 -17.13 -20.39 -3.09
CA GLY B 457 -16.08 -20.21 -2.10
C GLY B 457 -15.96 -18.76 -1.65
N GLN B 458 -15.57 -18.58 -0.39
CA GLN B 458 -15.28 -17.27 0.20
C GLN B 458 -14.05 -17.40 1.09
N ARG B 459 -13.05 -16.56 0.88
CA ARG B 459 -11.90 -16.50 1.79
C ARG B 459 -11.49 -15.05 1.98
N VAL B 460 -10.96 -14.71 3.17
CA VAL B 460 -10.44 -13.36 3.45
C VAL B 460 -9.32 -13.09 2.43
N VAL B 461 -9.30 -11.87 1.87
CA VAL B 461 -8.26 -11.49 0.90
C VAL B 461 -6.86 -11.75 1.50
N PRO B 462 -5.94 -12.35 0.71
CA PRO B 462 -4.62 -12.72 1.27
C PRO B 462 -3.79 -11.53 1.78
N GLU B 463 -4.01 -10.34 1.22
CA GLU B 463 -3.36 -9.12 1.73
C GLU B 463 -3.67 -8.88 3.20
N THR B 464 -4.93 -9.10 3.60
CA THR B 464 -5.36 -8.93 4.99
C THR B 464 -4.73 -10.00 5.89
N LEU B 465 -4.77 -11.25 5.45
CA LEU B 465 -4.21 -12.35 6.25
C LEU B 465 -2.70 -12.17 6.47
N ALA B 466 -1.96 -11.80 5.42
CA ALA B 466 -0.51 -11.52 5.51
C ALA B 466 -0.20 -10.36 6.47
N ALA B 467 -0.92 -9.25 6.30
CA ALA B 467 -0.74 -8.07 7.15
C ALA B 467 -1.08 -8.37 8.61
N TYR B 468 -2.20 -9.05 8.84
CA TYR B 468 -2.63 -9.49 10.19
C TYR B 468 -1.56 -10.35 10.87
N LYS B 469 -1.14 -11.42 10.19
CA LYS B 469 -0.13 -12.33 10.73
C LYS B 469 1.19 -11.62 11.02
N GLY B 470 1.69 -10.86 10.04
CA GLY B 470 2.99 -10.19 10.14
C GLY B 470 3.08 -9.11 11.22
N ASN B 471 1.95 -8.48 11.54
CA ASN B 471 1.88 -7.46 12.58
C ASN B 471 1.54 -8.00 13.98
N SER B 472 1.08 -9.26 14.04
CA SER B 472 0.70 -9.90 15.29
C SER B 472 1.87 -10.59 16.02
N THR B 473 1.70 -10.80 17.32
CA THR B 473 2.49 -11.78 18.04
C THR B 473 1.83 -13.13 17.74
N VAL B 474 2.55 -13.98 17.01
CA VAL B 474 2.02 -15.26 16.55
C VAL B 474 2.45 -16.37 17.52
N SER B 475 1.47 -17.15 17.98
CA SER B 475 1.74 -18.35 18.76
C SER B 475 1.25 -19.58 18.01
N THR B 476 2.18 -20.42 17.58
CA THR B 476 1.86 -21.70 16.96
C THR B 476 1.72 -22.73 18.09
N LEU B 477 0.52 -23.29 18.19
CA LEU B 477 0.15 -24.10 19.36
C LEU B 477 0.22 -25.58 19.06
N ALA B 478 0.63 -26.36 20.07
CA ALA B 478 0.72 -27.82 19.95
C ALA B 478 -0.66 -28.42 19.63
N PRO B 479 -0.70 -29.47 18.78
CA PRO B 479 -1.98 -30.15 18.55
C PRO B 479 -2.58 -30.72 19.86
N VAL B 480 -3.91 -30.75 19.94
CA VAL B 480 -4.62 -31.19 21.12
C VAL B 480 -5.61 -32.29 20.73
N MET B 481 -5.51 -33.41 21.42
CA MET B 481 -6.45 -34.52 21.28
C MET B 481 -7.54 -34.32 22.34
N LEU B 482 -8.77 -34.09 21.90
CA LEU B 482 -9.90 -33.90 22.83
C LEU B 482 -10.60 -35.23 23.09
N ASN B 483 -10.35 -35.79 24.27
CA ASN B 483 -10.83 -37.12 24.66
C ASN B 483 -11.53 -37.11 26.03
N GLU B 484 -11.48 -38.24 26.75
CA GLU B 484 -12.11 -38.37 28.06
C GLU B 484 -11.51 -37.42 29.12
N SER B 485 -10.26 -37.01 28.93
CA SER B 485 -9.61 -36.10 29.88
C SER B 485 -9.88 -34.61 29.60
N ALA B 486 -10.56 -34.30 28.51
CA ALA B 486 -10.79 -32.90 28.11
C ALA B 486 -11.78 -32.16 29.02
N ALA B 487 -11.34 -31.02 29.55
CA ALA B 487 -12.25 -30.10 30.24
C ALA B 487 -13.26 -29.52 29.22
N ALA B 488 -14.34 -28.91 29.71
CA ALA B 488 -15.32 -28.24 28.85
C ALA B 488 -14.64 -27.09 28.10
N TYR B 489 -13.83 -26.31 28.83
CA TYR B 489 -13.02 -25.22 28.29
C TYR B 489 -11.54 -25.36 28.66
N THR B 490 -10.69 -25.34 27.64
CA THR B 490 -9.24 -25.43 27.82
C THR B 490 -8.58 -24.18 27.22
N PRO B 491 -8.16 -23.21 28.07
CA PRO B 491 -7.44 -22.03 27.55
C PRO B 491 -6.21 -22.42 26.74
N PHE B 492 -5.93 -21.68 25.67
CA PHE B 492 -4.71 -21.87 24.89
C PHE B 492 -3.48 -21.61 25.77
N SER B 493 -2.39 -22.34 25.48
CA SER B 493 -1.11 -22.18 26.19
C SER B 493 -0.55 -20.75 26.11
N SER B 494 -0.93 -20.02 25.06
CA SER B 494 -0.70 -18.58 24.96
C SER B 494 -2.04 -17.84 24.84
N GLN B 495 -2.12 -16.68 25.49
CA GLN B 495 -3.36 -15.90 25.57
C GLN B 495 -3.30 -14.60 24.78
N PRO B 496 -4.46 -14.13 24.27
CA PRO B 496 -4.54 -12.76 23.75
C PRO B 496 -4.18 -11.71 24.81
N THR B 497 -3.79 -10.51 24.35
CA THR B 497 -3.50 -9.40 25.26
C THR B 497 -4.57 -8.31 25.23
N ASP B 498 -5.48 -8.39 24.26
CA ASP B 498 -6.56 -7.40 24.07
C ASP B 498 -7.67 -8.06 23.22
N ARG B 499 -8.62 -7.24 22.75
CA ARG B 499 -9.78 -7.71 21.99
C ARG B 499 -9.57 -7.73 20.48
N PHE B 500 -8.31 -7.91 20.05
CA PHE B 500 -7.95 -7.85 18.64
C PHE B 500 -7.03 -9.02 18.32
N TYR B 501 -7.63 -10.10 17.81
CA TYR B 501 -6.91 -11.33 17.56
C TYR B 501 -7.59 -12.27 16.58
N ALA B 502 -6.82 -13.22 16.05
CA ALA B 502 -7.33 -14.27 15.17
C ALA B 502 -6.94 -15.64 15.68
N LEU B 503 -7.83 -16.60 15.44
CA LEU B 503 -7.62 -18.00 15.81
C LEU B 503 -7.85 -18.84 14.58
N THR B 504 -7.06 -19.90 14.44
CA THR B 504 -7.37 -20.92 13.48
C THR B 504 -7.15 -22.33 14.06
N GLY B 505 -7.88 -23.30 13.52
CA GLY B 505 -7.77 -24.69 13.95
C GLY B 505 -8.45 -25.63 12.98
N SER B 506 -7.90 -26.83 12.88
CA SER B 506 -8.50 -27.94 12.14
C SER B 506 -9.02 -28.97 13.13
N PHE B 507 -10.32 -29.20 13.08
CA PHE B 507 -11.01 -30.12 13.99
C PHE B 507 -11.35 -31.38 13.22
N GLU B 508 -10.72 -32.48 13.61
CA GLU B 508 -10.93 -33.78 12.96
C GLU B 508 -11.89 -34.63 13.81
N PHE B 509 -13.04 -34.97 13.21
CA PHE B 509 -14.11 -35.72 13.86
C PHE B 509 -14.22 -37.11 13.23
N GLY B 510 -14.62 -38.11 14.04
CA GLY B 510 -15.02 -39.42 13.52
C GLY B 510 -16.28 -39.27 12.66
N LEU B 511 -16.44 -40.15 11.68
CA LEU B 511 -17.61 -40.10 10.77
C LEU B 511 -18.98 -40.25 11.46
N ASN B 512 -19.01 -40.91 12.62
CA ASN B 512 -20.26 -41.07 13.36
C ASN B 512 -20.20 -40.43 14.74
N THR B 513 -19.38 -39.37 14.86
CA THR B 513 -19.22 -38.63 16.11
C THR B 513 -20.54 -38.05 16.62
N THR B 514 -20.68 -37.99 17.94
CA THR B 514 -21.74 -37.23 18.58
C THR B 514 -21.12 -36.17 19.50
N ALA B 515 -19.80 -36.04 19.44
CA ALA B 515 -19.07 -35.00 20.16
C ALA B 515 -19.21 -33.64 19.47
N LYS B 516 -19.03 -32.57 20.24
CA LYS B 516 -18.92 -31.22 19.70
C LYS B 516 -17.66 -30.52 20.19
N ALA B 517 -17.12 -29.64 19.35
CA ALA B 517 -15.93 -28.89 19.67
C ALA B 517 -15.96 -27.50 19.03
N GLY B 518 -15.12 -26.60 19.53
CA GLY B 518 -14.97 -25.27 18.95
C GLY B 518 -14.04 -24.37 19.73
N PHE B 519 -14.33 -23.07 19.67
CA PHE B 519 -13.54 -22.06 20.34
C PHE B 519 -14.38 -21.23 21.31
N ARG B 520 -13.81 -20.98 22.49
CA ARG B 520 -14.32 -19.94 23.38
C ARG B 520 -13.46 -18.69 23.20
N VAL B 521 -14.11 -17.53 23.05
CA VAL B 521 -13.41 -16.26 22.83
C VAL B 521 -13.94 -15.17 23.78
N LEU B 522 -13.20 -14.06 23.88
CA LEU B 522 -13.55 -12.92 24.73
C LEU B 522 -13.94 -13.35 26.15
N ALA B 523 -13.01 -14.09 26.77
CA ALA B 523 -13.36 -14.89 27.94
C ALA B 523 -12.58 -14.55 29.20
N SER B 524 -13.34 -14.37 30.26
CA SER B 524 -12.87 -14.38 31.64
C SER B 524 -13.79 -15.38 32.36
N GLU B 525 -13.71 -15.46 33.68
CA GLU B 525 -14.61 -16.34 34.46
C GLU B 525 -16.08 -15.99 34.26
N GLU B 526 -16.39 -14.69 34.20
CA GLU B 526 -17.77 -14.20 34.23
C GLU B 526 -18.39 -13.94 32.86
N GLU B 527 -17.55 -13.67 31.86
CA GLU B 527 -18.03 -13.38 30.49
C GLU B 527 -17.27 -14.21 29.48
N TYR B 528 -17.98 -14.75 28.50
CA TYR B 528 -17.36 -15.54 27.44
C TYR B 528 -18.34 -15.79 26.31
N THR B 529 -17.81 -16.05 25.12
CA THR B 529 -18.62 -16.34 23.94
C THR B 529 -18.18 -17.68 23.36
N ASP B 530 -19.14 -18.60 23.17
CA ASP B 530 -18.85 -19.97 22.77
C ASP B 530 -19.22 -20.21 21.33
N ILE B 531 -18.24 -20.67 20.55
CA ILE B 531 -18.41 -21.03 19.13
C ILE B 531 -18.30 -22.55 19.03
N TRP B 532 -19.44 -23.21 18.79
CA TRP B 532 -19.52 -24.68 18.75
C TRP B 532 -19.78 -25.17 17.34
N PHE B 533 -19.18 -26.29 16.98
CA PHE B 533 -19.70 -27.06 15.86
C PHE B 533 -20.15 -28.44 16.33
N ASP B 534 -21.36 -28.82 15.91
CA ASP B 534 -21.97 -30.08 16.28
C ASP B 534 -22.19 -30.90 15.00
N PRO B 535 -21.21 -31.76 14.63
CA PRO B 535 -21.29 -32.48 13.36
C PRO B 535 -22.57 -33.30 13.15
N ALA B 536 -23.09 -33.91 14.23
CA ALA B 536 -24.32 -34.72 14.15
C ALA B 536 -25.54 -33.93 13.63
N SER B 537 -25.67 -32.68 14.09
CA SER B 537 -26.74 -31.78 13.61
C SER B 537 -26.35 -30.91 12.41
N GLU B 538 -25.03 -30.78 12.18
CA GLU B 538 -24.43 -29.95 11.11
C GLU B 538 -24.56 -28.47 11.42
N ASN B 539 -24.68 -28.15 12.70
CA ASN B 539 -24.91 -26.81 13.18
C ASN B 539 -23.66 -26.20 13.78
N LEU B 540 -23.27 -25.05 13.24
CA LEU B 540 -22.25 -24.19 13.82
C LEU B 540 -23.02 -23.11 14.55
N THR B 541 -22.77 -22.98 15.85
CA THR B 541 -23.50 -22.02 16.66
C THR B 541 -22.56 -21.07 17.40
N VAL B 542 -23.08 -19.88 17.70
CA VAL B 542 -22.43 -18.96 18.61
C VAL B 542 -23.38 -18.71 19.77
N VAL B 543 -22.98 -19.14 20.96
CA VAL B 543 -23.82 -19.05 22.14
C VAL B 543 -23.36 -17.83 22.92
N ARG B 544 -24.31 -16.92 23.16
CA ARG B 544 -24.00 -15.59 23.68
C ARG B 544 -24.71 -15.26 24.98
N THR B 545 -25.23 -16.31 25.64
CA THR B 545 -25.91 -16.18 26.93
C THR B 545 -25.00 -15.59 28.01
N ALA B 546 -23.69 -15.82 27.90
CA ALA B 546 -22.72 -15.27 28.85
C ALA B 546 -21.80 -14.20 28.25
N SER B 547 -22.07 -13.79 27.01
CA SER B 547 -21.20 -12.84 26.28
C SER B 547 -20.88 -11.55 27.03
N SER B 548 -21.87 -11.01 27.75
CA SER B 548 -21.69 -9.76 28.47
C SER B 548 -22.53 -9.68 29.73
N LEU B 549 -21.98 -9.05 30.76
CA LEU B 549 -22.75 -8.67 31.95
C LEU B 549 -23.74 -7.52 31.67
N ILE B 550 -23.52 -6.77 30.58
CA ILE B 550 -24.45 -5.72 30.14
C ILE B 550 -25.64 -6.40 29.47
N LYS B 551 -26.81 -6.29 30.10
CA LYS B 551 -28.01 -7.06 29.73
C LYS B 551 -28.76 -6.55 28.50
N SER B 552 -28.51 -5.30 28.11
CA SER B 552 -29.27 -4.68 27.03
C SER B 552 -28.87 -5.16 25.62
N PHE B 553 -27.65 -5.69 25.49
CA PHE B 553 -27.17 -6.22 24.20
C PHE B 553 -27.82 -7.57 23.88
N GLY B 554 -27.94 -7.89 22.59
CA GLY B 554 -28.51 -9.15 22.14
C GLY B 554 -27.73 -10.35 22.65
N ASN B 555 -28.43 -11.44 22.92
CA ASN B 555 -27.80 -12.66 23.48
C ASN B 555 -28.29 -13.95 22.83
N ASP B 556 -29.02 -13.80 21.73
CA ASP B 556 -29.57 -14.95 21.01
C ASP B 556 -28.46 -15.74 20.33
N THR B 557 -28.72 -17.04 20.14
CA THR B 557 -27.75 -17.97 19.58
C THR B 557 -27.69 -17.81 18.06
N GLU B 558 -26.49 -17.61 17.55
CA GLU B 558 -26.26 -17.54 16.10
C GLU B 558 -26.16 -18.96 15.54
N LEU B 559 -26.64 -19.14 14.32
CA LEU B 559 -26.65 -20.47 13.70
C LEU B 559 -26.21 -20.44 12.23
N ALA B 560 -25.27 -21.31 11.88
CA ALA B 560 -24.92 -21.58 10.50
C ALA B 560 -24.96 -23.09 10.24
N LYS B 561 -25.38 -23.46 9.04
CA LYS B 561 -25.26 -24.85 8.58
C LYS B 561 -23.91 -25.02 7.89
N VAL B 562 -23.20 -26.09 8.23
CA VAL B 562 -21.92 -26.43 7.58
C VAL B 562 -21.94 -27.88 7.15
N LYS B 563 -21.74 -28.10 5.85
CA LYS B 563 -21.62 -29.44 5.29
C LYS B 563 -20.16 -29.91 5.28
N LEU B 564 -19.85 -30.93 6.06
CA LEU B 564 -18.54 -31.57 5.97
C LEU B 564 -18.57 -32.63 4.86
N TYR B 565 -18.05 -32.27 3.69
CA TYR B 565 -17.96 -33.19 2.55
C TYR B 565 -16.93 -34.28 2.87
N GLU B 566 -17.41 -35.51 3.03
CA GLU B 566 -16.55 -36.63 3.41
C GLU B 566 -15.81 -37.14 2.18
N ILE B 567 -14.51 -37.39 2.35
CA ILE B 567 -13.64 -37.80 1.23
C ILE B 567 -13.59 -39.32 1.15
N VAL B 568 -13.70 -39.87 -0.06
CA VAL B 568 -13.56 -41.30 -0.33
C VAL B 568 -12.27 -41.83 0.31
N GLY B 569 -12.43 -42.86 1.14
CA GLY B 569 -11.31 -43.52 1.80
C GLY B 569 -10.95 -42.95 3.15
N ALA B 570 -11.49 -41.77 3.48
CA ALA B 570 -11.22 -41.14 4.78
C ALA B 570 -12.07 -41.78 5.89
N GLU B 571 -11.48 -41.87 7.08
CA GLU B 571 -12.21 -42.41 8.23
C GLU B 571 -12.54 -41.31 9.24
N SER B 572 -12.50 -40.07 8.77
CA SER B 572 -12.79 -38.90 9.58
C SER B 572 -13.30 -37.75 8.70
N LYS B 573 -13.83 -36.71 9.33
CA LYS B 573 -14.26 -35.49 8.62
C LYS B 573 -13.72 -34.25 9.34
N THR B 574 -13.30 -33.25 8.56
CA THR B 574 -12.53 -32.11 9.08
C THR B 574 -13.22 -30.76 8.92
N LEU B 575 -13.25 -29.99 10.01
CA LEU B 575 -13.68 -28.60 10.00
C LEU B 575 -12.49 -27.66 10.22
N ASN B 576 -12.22 -26.83 9.23
CA ASN B 576 -11.27 -25.73 9.35
C ASN B 576 -11.97 -24.45 9.76
N LEU B 577 -11.71 -24.03 10.99
CA LEU B 577 -12.33 -22.85 11.58
C LEU B 577 -11.32 -21.74 11.76
N THR B 578 -11.65 -20.57 11.25
CA THR B 578 -10.89 -19.35 11.49
C THR B 578 -11.82 -18.31 12.13
N VAL B 579 -11.39 -17.72 13.23
CA VAL B 579 -12.18 -16.73 13.97
C VAL B 579 -11.37 -15.43 14.11
N PHE B 580 -11.97 -14.31 13.71
CA PHE B 580 -11.41 -12.99 13.96
C PHE B 580 -12.20 -12.29 15.06
N VAL B 581 -11.46 -11.83 16.07
CA VAL B 581 -12.04 -11.09 17.18
C VAL B 581 -11.51 -9.66 17.06
N ASP B 582 -12.41 -8.68 16.98
CA ASP B 582 -12.01 -7.31 16.65
C ASP B 582 -12.92 -6.31 17.36
N GLY B 583 -12.52 -5.92 18.57
CA GLY B 583 -13.38 -5.11 19.45
C GLY B 583 -14.58 -5.95 19.86
N SER B 584 -15.73 -5.62 19.29
CA SER B 584 -16.97 -6.36 19.51
C SER B 584 -17.31 -7.35 18.40
N VAL B 585 -16.63 -7.24 17.25
CA VAL B 585 -16.92 -8.15 16.11
C VAL B 585 -16.31 -9.53 16.34
N ILE B 586 -17.12 -10.57 16.13
CA ILE B 586 -16.62 -11.93 16.02
C ILE B 586 -17.00 -12.38 14.60
N GLU B 587 -15.99 -12.64 13.77
CA GLU B 587 -16.21 -13.04 12.39
C GLU B 587 -15.61 -14.43 12.12
N ILE B 588 -16.47 -15.38 11.75
CA ILE B 588 -16.12 -16.80 11.70
C ILE B 588 -16.15 -17.29 10.26
N TYR B 589 -15.10 -17.99 9.87
CA TYR B 589 -14.98 -18.62 8.56
C TYR B 589 -14.77 -20.13 8.71
N ALA B 590 -15.51 -20.91 7.93
CA ALA B 590 -15.35 -22.36 7.93
C ALA B 590 -15.17 -22.89 6.52
N ASN B 591 -14.40 -23.42 6.37
CA ASN B 591 -13.90 -24.22 5.24
C ASN B 591 -13.75 -23.47 3.92
N ASP B 592 -13.42 -22.22 3.94
CA ASP B 592 -13.44 -21.26 2.82
C ASP B 592 -14.78 -21.22 2.09
N GLU B 593 -15.86 -21.26 2.88
CA GLU B 593 -17.20 -21.49 2.35
C GLU B 593 -18.26 -20.86 3.24
N VAL B 594 -18.17 -21.09 4.55
CA VAL B 594 -19.22 -20.65 5.46
C VAL B 594 -18.72 -19.45 6.27
N ALA B 595 -19.52 -18.38 6.28
CA ALA B 595 -19.18 -17.19 7.08
C ALA B 595 -20.29 -16.82 8.06
N LEU B 596 -19.90 -16.42 9.26
CA LEU B 596 -20.84 -15.96 10.27
C LEU B 596 -20.25 -14.79 11.03
N SER B 597 -20.89 -13.62 10.93
CA SER B 597 -20.49 -12.42 11.66
C SER B 597 -21.45 -12.13 12.81
N THR B 598 -20.93 -11.82 13.99
CA THR B 598 -21.77 -11.50 15.15
C THR B 598 -21.09 -10.50 16.08
N ARG B 599 -21.76 -10.17 17.18
CA ARG B 599 -21.26 -9.19 18.15
C ARG B 599 -21.27 -9.74 19.57
N ALA B 600 -20.24 -9.37 20.35
CA ALA B 600 -20.19 -9.62 21.78
C ALA B 600 -19.60 -8.39 22.44
N TYR B 601 -20.23 -7.94 23.52
CA TYR B 601 -19.77 -6.74 24.21
C TYR B 601 -19.47 -6.95 25.71
N PRO B 602 -18.52 -7.86 26.05
CA PRO B 602 -18.23 -8.02 27.49
C PRO B 602 -17.73 -6.73 28.13
N TRP B 603 -18.10 -6.51 29.39
CA TRP B 603 -17.70 -5.29 30.12
C TRP B 603 -16.29 -5.38 30.69
N LEU B 604 -15.93 -6.53 31.26
CA LEU B 604 -14.68 -6.64 32.02
C LEU B 604 -13.43 -6.56 31.14
N ALA B 605 -12.44 -5.83 31.64
CA ALA B 605 -11.13 -5.68 30.98
C ALA B 605 -10.48 -7.04 30.71
N ASN B 606 -10.74 -7.99 31.62
CA ASN B 606 -10.27 -9.38 31.60
C ASN B 606 -10.89 -10.28 30.55
N SER B 607 -12.02 -9.89 29.98
CA SER B 607 -12.78 -10.78 29.11
C SER B 607 -12.21 -10.79 27.67
N THR B 608 -10.97 -11.26 27.56
CA THR B 608 -10.21 -11.30 26.31
C THR B 608 -9.67 -12.69 25.97
N GLY B 609 -9.78 -13.62 26.93
CA GLY B 609 -9.20 -14.96 26.81
C GLY B 609 -9.82 -15.83 25.74
N ALA B 610 -9.10 -16.87 25.35
CA ALA B 610 -9.53 -17.78 24.30
C ALA B 610 -8.96 -19.19 24.51
N GLY B 611 -9.69 -20.18 24.01
CA GLY B 611 -9.27 -21.56 24.10
C GLY B 611 -10.24 -22.51 23.44
N LEU B 612 -10.03 -23.79 23.71
CA LEU B 612 -10.78 -24.87 23.08
C LEU B 612 -12.02 -25.28 23.86
N LEU B 613 -13.08 -25.60 23.12
CA LEU B 613 -14.31 -26.14 23.67
C LEU B 613 -14.48 -27.58 23.27
N ALA B 614 -15.04 -28.37 24.19
CA ALA B 614 -15.24 -29.81 24.03
C ALA B 614 -16.49 -30.22 24.79
N ASP B 615 -17.34 -30.98 24.12
CA ASP B 615 -18.53 -31.55 24.73
C ASP B 615 -18.74 -32.97 24.23
N GLY B 616 -18.91 -33.89 25.17
CA GLY B 616 -19.11 -35.30 24.86
C GLY B 616 -17.90 -35.97 24.22
N THR B 617 -16.70 -35.45 24.47
CA THR B 617 -15.49 -36.14 24.03
C THR B 617 -15.11 -37.21 25.04
N THR B 618 -14.74 -38.38 24.53
CA THR B 618 -14.41 -39.55 25.36
C THR B 618 -13.18 -40.25 24.79
N ALA B 619 -12.81 -41.39 25.38
CA ALA B 619 -11.79 -42.28 24.82
C ALA B 619 -12.20 -42.86 23.46
N GLY B 620 -13.49 -43.16 23.28
CA GLY B 620 -14.01 -43.73 22.03
C GLY B 620 -14.50 -42.75 20.97
N ASP B 621 -14.78 -41.50 21.38
CA ASP B 621 -15.19 -40.43 20.47
C ASP B 621 -14.25 -39.23 20.64
N VAL B 622 -13.19 -39.21 19.83
CA VAL B 622 -12.08 -38.26 19.99
C VAL B 622 -12.14 -37.17 18.91
N VAL B 623 -11.90 -35.93 19.33
CA VAL B 623 -11.76 -34.81 18.39
C VAL B 623 -10.29 -34.40 18.33
N GLY B 624 -9.68 -34.59 17.16
CA GLY B 624 -8.28 -34.22 16.94
C GLY B 624 -8.17 -32.79 16.44
N VAL B 625 -7.52 -31.94 17.23
CA VAL B 625 -7.33 -30.54 16.88
C VAL B 625 -5.86 -30.29 16.52
N SER B 626 -5.63 -29.77 15.32
CA SER B 626 -4.29 -29.45 14.83
C SER B 626 -4.29 -28.14 14.04
N GLY B 627 -3.11 -27.70 13.60
CA GLY B 627 -2.94 -26.41 12.91
C GLY B 627 -3.43 -25.22 13.72
N LEU B 628 -3.29 -25.32 15.05
CA LEU B 628 -3.74 -24.29 15.97
C LEU B 628 -2.77 -23.12 16.02
N GLU B 629 -3.30 -21.93 15.81
CA GLU B 629 -2.50 -20.73 15.77
C GLU B 629 -3.28 -19.54 16.32
N LEU B 630 -2.61 -18.76 17.17
CA LEU B 630 -3.13 -17.48 17.67
C LEU B 630 -2.32 -16.32 17.10
N TRP B 631 -3.03 -15.32 16.59
CA TRP B 631 -2.43 -14.06 16.12
C TRP B 631 -2.93 -12.95 17.03
N ASP B 632 -2.08 -12.48 17.94
CA ASP B 632 -2.45 -11.41 18.87
C ASP B 632 -2.07 -10.02 18.37
N GLY B 633 -3.08 -9.15 18.20
CA GLY B 633 -2.84 -7.75 17.83
C GLY B 633 -3.44 -7.32 16.52
N LEU B 634 -3.33 -8.18 15.51
CA LEU B 634 -3.75 -7.89 14.13
C LEU B 634 -3.08 -6.60 13.61
N VAL B 635 -3.85 -5.74 12.94
CA VAL B 635 -3.35 -4.51 12.32
C VAL B 635 -4.18 -3.32 12.79
N ASP B 636 -3.51 -2.19 13.01
CA ASP B 636 -4.17 -0.90 13.18
C ASP B 636 -4.67 -0.45 11.78
N ALA B 637 -5.95 -0.67 11.50
CA ALA B 637 -6.49 -0.42 10.15
C ALA B 637 -6.57 1.07 9.75
N TRP B 638 -6.54 1.96 10.75
CA TRP B 638 -6.66 3.39 10.49
C TRP B 638 -5.54 4.18 11.18
N PRO B 639 -4.27 4.02 10.70
CA PRO B 639 -3.11 4.56 11.42
C PRO B 639 -3.15 6.07 11.63
N ALA B 640 -3.77 6.81 10.72
CA ALA B 640 -3.85 8.26 10.85
C ALA B 640 -4.91 8.73 11.87
N ARG B 641 -5.85 7.86 12.23
CA ARG B 641 -6.93 8.24 13.15
C ARG B 641 -6.45 8.18 14.61
N PRO B 642 -6.76 9.22 15.42
CA PRO B 642 -6.57 9.07 16.87
C PRO B 642 -7.53 8.01 17.43
N ALA B 643 -7.36 7.63 18.71
CA ALA B 643 -8.22 6.61 19.34
C ALA B 643 -9.69 7.04 19.37
N ASN B 644 -9.90 8.31 19.67
CA ASN B 644 -11.25 8.87 19.71
C ASN B 644 -11.47 9.85 18.56
N THR B 645 -12.21 9.40 17.56
CA THR B 645 -12.57 10.23 16.40
C THR B 645 -14.01 10.76 16.45
N SER B 646 -14.64 10.68 17.62
CA SER B 646 -15.94 11.31 17.82
C SER B 646 -15.89 12.82 17.55
N GLN B 647 -16.93 13.35 16.94
CA GLN B 647 -17.10 14.79 16.82
C GLN B 647 -18.35 15.27 17.57
N GLY B 648 -18.81 14.46 18.52
CA GLY B 648 -20.03 14.74 19.26
C GLY B 648 -21.25 14.31 18.45
N LEU B 649 -22.41 14.33 19.10
CA LEU B 649 -23.66 13.94 18.47
C LEU B 649 -24.63 15.11 18.45
N VAL B 650 -25.40 15.22 17.38
CA VAL B 650 -26.37 16.31 17.22
C VAL B 650 -27.80 15.78 17.09
N TRP B 651 -28.77 16.63 17.41
CA TRP B 651 -30.18 16.36 17.20
C TRP B 651 -30.73 17.27 16.10
N ASP B 652 -31.55 16.71 15.22
CA ASP B 652 -32.15 17.46 14.12
C ASP B 652 -33.18 18.51 14.57
N GLY B 653 -33.67 18.37 15.81
CA GLY B 653 -34.71 19.25 16.35
C GLY B 653 -36.12 18.82 15.97
N PRO B 654 -37.14 19.62 16.35
CA PRO B 654 -38.55 19.26 16.16
C PRO B 654 -38.99 19.01 14.71
N THR B 655 -38.28 19.60 13.74
CA THR B 655 -38.62 19.40 12.31
C THR B 655 -38.43 17.95 11.82
N ALA B 656 -37.60 17.16 12.50
CA ALA B 656 -37.38 15.76 12.11
C ALA B 656 -38.68 14.97 12.06
N ALA B 657 -39.48 15.07 13.14
CA ALA B 657 -40.83 14.48 13.19
C ALA B 657 -41.82 15.11 12.20
N MET B 658 -41.66 16.41 11.90
CA MET B 658 -42.48 17.09 10.89
C MET B 658 -42.24 16.55 9.48
N TYR B 659 -40.98 16.45 9.08
CA TYR B 659 -40.65 15.91 7.75
C TYR B 659 -40.91 14.39 7.71
N GLY B 660 -40.69 13.75 8.85
CA GLY B 660 -41.01 12.33 9.05
C GLY B 660 -40.10 11.35 8.32
N LEU B 661 -38.95 11.82 7.86
CA LEU B 661 -38.08 10.99 7.02
C LEU B 661 -36.99 10.31 7.80
N PHE B 662 -36.45 10.98 8.82
CA PHE B 662 -35.33 10.47 9.60
C PHE B 662 -35.68 10.51 11.09
N ALA B 663 -35.13 9.58 11.87
CA ALA B 663 -35.33 9.59 13.33
C ALA B 663 -34.93 10.94 13.93
N GLY B 664 -33.82 11.51 13.46
CA GLY B 664 -33.38 12.85 13.87
C GLY B 664 -32.19 12.87 14.81
N TYR B 665 -31.73 11.68 15.20
CA TYR B 665 -30.59 11.56 16.11
C TYR B 665 -29.64 10.44 15.68
C1 NAG C . 10.16 21.24 -28.90
C2 NAG C . 8.99 22.05 -29.43
C3 NAG C . 9.44 23.51 -29.57
C4 NAG C . 9.99 24.04 -28.23
C5 NAG C . 11.07 23.12 -27.65
C6 NAG C . 11.43 23.51 -26.23
C7 NAG C . 7.17 21.20 -30.85
C8 NAG C . 6.79 20.70 -32.22
N2 NAG C . 8.45 21.54 -30.68
O3 NAG C . 8.35 24.34 -30.03
O4 NAG C . 10.36 25.43 -28.34
O5 NAG C . 10.63 21.77 -27.64
O6 NAG C . 12.77 23.09 -25.95
O7 NAG C . 6.33 21.30 -29.94
C1 NAG C . 11.59 25.73 -29.04
C2 NAG C . 11.48 27.14 -29.65
C3 NAG C . 12.80 27.54 -30.30
C4 NAG C . 13.99 27.34 -29.34
C5 NAG C . 13.96 25.92 -28.74
C6 NAG C . 15.02 25.66 -27.67
C7 NAG C . 9.17 27.73 -30.34
C8 NAG C . 8.93 28.36 -29.01
N2 NAG C . 10.37 27.17 -30.59
O3 NAG C . 12.69 28.90 -30.75
O4 NAG C . 15.24 27.47 -30.03
O5 NAG C . 12.70 25.65 -28.16
O6 NAG C . 14.94 24.28 -27.28
O7 NAG C . 8.28 27.72 -31.18
C1 BMA C . 15.87 28.75 -29.82
C2 BMA C . 17.39 28.54 -29.81
C3 BMA C . 18.15 29.89 -29.84
C4 BMA C . 17.60 30.84 -30.91
C5 BMA C . 16.08 30.97 -30.86
C6 BMA C . 15.56 31.72 -32.07
O2 BMA C . 17.77 27.74 -30.93
O3 BMA C . 19.54 29.72 -30.14
O4 BMA C . 18.22 32.11 -30.70
O5 BMA C . 15.46 29.66 -30.84
O6 BMA C . 14.15 31.53 -32.08
C1 MAN C . 13.47 32.26 -33.12
C2 MAN C . 12.05 32.57 -32.60
C3 MAN C . 11.14 31.32 -32.63
C4 MAN C . 11.22 30.58 -33.98
C5 MAN C . 12.69 30.33 -34.39
C6 MAN C . 12.91 29.56 -35.70
O2 MAN C . 11.46 33.63 -33.36
O3 MAN C . 9.76 31.67 -32.37
O4 MAN C . 10.50 29.36 -33.89
O5 MAN C . 13.44 31.58 -34.38
O6 MAN C . 12.02 29.96 -36.77
C1 MAN C . 9.36 31.46 -30.99
C2 MAN C . 7.83 31.47 -30.90
C3 MAN C . 7.31 32.91 -31.10
C4 MAN C . 7.96 33.91 -30.15
C5 MAN C . 9.49 33.80 -30.28
C6 MAN C . 10.26 34.73 -29.34
O2 MAN C . 7.40 31.01 -29.62
O3 MAN C . 5.89 32.93 -30.90
O4 MAN C . 7.51 35.23 -30.44
O5 MAN C . 9.91 32.44 -30.06
O6 MAN C . 11.61 34.83 -29.83
C1 MAN C . 20.36 29.55 -28.96
C2 MAN C . 21.75 30.17 -29.20
C3 MAN C . 22.50 29.39 -30.28
C4 MAN C . 22.52 27.86 -30.08
C5 MAN C . 21.37 27.26 -29.24
C6 MAN C . 22.02 26.52 -28.08
O2 MAN C . 22.51 30.30 -27.99
O3 MAN C . 23.85 29.87 -30.39
O4 MAN C . 22.59 27.20 -31.36
O5 MAN C . 20.40 28.15 -28.64
O6 MAN C . 22.60 27.50 -27.20
C1 NAG D . 7.46 28.49 -12.01
C2 NAG D . 7.11 29.22 -13.35
C3 NAG D . 5.74 29.86 -13.25
C4 NAG D . 4.68 28.85 -12.80
C5 NAG D . 5.15 28.21 -11.48
C6 NAG D . 4.21 27.17 -10.87
C7 NAG D . 9.05 29.99 -14.62
C8 NAG D . 10.08 31.07 -14.78
N2 NAG D . 8.14 30.20 -13.66
O3 NAG D . 5.40 30.51 -14.49
O4 NAG D . 3.43 29.57 -12.66
O5 NAG D . 6.43 27.57 -11.65
O6 NAG D . 3.97 26.13 -11.82
O7 NAG D . 9.07 28.99 -15.31
C1 NAG D . 2.33 28.90 -13.28
C2 NAG D . 1.02 29.51 -12.77
C3 NAG D . -0.17 28.96 -13.54
C4 NAG D . 0.07 28.89 -15.06
C5 NAG D . 1.41 28.21 -15.37
C6 NAG D . 1.75 28.09 -16.87
C7 NAG D . 1.28 30.12 -10.37
C8 NAG D . 0.91 29.70 -8.98
N2 NAG D . 0.80 29.32 -11.34
O3 NAG D . -1.30 29.77 -13.25
O4 NAG D . -0.95 28.06 -15.62
O5 NAG D . 2.44 28.95 -14.71
O6 NAG D . 1.66 29.39 -17.47
O7 NAG D . 1.98 31.12 -10.58
C1 BMA D . -1.95 28.80 -16.32
C2 BMA D . -2.43 27.97 -17.52
C3 BMA D . -3.65 28.62 -18.20
C4 BMA D . -4.74 29.04 -17.20
C5 BMA D . -4.12 29.84 -16.05
C6 BMA D . -5.17 30.12 -14.99
O2 BMA D . -2.79 26.67 -17.04
O3 BMA D . -4.20 27.69 -19.13
O4 BMA D . -5.75 29.83 -17.85
O5 BMA D . -3.06 29.07 -15.44
O6 BMA D . -4.52 30.83 -13.93
C1 MAN D . -4.20 28.25 -20.47
C2 MAN D . -5.06 27.35 -21.36
C3 MAN D . -4.33 26.03 -21.63
C4 MAN D . -2.92 26.26 -22.21
C5 MAN D . -2.12 27.28 -21.39
C6 MAN D . -0.88 27.74 -22.16
O2 MAN D . -5.27 28.07 -22.57
O3 MAN D . -5.11 25.22 -22.49
O4 MAN D . -2.22 25.00 -22.24
O5 MAN D . -2.90 28.45 -21.05
O6 MAN D . -0.09 28.63 -21.35
C1 MAN D . -6.65 28.07 -22.97
C2 MAN D . -6.70 28.55 -24.43
C3 MAN D . -6.46 30.06 -24.49
C4 MAN D . -7.45 30.82 -23.59
C5 MAN D . -7.44 30.26 -22.15
C6 MAN D . -8.52 30.89 -21.27
O2 MAN D . -7.96 28.25 -25.05
O3 MAN D . -6.54 30.51 -25.85
O4 MAN D . -7.12 32.22 -23.58
O5 MAN D . -7.57 28.82 -22.14
O6 MAN D . -9.65 30.04 -21.13
C1 MAN D . -8.05 26.87 -25.47
C2 MAN D . -8.03 26.77 -27.00
C3 MAN D . -9.38 27.17 -27.63
C4 MAN D . -10.60 26.64 -26.87
C5 MAN D . -10.43 26.88 -25.35
C6 MAN D . -11.62 26.48 -24.47
O2 MAN D . -7.65 25.44 -27.39
O3 MAN D . -9.41 26.76 -29.01
O4 MAN D . -11.81 27.26 -27.35
O5 MAN D . -9.22 26.22 -24.93
O6 MAN D . -11.92 25.09 -24.64
C1 MAN D . -5.46 31.12 -12.89
C2 MAN D . -4.76 31.99 -11.84
C3 MAN D . -3.79 31.16 -10.97
C4 MAN D . -4.46 29.90 -10.44
C5 MAN D . -5.03 29.10 -11.63
C6 MAN D . -5.75 27.81 -11.27
O2 MAN D . -5.75 32.61 -11.00
O3 MAN D . -3.28 31.92 -9.88
O4 MAN D . -3.50 29.13 -9.69
O5 MAN D . -5.99 29.94 -12.30
O6 MAN D . -6.95 28.22 -10.62
C1 MAN D . -7.45 27.21 -9.73
C2 MAN D . -8.87 27.60 -9.29
C3 MAN D . -8.80 28.79 -8.31
C4 MAN D . -7.81 28.53 -7.16
C5 MAN D . -6.45 28.02 -7.66
C6 MAN D . -5.51 27.59 -6.54
O2 MAN D . -9.43 26.51 -8.56
O3 MAN D . -10.10 29.08 -7.80
O4 MAN D . -7.64 29.72 -6.38
O5 MAN D . -6.63 26.93 -8.59
O6 MAN D . -6.12 26.54 -5.79
C1 MAN D . -10.27 25.62 -9.34
C2 MAN D . -11.14 24.87 -8.32
C3 MAN D . -10.33 23.78 -7.57
C4 MAN D . -9.38 22.94 -8.44
C5 MAN D . -8.65 23.79 -9.50
C6 MAN D . -7.91 22.94 -10.54
O2 MAN D . -12.30 24.35 -8.99
O3 MAN D . -11.22 22.92 -6.85
O4 MAN D . -8.40 22.30 -7.60
O5 MAN D . -9.56 24.68 -10.17
O6 MAN D . -7.08 23.80 -11.32
C1 MAN D . -1.91 32.33 -10.04
C2 MAN D . -1.39 32.85 -8.70
C3 MAN D . -2.01 34.20 -8.34
C4 MAN D . -1.84 35.22 -9.47
C5 MAN D . -2.35 34.60 -10.80
C6 MAN D . -2.10 35.48 -12.03
O2 MAN D . 0.04 32.97 -8.80
O3 MAN D . -1.43 34.66 -7.10
O4 MAN D . -2.53 36.45 -9.19
O5 MAN D . -1.73 33.33 -11.05
O6 MAN D . -2.70 34.85 -13.18
C1 NAG E . 26.36 -13.58 0.74
C2 NAG E . 26.99 -13.33 2.10
C3 NAG E . 26.83 -14.53 3.04
C4 NAG E . 25.41 -15.12 3.01
C5 NAG E . 24.89 -15.30 1.57
C6 NAG E . 23.43 -15.75 1.44
C7 NAG E . 28.89 -11.78 2.03
C8 NAG E . 30.37 -11.65 1.81
N2 NAG E . 28.41 -13.02 1.93
O3 NAG E . 27.17 -14.12 4.36
O4 NAG E . 25.44 -16.39 3.69
O5 NAG E . 25.02 -14.06 0.87
O6 NAG E . 22.57 -14.85 2.16
O7 NAG E . 28.19 -10.81 2.29
C1 NAG E . 24.53 -16.41 4.82
C2 NAG E . 24.14 -17.87 5.08
C3 NAG E . 23.17 -17.97 6.26
C4 NAG E . 23.66 -17.20 7.50
C5 NAG E . 24.19 -15.80 7.15
C6 NAG E . 24.93 -15.17 8.33
C7 NAG E . 24.20 -19.33 3.04
C8 NAG E . 25.65 -19.72 3.27
N2 NAG E . 23.58 -18.50 3.89
O3 NAG E . 23.00 -19.36 6.59
O4 NAG E . 22.59 -17.11 8.44
O5 NAG E . 25.07 -15.81 6.01
O6 NAG E . 24.82 -13.75 8.27
O7 NAG E . 23.61 -19.78 2.08
C1 NAG F . -25.69 14.21 23.12
C2 NAG F . -25.58 15.73 23.27
C3 NAG F . -26.95 16.40 23.05
C4 NAG F . -27.54 15.96 21.70
C5 NAG F . -27.51 14.43 21.52
C6 NAG F . -27.84 14.00 20.10
C7 NAG F . -23.87 16.80 24.67
C8 NAG F . -23.45 17.11 26.08
N2 NAG F . -25.02 16.12 24.55
O3 NAG F . -26.81 17.82 23.08
O4 NAG F . -28.82 16.56 21.42
O5 NAG F . -26.22 13.92 21.83
O6 NAG F . -28.46 12.72 20.14
O7 NAG F . -23.19 17.17 23.70
C1 NAG F . -29.94 16.07 22.17
C2 NAG F . -30.94 17.21 22.39
C3 NAG F . -32.21 16.68 23.06
C4 NAG F . -32.77 15.44 22.34
C5 NAG F . -31.67 14.39 22.11
C6 NAG F . -32.07 13.21 21.22
C7 NAG F . -29.84 19.42 22.57
C8 NAG F . -29.21 20.41 23.52
N2 NAG F . -30.31 18.30 23.13
O3 NAG F . -33.17 17.72 23.08
O4 NAG F . -33.81 14.84 23.10
O5 NAG F . -30.55 14.99 21.47
O6 NAG F . -30.99 12.27 21.23
O7 NAG F . -29.92 19.66 21.37
C1 BMA F . -35.12 15.18 22.62
C2 BMA F . -36.05 13.98 22.81
C3 BMA F . -37.51 14.36 22.49
C4 BMA F . -37.94 15.61 23.28
C5 BMA F . -36.97 16.76 23.05
C6 BMA F . -37.29 17.95 23.96
O2 BMA F . -35.94 13.43 24.14
O3 BMA F . -38.45 13.32 22.80
O4 BMA F . -39.25 15.98 22.85
O5 BMA F . -35.60 16.35 23.28
O6 BMA F . -36.27 18.92 23.71
C1 MAN F . -36.43 20.10 24.52
C2 MAN F . -35.61 21.22 23.86
C3 MAN F . -34.10 21.06 24.11
C4 MAN F . -33.79 20.85 25.60
C5 MAN F . -34.67 19.73 26.21
C6 MAN F . -34.46 19.51 27.73
O2 MAN F . -36.05 22.51 24.30
O3 MAN F . -33.37 22.20 23.63
O4 MAN F . -32.40 20.54 25.74
O5 MAN F . -36.07 19.92 25.92
O6 MAN F . -34.65 20.71 28.50
C1 MAN F . -32.69 21.96 22.36
C2 MAN F . -31.60 23.03 22.15
C3 MAN F . -32.21 24.40 21.81
C4 MAN F . -33.25 24.33 20.69
C5 MAN F . -34.24 23.16 20.89
C6 MAN F . -35.13 22.92 19.67
O2 MAN F . -30.69 22.61 21.12
O3 MAN F . -31.19 25.34 21.47
O4 MAN F . -33.97 25.57 20.63
O5 MAN F . -33.56 21.93 21.21
O6 MAN F . -36.35 22.34 20.13
C1 MAN F . -38.32 12.19 21.92
C2 MAN F . -39.69 11.68 21.46
C3 MAN F . -40.44 10.97 22.61
C4 MAN F . -39.56 9.95 23.36
C5 MAN F . -38.21 10.59 23.75
C6 MAN F . -37.26 9.69 24.53
O2 MAN F . -39.49 10.79 20.36
O3 MAN F . -41.63 10.36 22.08
O4 MAN F . -40.25 9.49 24.53
O5 MAN F . -37.60 11.11 22.54
O6 MAN F . -36.58 8.78 23.65
C1 NAG G . -27.01 16.27 4.67
C2 NAG G . -27.47 17.34 5.71
C3 NAG G . -26.99 18.74 5.31
C4 NAG G . -25.48 18.73 5.03
C5 NAG G . -25.19 17.64 3.97
C6 NAG G . -23.71 17.51 3.57
C7 NAG G . -29.52 16.76 6.92
C8 NAG G . -31.03 16.76 6.90
N2 NAG G . -28.92 17.31 5.86
O3 NAG G . -27.35 19.72 6.30
O4 NAG G . -25.12 20.03 4.56
O5 NAG G . -25.61 16.37 4.47
O6 NAG G . -22.96 17.09 4.73
O7 NAG G . -28.90 16.28 7.84
C1 NAG G . -23.94 20.54 5.20
C2 NAG G . -23.47 21.76 4.40
C3 NAG G . -22.32 22.47 5.12
C4 NAG G . -22.57 22.64 6.63
C5 NAG G . -23.03 21.31 7.27
C6 NAG G . -23.33 21.42 8.76
C7 NAG G . -23.76 21.29 1.98
C8 NAG G . -23.05 20.87 0.72
N2 NAG G . -23.00 21.37 3.07
O3 NAG G . -22.12 23.75 4.46
O4 NAG G . -21.35 22.99 7.27
O5 NAG G . -24.19 20.83 6.58
O6 NAG G . -24.44 22.32 8.94
O7 NAG G . -24.96 21.53 1.98
C1 BMA G . -21.27 24.38 7.61
C2 BMA G . -20.47 24.50 8.91
C3 BMA G . -20.20 25.97 9.24
C4 BMA G . -19.59 26.73 8.06
C5 BMA G . -20.46 26.53 6.83
C6 BMA G . -19.83 27.20 5.63
O2 BMA G . -19.25 23.77 8.78
O3 BMA G . -19.28 26.06 10.34
O4 BMA G . -19.48 28.12 8.38
O5 BMA G . -20.62 25.12 6.57
O6 BMA G . -20.60 26.82 4.48
C1 MAN G . -19.84 26.72 11.49
C2 MAN G . -18.70 27.00 12.48
C3 MAN G . -18.22 25.70 13.12
C4 MAN G . -19.40 24.95 13.78
C5 MAN G . -20.55 24.75 12.79
C6 MAN G . -21.77 24.13 13.47
O2 MAN G . -19.22 27.92 13.46
O3 MAN G . -17.17 25.96 14.05
O4 MAN G . -18.92 23.69 14.26
O5 MAN G . -20.90 26.00 12.15
O6 MAN G . -22.98 24.30 12.70
C1 MAN G . -18.33 29.04 13.70
C2 MAN G . -18.83 29.83 14.91
C3 MAN G . -20.09 30.63 14.55
C4 MAN G . -19.91 31.47 13.28
C5 MAN G . -19.26 30.68 12.13
C6 MAN G . -18.84 31.55 10.95
O2 MAN G . -17.76 30.70 15.35
O3 MAN G . -20.48 31.45 15.65
O4 MAN G . -21.19 31.95 12.87
O5 MAN G . -18.12 29.92 12.58
O6 MAN G . -17.48 31.98 11.07
C1 MAN G . -17.34 30.41 16.70
C2 MAN G . -16.52 31.60 17.24
C3 MAN G . -15.10 31.62 16.64
C4 MAN G . -14.40 30.25 16.60
C5 MAN G . -15.32 29.05 16.29
C6 MAN G . -14.70 27.76 16.86
O2 MAN G . -16.48 31.55 18.67
O3 MAN G . -14.27 32.55 17.34
O4 MAN G . -13.35 30.31 15.61
O5 MAN G . -16.62 29.17 16.89
O6 MAN G . -13.92 27.07 15.87
C1 MAN G . -20.04 27.41 3.31
C2 MAN G . -21.03 27.23 2.15
C3 MAN G . -21.05 25.76 1.68
C4 MAN G . -19.63 25.28 1.38
C5 MAN G . -18.79 25.42 2.67
C6 MAN G . -17.35 24.96 2.55
O2 MAN G . -20.68 28.08 1.06
O3 MAN G . -21.84 25.62 0.49
O4 MAN G . -19.69 23.93 0.90
O5 MAN G . -18.77 26.82 3.02
O6 MAN G . -16.73 25.92 1.69
C1 MAN G . -15.54 25.40 1.06
C2 MAN G . -14.78 26.56 0.38
C3 MAN G . -15.55 27.04 -0.85
C4 MAN G . -15.95 25.88 -1.79
C5 MAN G . -16.60 24.71 -1.01
C6 MAN G . -16.90 23.45 -1.85
O2 MAN G . -13.50 26.08 -0.09
O3 MAN G . -14.75 27.98 -1.58
O4 MAN G . -16.88 26.37 -2.75
O5 MAN G . -15.77 24.34 0.12
O6 MAN G . -15.70 22.93 -2.45
C1 MAN G . -12.38 26.25 0.82
C2 MAN G . -11.12 26.07 -0.02
C3 MAN G . -11.00 24.61 -0.50
C4 MAN G . -11.09 23.58 0.65
C5 MAN G . -12.29 23.90 1.56
C6 MAN G . -12.34 23.03 2.82
O2 MAN G . -9.97 26.44 0.76
O3 MAN G . -9.81 24.41 -1.30
O4 MAN G . -11.25 22.28 0.07
O5 MAN G . -12.35 25.31 1.92
O6 MAN G . -13.43 23.48 3.63
C1 MAN G . -23.07 24.91 0.70
C2 MAN G . -23.63 24.47 -0.65
C3 MAN G . -24.11 25.70 -1.44
C4 MAN G . -25.13 26.52 -0.63
C5 MAN G . -24.50 26.88 0.73
C6 MAN G . -25.44 27.65 1.64
O2 MAN G . -24.74 23.59 -0.42
O3 MAN G . -24.66 25.27 -2.69
O4 MAN G . -25.50 27.71 -1.31
O5 MAN G . -24.05 25.69 1.41
O6 MAN G . -24.73 27.97 2.84
C1 NAG H . -8.31 -27.81 6.06
C2 NAG H . -8.70 -28.37 4.69
C3 NAG H . -7.55 -29.22 4.12
C4 NAG H . -6.16 -28.57 4.29
C5 NAG H . -5.92 -27.98 5.70
C6 NAG H . -4.69 -27.08 5.78
C7 NAG H . -11.17 -28.71 4.52
C8 NAG H . -12.26 -29.70 4.82
N2 NAG H . -9.93 -29.13 4.86
O3 NAG H . -7.80 -29.44 2.73
O4 NAG H . -5.11 -29.51 4.01
O5 NAG H . -7.04 -27.19 6.09
O6 NAG H . -4.65 -26.17 4.67
O7 NAG H . -11.42 -27.63 4.03
C1 NAG H . -4.45 -29.18 2.77
C2 NAG H . -3.08 -29.87 2.69
C3 NAG H . -2.43 -29.68 1.31
C4 NAG H . -3.41 -29.94 0.14
C5 NAG H . -4.75 -29.23 0.35
C6 NAG H . -5.81 -29.65 -0.67
C7 NAG H . -1.97 -29.94 4.91
C8 NAG H . -1.00 -29.22 5.81
N2 NAG H . -2.18 -29.36 3.73
O3 NAG H . -1.31 -30.54 1.16
O4 NAG H . -2.79 -29.50 -1.08
O5 NAG H . -5.28 -29.53 1.65
O6 NAG H . -6.17 -28.52 -1.47
O7 NAG H . -2.50 -30.98 5.28
C1 GOL I . 19.08 22.83 -6.63
O1 GOL I . 18.20 22.02 -7.42
C2 GOL I . 20.03 21.96 -5.81
O2 GOL I . 21.10 22.77 -5.31
C3 GOL I . 19.32 21.35 -4.61
O3 GOL I . 18.92 22.34 -3.63
C1 NAG J . 22.55 15.26 -37.69
C2 NAG J . 23.80 15.65 -38.49
C3 NAG J . 24.34 17.01 -38.02
C4 NAG J . 23.24 18.07 -38.03
C5 NAG J . 22.01 17.54 -37.25
C6 NAG J . 20.82 18.50 -37.21
C7 NAG J . 25.31 13.94 -39.49
C8 NAG J . 24.79 14.25 -40.87
N2 NAG J . 24.82 14.62 -38.42
O3 NAG J . 25.42 17.41 -38.86
O4 NAG J . 23.73 19.27 -37.41
O5 NAG J . 21.58 16.29 -37.83
O6 NAG J . 20.05 18.20 -36.02
O7 NAG J . 26.16 13.10 -39.32
C1 NAG K . -5.29 15.80 -13.12
C2 NAG K . -5.05 15.25 -14.54
C3 NAG K . -5.59 16.20 -15.64
C4 NAG K . -7.04 16.61 -15.41
C5 NAG K . -7.40 16.84 -13.94
C6 NAG K . -8.88 16.63 -13.74
C7 NAG K . -3.27 13.65 -14.93
C8 NAG K . -1.83 13.50 -15.32
N2 NAG K . -3.69 14.92 -14.87
O3 NAG K . -5.51 15.55 -16.91
O4 NAG K . -7.31 17.79 -16.20
O5 NAG K . -6.72 15.96 -13.00
O6 NAG K . -9.31 17.52 -12.71
O7 NAG K . -3.98 12.68 -14.69
C1 NAG L . 34.47 38.00 1.09
C2 NAG L . 34.01 38.64 -0.23
C3 NAG L . 34.19 40.17 -0.19
C4 NAG L . 33.59 40.81 1.08
C5 NAG L . 33.92 40.04 2.36
C6 NAG L . 33.01 40.49 3.51
C7 NAG L . 35.86 38.21 -1.90
C8 NAG L . 35.95 38.17 -3.40
N2 NAG L . 34.63 38.00 -1.40
O3 NAG L . 33.61 40.75 -1.36
O4 NAG L . 34.05 42.16 1.16
O5 NAG L . 33.79 38.61 2.22
O6 NAG L . 33.34 39.79 4.72
O7 NAG L . 36.86 38.40 -1.21
C1 NAG M . 26.96 16.85 32.17
C2 NAG M . 27.94 15.74 31.74
C3 NAG M . 27.72 14.47 32.56
C4 NAG M . 27.62 14.76 34.07
C5 NAG M . 26.66 15.93 34.38
C6 NAG M . 26.66 16.34 35.86
C7 NAG M . 28.72 15.94 29.40
C8 NAG M . 28.45 15.61 27.96
N2 NAG M . 27.84 15.51 30.31
O3 NAG M . 28.81 13.56 32.34
O4 NAG M . 27.20 13.58 34.73
O5 NAG M . 26.98 17.08 33.59
O6 NAG M . 27.93 16.90 36.21
O7 NAG M . 29.71 16.57 29.71
C1 NAG N . 20.99 33.95 27.15
C2 NAG N . 21.86 35.04 26.49
C3 NAG N . 22.39 36.00 27.56
C4 NAG N . 21.29 36.57 28.47
C5 NAG N . 20.33 35.49 28.97
C6 NAG N . 19.06 36.12 29.52
C7 NAG N . 23.12 34.70 24.40
C8 NAG N . 24.30 34.02 23.77
N2 NAG N . 22.94 34.46 25.71
O3 NAG N . 23.08 37.08 26.91
O4 NAG N . 21.89 37.22 29.60
O5 NAG N . 19.94 34.56 27.92
O6 NAG N . 18.21 35.08 30.02
O7 NAG N . 22.38 35.41 23.74
C1 NAG O . 20.49 8.23 28.76
C2 NAG O . 20.53 9.03 30.07
C3 NAG O . 20.45 8.16 31.34
C4 NAG O . 19.66 6.86 31.20
C5 NAG O . 19.93 6.17 29.86
C6 NAG O . 19.20 4.84 29.69
C7 NAG O . 21.81 11.15 29.93
C8 NAG O . 23.19 11.75 30.00
N2 NAG O . 21.74 9.83 30.09
O3 NAG O . 19.86 8.94 32.39
O4 NAG O . 20.00 6.01 32.30
O5 NAG O . 19.60 7.10 28.79
O6 NAG O . 18.19 4.90 28.68
O7 NAG O . 20.83 11.87 29.77
C1 NAG P . 31.85 28.18 18.43
C2 NAG P . 31.51 29.26 17.39
C3 NAG P . 31.90 28.83 15.98
C4 NAG P . 33.35 28.36 15.92
C5 NAG P . 33.59 27.25 16.96
C6 NAG P . 35.03 26.75 16.98
C7 NAG P . 29.49 30.76 17.65
C8 NAG P . 30.30 32.02 17.76
N2 NAG P . 30.09 29.57 17.47
O3 NAG P . 31.71 29.91 15.06
O4 NAG P . 33.72 27.93 14.59
O5 NAG P . 33.22 27.75 18.26
O6 NAG P . 35.89 27.79 17.45
O7 NAG P . 28.26 30.82 17.70
C1 NAG Q . 45.16 -6.11 16.22
C2 NAG Q . 46.35 -5.46 16.94
C3 NAG Q . 47.58 -5.37 16.02
C4 NAG Q . 47.87 -6.72 15.34
C5 NAG Q . 46.61 -7.30 14.67
C6 NAG Q . 46.83 -8.72 14.14
C7 NAG Q . 45.84 -3.91 18.79
C8 NAG Q . 45.41 -2.51 19.16
N2 NAG Q . 45.97 -4.15 17.47
O3 NAG Q . 48.71 -4.91 16.78
O4 NAG Q . 48.88 -6.56 14.35
O5 NAG Q . 45.52 -7.34 15.60
O6 NAG Q . 46.81 -9.65 15.23
O7 NAG Q . 46.06 -4.74 19.67
C1 NAG R . 3.44 -6.68 -6.93
C2 NAG R . 3.31 -7.45 -5.61
C3 NAG R . 2.39 -6.72 -4.61
C4 NAG R . 2.79 -5.26 -4.45
C5 NAG R . 2.79 -4.59 -5.84
C6 NAG R . 3.16 -3.10 -5.81
C7 NAG R . 3.33 -9.91 -5.37
C8 NAG R . 4.57 -9.83 -4.54
N2 NAG R . 2.79 -8.79 -5.85
O3 NAG R . 2.48 -7.36 -3.34
O4 NAG R . 1.90 -4.60 -3.54
O5 NAG R . 3.71 -5.28 -6.70
O6 NAG R . 4.40 -2.87 -5.14
O7 NAG R . 2.82 -11.00 -5.61
C1 NAG S . 34.51 -26.69 -15.36
C2 NAG S . 34.16 -27.97 -14.56
C3 NAG S . 33.14 -28.83 -15.31
C4 NAG S . 31.90 -28.03 -15.74
C5 NAG S . 32.29 -26.74 -16.48
C6 NAG S . 31.08 -25.82 -16.66
C7 NAG S . 35.65 -29.22 -13.08
C8 NAG S . 36.95 -30.00 -13.01
N2 NAG S . 35.35 -28.74 -14.29
O3 NAG S . 32.74 -29.93 -14.47
O4 NAG S . 31.07 -28.85 -16.57
O5 NAG S . 33.33 -26.00 -15.81
O6 NAG S . 30.64 -25.31 -15.38
O7 NAG S . 34.95 -29.07 -12.10
C1 NAG T . 47.47 -14.69 -0.63
C2 NAG T . 48.86 -14.04 -0.59
C3 NAG T . 49.24 -13.58 0.81
C4 NAG T . 48.08 -12.88 1.58
C5 NAG T . 46.74 -13.62 1.41
C6 NAG T . 45.58 -12.79 1.94
C7 NAG T . 50.47 -14.96 -2.27
C8 NAG T . 50.17 -13.85 -3.25
N2 NAG T . 49.85 -14.99 -1.08
O3 NAG T . 50.35 -12.68 0.70
O4 NAG T . 48.43 -12.80 2.97
O5 NAG T . 46.47 -13.93 0.05
O6 NAG T . 44.53 -13.67 2.32
O7 NAG T . 51.28 -15.83 -2.54
C1 NAG U . 41.95 -0.15 -9.47
C2 NAG U . 42.94 -0.03 -10.65
C3 NAG U . 44.04 1.00 -10.41
C4 NAG U . 43.47 2.36 -9.99
C5 NAG U . 42.49 2.16 -8.81
C6 NAG U . 41.78 3.44 -8.42
C7 NAG U . 43.07 -2.09 -11.98
C8 NAG U . 43.85 -3.34 -12.27
N2 NAG U . 43.56 -1.29 -11.03
O3 NAG U . 44.78 1.15 -11.62
O4 NAG U . 44.54 3.25 -9.68
O5 NAG U . 41.48 1.17 -9.12
O6 NAG U . 41.14 3.23 -7.15
O7 NAG U . 42.03 -1.83 -12.58
C1 NAG V . 33.21 6.88 -26.50
C2 NAG V . 33.59 6.25 -27.84
C3 NAG V . 34.71 7.05 -28.51
C4 NAG V . 34.41 8.56 -28.56
C5 NAG V . 33.89 9.07 -27.20
C6 NAG V . 33.41 10.51 -27.26
C7 NAG V . 33.64 3.77 -28.37
C8 NAG V . 32.81 3.93 -29.61
N2 NAG V . 33.97 4.85 -27.63
O3 NAG V . 34.90 6.54 -29.83
O4 NAG V . 35.58 9.28 -28.93
O5 NAG V . 32.82 8.24 -26.69
O6 NAG V . 34.03 11.21 -26.18
O7 NAG V . 34.04 2.67 -28.05
C1 NAG W . 19.51 -8.76 -32.77
C2 NAG W . 19.96 -10.11 -33.37
C3 NAG W . 20.96 -9.93 -34.55
C4 NAG W . 20.64 -8.73 -35.45
C5 NAG W . 20.34 -7.47 -34.63
C6 NAG W . 19.94 -6.31 -35.52
C7 NAG W . 21.53 -10.91 -31.49
C8 NAG W . 22.52 -9.81 -31.70
N2 NAG W . 20.43 -10.98 -32.28
O3 NAG W . 21.01 -11.14 -35.33
O4 NAG W . 21.72 -8.47 -36.34
O5 NAG W . 19.26 -7.72 -33.71
O6 NAG W . 18.61 -6.52 -36.01
O7 NAG W . 21.75 -11.72 -30.61
C1 NAG X . 4.56 11.42 -26.42
C2 NAG X . 4.93 11.29 -27.92
C3 NAG X . 5.34 12.65 -28.52
C4 NAG X . 4.33 13.75 -28.20
C5 NAG X . 4.13 13.81 -26.67
C6 NAG X . 3.15 14.89 -26.22
C7 NAG X . 5.76 9.02 -28.26
C8 NAG X . 6.98 8.15 -28.39
N2 NAG X . 6.00 10.33 -28.07
O3 NAG X . 5.48 12.52 -29.94
O4 NAG X . 4.79 15.02 -28.68
O5 NAG X . 3.68 12.53 -26.19
O6 NAG X . 1.84 14.61 -26.74
O7 NAG X . 4.63 8.53 -28.30
C1 GOL Y . 7.00 1.34 6.30
O1 GOL Y . 6.38 1.52 7.58
C2 GOL Y . 6.03 1.63 5.15
O2 GOL Y . 4.68 1.70 5.61
C3 GOL Y . 6.12 0.47 4.18
O3 GOL Y . 6.52 1.03 2.96
C1 GOL Z . -30.45 2.78 2.36
O1 GOL Z . -29.34 3.08 3.21
C2 GOL Z . -30.41 1.36 1.77
O2 GOL Z . -30.28 0.37 2.81
C3 GOL Z . -29.21 1.23 0.86
O3 GOL Z . -29.53 1.69 -0.45
C1 NAG AA . -30.76 3.54 34.56
C2 NAG AA . -32.03 2.96 35.21
C3 NAG AA . -33.32 3.49 34.56
C4 NAG AA . -33.29 4.99 34.23
C5 NAG AA . -31.95 5.40 33.59
C6 NAG AA . -31.80 6.89 33.30
C7 NAG AA . -31.69 0.72 36.21
C8 NAG AA . -31.70 -0.76 35.90
N2 NAG AA . -31.98 1.51 35.16
O3 NAG AA . -34.42 3.22 35.43
O4 NAG AA . -34.38 5.29 33.34
O5 NAG AA . -30.88 4.96 34.44
O6 NAG AA . -30.88 7.05 32.21
O7 NAG AA . -31.43 1.13 37.33
C1 NAG BA . -9.54 17.59 7.62
C2 NAG BA . -9.29 17.57 9.15
C3 NAG BA . -9.73 18.84 9.90
C4 NAG BA . -9.49 20.17 9.14
C5 NAG BA . -9.88 20.04 7.66
C6 NAG BA . -9.45 21.28 6.85
C7 NAG BA . -9.30 15.33 10.18
C8 NAG BA . -10.17 14.30 10.83
N2 NAG BA . -9.94 16.43 9.78
O3 NAG BA . -9.03 18.90 11.15
O4 NAG BA . -10.18 21.25 9.79
O5 NAG BA . -9.23 18.88 7.08
O6 NAG BA . -8.02 21.31 6.73
O7 NAG BA . -8.09 15.16 10.03
C1 NAG CA . -34.75 -0.52 -33.48
C2 NAG CA . -36.22 -0.16 -33.22
C3 NAG CA . -37.01 -0.23 -34.53
C4 NAG CA . -36.37 0.65 -35.62
C5 NAG CA . -34.84 0.50 -35.72
C6 NAG CA . -34.26 1.69 -36.48
C7 NAG CA . -37.45 -0.51 -31.08
C8 NAG CA . -37.53 0.99 -30.84
N2 NAG CA . -36.84 -0.97 -32.18
O3 NAG CA . -38.36 0.19 -34.30
O4 NAG CA . -36.98 0.35 -36.88
O5 NAG CA . -34.19 0.40 -34.43
O6 NAG CA . -32.83 1.72 -36.41
O7 NAG CA . -37.94 -1.28 -30.27
C1 NAG DA . -16.81 -16.51 -27.39
C2 NAG DA . -16.92 -16.25 -28.89
C3 NAG DA . -15.95 -17.06 -29.77
C4 NAG DA . -14.56 -17.19 -29.16
C5 NAG DA . -14.83 -17.85 -27.79
C6 NAG DA . -13.62 -18.33 -27.02
C7 NAG DA . -19.20 -15.63 -29.38
C8 NAG DA . -20.58 -16.16 -29.69
N2 NAG DA . -18.26 -16.58 -29.21
O3 NAG DA . -15.90 -16.50 -31.09
O4 NAG DA . -13.61 -17.83 -30.04
O5 NAG DA . -15.52 -16.90 -26.99
O6 NAG DA . -12.87 -17.18 -26.69
O7 NAG DA . -18.98 -14.43 -29.29
C1 NAG EA . -39.93 -9.71 -21.43
C2 NAG EA . -40.60 -8.44 -20.85
C3 NAG EA . -40.74 -8.56 -19.33
C4 NAG EA . -41.47 -9.85 -18.95
C5 NAG EA . -40.71 -11.05 -19.53
C6 NAG EA . -41.36 -12.41 -19.20
C7 NAG EA . -40.44 -6.09 -21.60
C8 NAG EA . -39.49 -4.98 -21.97
N2 NAG EA . -39.87 -7.25 -21.24
O3 NAG EA . -41.46 -7.44 -18.82
O4 NAG EA . -41.64 -9.95 -17.53
O5 NAG EA . -40.59 -10.91 -20.95
O6 NAG EA . -42.72 -12.45 -19.64
O7 NAG EA . -41.65 -5.90 -21.62
C1 NAG FA . -25.39 -40.26 -7.82
C2 NAG FA . -26.61 -41.04 -8.34
C3 NAG FA . -27.64 -41.29 -7.24
C4 NAG FA . -26.99 -41.92 -6.01
C5 NAG FA . -25.77 -41.12 -5.55
C6 NAG FA . -24.99 -41.88 -4.48
C7 NAG FA . -27.01 -40.68 -10.72
C8 NAG FA . -27.69 -39.82 -11.73
N2 NAG FA . -27.20 -40.33 -9.46
O3 NAG FA . -28.67 -42.17 -7.75
O4 NAG FA . -27.94 -42.01 -4.94
O5 NAG FA . -24.86 -40.85 -6.63
O6 NAG FA . -24.14 -42.85 -5.12
O7 NAG FA . -26.32 -41.64 -11.06
C1 NAG GA . 1.61 -4.89 8.77
C2 NAG GA . 2.48 -5.61 7.71
C3 NAG GA . 2.71 -4.76 6.45
C4 NAG GA . 1.40 -4.12 5.95
C5 NAG GA . 0.73 -3.35 7.11
C6 NAG GA . -0.56 -2.61 6.74
C7 NAG GA . 4.20 -7.32 8.15
C8 NAG GA . 5.52 -7.59 8.81
N2 NAG GA . 3.74 -6.07 8.28
O3 NAG GA . 3.21 -5.64 5.44
O4 NAG GA . 1.65 -3.26 4.83
O5 NAG GA . 0.46 -4.28 8.16
O6 NAG GA . -1.55 -3.50 6.20
O7 NAG GA . 3.61 -8.21 7.53
C1 NAG HA . -6.02 -37.78 25.67
C2 NAG HA . -4.83 -38.59 25.14
C3 NAG HA . -3.53 -38.21 25.86
C4 NAG HA . -3.31 -36.70 26.07
C5 NAG HA . -4.61 -35.95 26.43
C6 NAG HA . -4.44 -34.43 26.33
C7 NAG HA . -4.82 -40.89 24.22
C8 NAG HA . -5.05 -42.34 24.54
N2 NAG HA . -5.02 -40.03 25.24
O3 NAG HA . -2.42 -38.72 25.11
O4 NAG HA . -2.35 -36.51 27.11
O5 NAG HA . -5.70 -36.38 25.60
O6 NAG HA . -4.31 -34.04 24.95
O7 NAG HA . -4.45 -40.54 23.11
C1 NAG IA . -29.76 -27.51 14.16
C2 NAG IA . -30.64 -27.89 15.36
C3 NAG IA . -32.08 -28.19 14.93
C4 NAG IA . -32.68 -27.09 14.03
C5 NAG IA . -31.70 -26.71 12.90
C6 NAG IA . -32.16 -25.49 12.11
C7 NAG IA . -29.59 -28.99 17.28
C8 NAG IA . -29.12 -30.29 17.86
N2 NAG IA . -30.12 -29.05 16.06
O3 NAG IA . -32.86 -28.36 16.12
O4 NAG IA . -33.95 -27.51 13.48
O5 NAG IA . -30.37 -26.46 13.39
O6 NAG IA . -31.46 -25.45 10.87
O7 NAG IA . -29.48 -27.96 17.92
C1 NAG JA . -31.07 -13.07 27.22
C2 NAG JA . -31.29 -13.60 28.63
C3 NAG JA . -32.76 -13.53 29.09
C4 NAG JA . -33.38 -12.15 28.81
C5 NAG JA . -33.16 -11.74 27.34
C6 NAG JA . -33.67 -10.32 27.04
C7 NAG JA . -29.79 -15.33 29.52
C8 NAG JA . -29.48 -16.79 29.53
N2 NAG JA . -30.83 -14.97 28.75
O3 NAG JA . -32.83 -13.83 30.48
O4 NAG JA . -34.79 -12.17 29.12
O5 NAG JA . -31.75 -11.80 27.02
O6 NAG JA . -32.93 -9.36 27.79
O7 NAG JA . -29.13 -14.54 30.17
C1 NAG KA . -14.52 11.25 22.62
C2 NAG KA . -14.80 11.28 24.14
C3 NAG KA . -16.07 12.06 24.48
C4 NAG KA . -16.13 13.40 23.74
C5 NAG KA . -15.93 13.18 22.24
C6 NAG KA . -16.02 14.46 21.41
C7 NAG KA . -13.80 9.32 25.23
C8 NAG KA . -13.98 7.91 25.71
N2 NAG KA . -14.86 9.92 24.66
O3 NAG KA . -16.12 12.29 25.89
O4 NAG KA . -17.41 14.01 23.97
O5 NAG KA . -14.66 12.54 22.02
O6 NAG KA . -14.89 15.29 21.69
O7 NAG KA . -12.72 9.89 25.35
C1 GOL LA . -3.57 -5.09 -3.63
O1 GOL LA . -4.58 -4.93 -2.62
C2 GOL LA . -4.08 -4.60 -4.97
O2 GOL LA . -4.99 -3.53 -4.70
C3 GOL LA . -4.87 -5.71 -5.64
O3 GOL LA . -4.77 -5.61 -7.07
#